data_4ZHT
#
_entry.id   4ZHT
#
_cell.length_a   106.041
_cell.length_b   98.102
_cell.length_c   154.722
_cell.angle_alpha   90.00
_cell.angle_beta   96.05
_cell.angle_gamma   90.00
#
_symmetry.space_group_name_H-M   'C 1 2 1'
#
loop_
_entity.id
_entity.type
_entity.pdbx_description
1 polymer 'Bifunctional UDP-N-acetylglucosamine 2-epimerase/N-acetylmannosamine kinase'
2 non-polymer "URIDINE-5'-DIPHOSPHATE"
3 non-polymer "CYTIDINE-5'-MONOPHOSPHATE-5-N-ACETYLNEURAMINIC ACID"
4 non-polymer 2-acetamido-2-deoxy-beta-D-mannopyranose
5 water water
#
_entity_poly.entity_id   1
_entity_poly.type   'polypeptide(L)'
_entity_poly.pdbx_seq_one_letter_code
;(MSE)EKNGNNRKLRVCVATCNRADYSKLAPI(MSE)FGIKTEPEFFELDVVVLGSHLIDDYGNTYR(MSE)IEQDDFDI
NTRLHTIVRGEDEAA(MSE)VESVGLALVKLPDVLNRLKPDI(MSE)IVHGDRFDALALATSAAL(MSE)NIRILHIEGG
EVSGTIDDSIRHAITKLAHYHVCCTRSAEQHLIS(MSE)CEDHDRILLAGCPSYDKLLSAKNKDY(MSE)SIIR(MSE)W
LGDDVKSKDYIVALQHPVTTDIKHSIK(MSE)FELTLDALISFNKRTLVLFPNIDAGSKE(MSE)VRV(MSE)RKKGIEH
HPNFRAVKHVPFDQFIQLVAHAGC(MSE)IGNSSCGVREVGAFGTPVINLGTRQIGRETGENVLHVRDADTQDKILQALH
LQFGKQYPCSKIYGDGNAVPRILKFLKSIDLQEPLQKKFCFPPVKENISQDIDHILEHHHHHH
;
_entity_poly.pdbx_strand_id   A,B,C,D
#
# COMPACT_ATOMS: atom_id res chain seq x y z
N ASN A 7 -10.96 5.69 -61.23
CA ASN A 7 -10.73 5.70 -59.75
C ASN A 7 -11.94 5.13 -59.05
N ARG A 8 -11.77 4.00 -58.38
CA ARG A 8 -12.80 3.45 -57.49
C ARG A 8 -12.63 4.18 -56.16
N LYS A 9 -13.67 4.88 -55.72
CA LYS A 9 -13.60 5.67 -54.49
C LYS A 9 -13.62 4.75 -53.27
N LEU A 10 -12.95 5.18 -52.21
CA LEU A 10 -12.92 4.45 -50.95
C LEU A 10 -14.20 4.75 -50.16
N ARG A 11 -14.98 3.72 -49.87
CA ARG A 11 -16.24 3.89 -49.12
C ARG A 11 -15.92 3.87 -47.64
N VAL A 12 -16.13 5.02 -46.98
CA VAL A 12 -15.79 5.19 -45.57
C VAL A 12 -17.04 5.41 -44.76
N CYS A 13 -17.21 4.59 -43.73
CA CYS A 13 -18.28 4.76 -42.79
C CYS A 13 -17.69 5.29 -41.50
N VAL A 14 -18.23 6.38 -40.99
CA VAL A 14 -17.84 6.88 -39.68
C VAL A 14 -19.06 6.78 -38.79
N ALA A 15 -18.93 6.04 -37.69
CA ALA A 15 -19.97 5.99 -36.68
C ALA A 15 -19.54 6.87 -35.53
N THR A 16 -20.48 7.69 -35.05
CA THR A 16 -20.29 8.60 -33.93
C THR A 16 -21.38 8.25 -32.90
N CYS A 17 -20.99 8.15 -31.62
CA CYS A 17 -21.92 7.78 -30.54
C CYS A 17 -22.08 8.81 -29.44
N ASN A 18 -21.13 9.73 -29.34
CA ASN A 18 -21.06 10.64 -28.20
C ASN A 18 -20.24 11.83 -28.62
N ARG A 19 -20.52 13.00 -28.04
CA ARG A 19 -19.72 14.19 -28.27
C ARG A 19 -18.22 13.92 -28.04
N ALA A 20 -17.92 12.94 -27.18
CA ALA A 20 -16.53 12.63 -26.82
C ALA A 20 -15.74 12.07 -27.98
N ASP A 21 -16.41 11.40 -28.91
CA ASP A 21 -15.75 11.02 -30.15
C ASP A 21 -15.95 12.06 -31.25
N TYR A 22 -17.08 12.75 -31.22
CA TYR A 22 -17.42 13.64 -32.28
C TYR A 22 -16.45 14.82 -32.38
N SER A 23 -15.90 15.25 -31.26
CA SER A 23 -14.91 16.33 -31.27
C SER A 23 -13.63 15.95 -32.05
N LYS A 24 -13.33 14.66 -32.10
CA LYS A 24 -12.12 14.17 -32.73
C LYS A 24 -12.39 13.49 -34.03
N LEU A 25 -13.65 13.14 -34.30
CA LEU A 25 -13.98 12.60 -35.60
C LEU A 25 -14.46 13.66 -36.58
N ALA A 26 -15.12 14.71 -36.10
CA ALA A 26 -15.67 15.71 -37.02
C ALA A 26 -14.62 16.28 -37.98
N PRO A 27 -13.41 16.61 -37.47
CA PRO A 27 -12.37 17.09 -38.37
C PRO A 27 -12.05 16.12 -39.50
N ILE A 28 -12.03 14.84 -39.19
CA ILE A 28 -11.77 13.84 -40.23
C ILE A 28 -12.94 13.75 -41.24
N PHE A 30 -14.97 16.15 -42.00
CA PHE A 30 -14.82 17.33 -42.85
C PHE A 30 -13.76 17.13 -43.93
N GLY A 31 -12.66 16.50 -43.57
CA GLY A 31 -11.58 16.25 -44.50
C GLY A 31 -12.03 15.34 -45.62
N ILE A 32 -12.67 14.25 -45.23
CA ILE A 32 -13.14 13.25 -46.19
C ILE A 32 -14.18 13.84 -47.16
N LYS A 33 -15.10 14.60 -46.61
CA LYS A 33 -16.12 15.26 -47.38
C LYS A 33 -15.57 16.31 -48.34
N THR A 34 -14.47 16.98 -47.99
CA THR A 34 -13.82 17.94 -48.91
C THR A 34 -13.10 17.30 -50.10
N GLU A 35 -12.93 15.98 -50.10
CA GLU A 35 -12.33 15.28 -51.23
C GLU A 35 -13.27 14.20 -51.78
N PRO A 36 -14.37 14.62 -52.44
CA PRO A 36 -15.29 13.66 -53.08
C PRO A 36 -14.68 12.77 -54.17
N GLU A 37 -13.51 13.14 -54.70
CA GLU A 37 -12.91 12.41 -55.81
C GLU A 37 -12.28 11.11 -55.33
N PHE A 38 -11.79 11.08 -54.09
CA PHE A 38 -11.12 9.92 -53.51
C PHE A 38 -11.96 9.15 -52.47
N PHE A 39 -13.02 9.76 -51.92
CA PHE A 39 -13.77 9.16 -50.82
C PHE A 39 -15.29 9.28 -50.98
N GLU A 40 -16.01 8.19 -50.67
CA GLU A 40 -17.45 8.24 -50.37
C GLU A 40 -17.61 8.13 -48.87
N LEU A 41 -18.46 8.98 -48.28
CA LEU A 41 -18.71 9.03 -46.82
C LEU A 41 -20.15 8.67 -46.45
N ASP A 42 -20.32 7.71 -45.54
CA ASP A 42 -21.60 7.42 -44.89
C ASP A 42 -21.48 7.62 -43.39
N VAL A 43 -22.37 8.41 -42.83
CA VAL A 43 -22.34 8.72 -41.39
C VAL A 43 -23.44 7.95 -40.64
N VAL A 44 -23.06 7.28 -39.56
CA VAL A 44 -24.00 6.57 -38.71
C VAL A 44 -24.02 7.18 -37.31
N VAL A 45 -25.21 7.54 -36.84
CA VAL A 45 -25.36 8.16 -35.52
C VAL A 45 -26.07 7.21 -34.61
N LEU A 46 -25.50 7.00 -33.44
CA LEU A 46 -26.05 6.08 -32.48
C LEU A 46 -25.69 6.50 -31.07
N GLY A 47 -26.08 5.71 -30.10
CA GLY A 47 -25.67 5.97 -28.73
C GLY A 47 -26.21 7.25 -28.13
N SER A 48 -25.35 7.93 -27.36
CA SER A 48 -25.72 9.09 -26.55
C SER A 48 -26.29 10.23 -27.34
N HIS A 49 -25.87 10.33 -28.61
CA HIS A 49 -26.31 11.40 -29.46
C HIS A 49 -27.84 11.55 -29.52
N LEU A 50 -28.58 10.45 -29.39
CA LEU A 50 -30.04 10.52 -29.50
C LEU A 50 -30.76 10.68 -28.17
N ILE A 51 -30.06 11.12 -27.12
CA ILE A 51 -30.63 11.08 -25.79
C ILE A 51 -30.68 12.49 -25.24
N ASP A 52 -31.88 12.94 -24.90
CA ASP A 52 -32.10 14.23 -24.28
C ASP A 52 -31.19 14.52 -23.06
N ASP A 53 -31.03 13.55 -22.16
CA ASP A 53 -30.14 13.76 -21.00
C ASP A 53 -28.74 14.19 -21.38
N TYR A 54 -28.25 13.69 -22.51
CA TYR A 54 -26.93 14.02 -23.00
C TYR A 54 -26.87 15.28 -23.90
N GLY A 55 -28.00 15.94 -24.13
CA GLY A 55 -28.09 17.24 -24.82
C GLY A 55 -28.51 17.21 -26.28
N ASN A 56 -29.22 16.16 -26.66
CA ASN A 56 -29.45 15.79 -28.07
C ASN A 56 -28.33 16.16 -29.02
N THR A 57 -27.13 15.64 -28.78
CA THR A 57 -25.94 16.06 -29.54
C THR A 57 -25.87 15.57 -30.98
N TYR A 58 -26.83 14.76 -31.43
CA TYR A 58 -26.99 14.55 -32.89
C TYR A 58 -27.18 15.90 -33.62
N ARG A 59 -27.73 16.89 -32.93
CA ARG A 59 -27.89 18.21 -33.51
C ARG A 59 -26.60 18.84 -33.95
N ILE A 61 -24.14 17.31 -35.17
CA ILE A 61 -23.86 16.69 -36.45
C ILE A 61 -24.71 17.33 -37.56
N GLU A 62 -25.99 17.53 -37.28
CA GLU A 62 -26.88 18.21 -38.23
C GLU A 62 -26.41 19.63 -38.53
N GLN A 63 -25.95 20.37 -37.51
CA GLN A 63 -25.47 21.75 -37.68
C GLN A 63 -24.13 21.89 -38.39
N ASP A 64 -23.37 20.80 -38.46
CA ASP A 64 -22.17 20.74 -39.29
C ASP A 64 -22.48 20.33 -40.74
N ASP A 65 -23.76 20.12 -41.05
CA ASP A 65 -24.24 19.81 -42.38
C ASP A 65 -23.87 18.45 -42.93
N PHE A 66 -23.69 17.47 -42.07
CA PHE A 66 -23.45 16.12 -42.55
C PHE A 66 -24.79 15.41 -42.78
N ASP A 67 -24.90 14.71 -43.91
CA ASP A 67 -26.07 13.88 -44.18
C ASP A 67 -25.92 12.64 -43.34
N ILE A 68 -26.84 12.48 -42.39
CA ILE A 68 -26.84 11.29 -41.57
C ILE A 68 -27.59 10.19 -42.31
N ASN A 69 -26.89 9.13 -42.69
CA ASN A 69 -27.51 8.00 -43.38
C ASN A 69 -28.47 7.26 -42.46
N THR A 70 -27.99 6.91 -41.28
CA THR A 70 -28.65 6.00 -40.37
C THR A 70 -28.58 6.47 -38.92
N ARG A 71 -29.68 6.33 -38.19
CA ARG A 71 -29.78 6.64 -36.75
C ARG A 71 -30.21 5.39 -36.03
N LEU A 72 -29.51 5.04 -34.95
CA LEU A 72 -29.82 3.85 -34.19
C LEU A 72 -29.94 4.14 -32.72
N HIS A 73 -31.10 3.83 -32.12
CA HIS A 73 -31.26 3.84 -30.67
C HIS A 73 -30.47 2.63 -30.14
N THR A 74 -29.32 2.84 -29.51
CA THR A 74 -28.52 1.72 -29.02
C THR A 74 -28.25 1.75 -27.52
N ILE A 75 -28.93 2.59 -26.78
CA ILE A 75 -28.67 2.67 -25.36
C ILE A 75 -29.82 2.11 -24.56
N VAL A 76 -29.46 1.19 -23.67
CA VAL A 76 -30.40 0.60 -22.72
C VAL A 76 -30.36 1.46 -21.48
N ARG A 77 -31.53 1.70 -20.93
CA ARG A 77 -31.74 2.66 -19.89
C ARG A 77 -31.55 1.97 -18.59
N GLY A 78 -31.13 2.72 -17.58
CA GLY A 78 -30.67 2.15 -16.34
C GLY A 78 -29.47 2.83 -15.73
N GLU A 79 -28.62 3.43 -16.56
CA GLU A 79 -27.49 4.24 -16.11
C GLU A 79 -26.66 3.51 -15.05
N ASP A 80 -26.38 2.24 -15.35
CA ASP A 80 -25.55 1.40 -14.53
C ASP A 80 -24.77 0.43 -15.41
N GLU A 81 -24.01 -0.44 -14.78
CA GLU A 81 -23.07 -1.30 -15.49
C GLU A 81 -23.79 -2.29 -16.32
N ALA A 82 -24.85 -2.90 -15.78
CA ALA A 82 -25.68 -3.80 -16.58
C ALA A 82 -26.17 -3.13 -17.86
N ALA A 83 -26.67 -1.90 -17.75
CA ALA A 83 -27.17 -1.15 -18.90
C ALA A 83 -26.10 -0.80 -19.91
N VAL A 85 -23.54 -2.66 -20.54
CA VAL A 85 -23.28 -3.90 -21.29
C VAL A 85 -24.40 -4.20 -22.30
N GLU A 86 -25.65 -3.99 -21.89
CA GLU A 86 -26.79 -4.27 -22.75
C GLU A 86 -26.82 -3.31 -23.94
N SER A 87 -26.35 -2.08 -23.72
CA SER A 87 -26.12 -1.10 -24.79
C SER A 87 -25.12 -1.55 -25.85
N VAL A 88 -24.05 -2.19 -25.42
CA VAL A 88 -23.10 -2.73 -26.39
C VAL A 88 -23.81 -3.80 -27.21
N GLY A 89 -24.57 -4.63 -26.54
CA GLY A 89 -25.28 -5.72 -27.19
C GLY A 89 -26.32 -5.23 -28.16
N LEU A 90 -26.95 -4.12 -27.82
CA LEU A 90 -28.01 -3.56 -28.64
C LEU A 90 -27.42 -3.02 -29.97
N ALA A 91 -26.25 -2.42 -29.89
CA ALA A 91 -25.55 -1.96 -31.08
C ALA A 91 -25.16 -3.16 -31.93
N LEU A 92 -24.70 -4.22 -31.29
CA LEU A 92 -24.29 -5.39 -32.04
C LEU A 92 -25.45 -6.10 -32.75
N VAL A 93 -26.67 -6.08 -32.22
CA VAL A 93 -27.79 -6.71 -32.97
C VAL A 93 -28.30 -5.83 -34.07
N LYS A 94 -28.19 -4.52 -33.88
CA LYS A 94 -28.64 -3.54 -34.87
C LYS A 94 -27.65 -3.23 -35.98
N LEU A 95 -26.34 -3.21 -35.72
CA LEU A 95 -25.36 -2.78 -36.73
C LEU A 95 -25.16 -3.67 -37.95
N PRO A 96 -25.09 -4.99 -37.78
CA PRO A 96 -24.69 -5.80 -38.96
C PRO A 96 -25.54 -5.63 -40.22
N ASP A 97 -26.85 -5.48 -40.08
CA ASP A 97 -27.69 -5.25 -41.25
C ASP A 97 -27.43 -3.85 -41.85
N VAL A 98 -27.10 -2.86 -41.03
CA VAL A 98 -26.74 -1.54 -41.55
C VAL A 98 -25.43 -1.61 -42.33
N LEU A 99 -24.45 -2.33 -41.79
CA LEU A 99 -23.17 -2.51 -42.44
C LEU A 99 -23.24 -3.32 -43.75
N ASN A 100 -24.08 -4.34 -43.81
CA ASN A 100 -24.28 -5.04 -45.06
C ASN A 100 -24.90 -4.12 -46.13
N ARG A 101 -25.79 -3.23 -45.71
CA ARG A 101 -26.43 -2.25 -46.61
C ARG A 101 -25.42 -1.19 -47.11
N LEU A 102 -24.70 -0.57 -46.18
CA LEU A 102 -23.75 0.48 -46.52
C LEU A 102 -22.48 0.00 -47.27
N LYS A 103 -22.11 -1.27 -47.11
CA LYS A 103 -20.95 -1.88 -47.76
C LYS A 103 -19.66 -1.03 -47.73
N PRO A 104 -19.21 -0.65 -46.52
CA PRO A 104 -18.00 0.15 -46.36
C PRO A 104 -16.69 -0.61 -46.60
N ASP A 105 -15.69 0.07 -47.14
CA ASP A 105 -14.36 -0.51 -47.28
C ASP A 105 -13.60 -0.40 -45.98
N ILE A 106 -13.87 0.67 -45.22
CA ILE A 106 -13.23 0.86 -43.95
C ILE A 106 -14.16 1.61 -43.03
N ILE A 108 -14.17 3.96 -39.42
CA ILE A 108 -13.39 4.73 -38.47
C ILE A 108 -14.04 4.62 -37.10
N VAL A 109 -13.23 4.19 -36.15
CA VAL A 109 -13.66 4.05 -34.77
C VAL A 109 -12.72 4.88 -33.90
N HIS A 110 -13.29 5.63 -32.97
CA HIS A 110 -12.51 6.42 -32.05
C HIS A 110 -12.63 5.93 -30.60
N GLY A 111 -11.47 5.90 -29.91
CA GLY A 111 -11.42 5.98 -28.47
C GLY A 111 -11.53 4.69 -27.69
N ASP A 112 -12.17 4.81 -26.53
CA ASP A 112 -12.09 3.81 -25.45
C ASP A 112 -13.42 3.49 -24.75
N ARG A 113 -14.52 3.99 -25.28
CA ARG A 113 -15.82 3.78 -24.68
C ARG A 113 -16.48 2.47 -25.14
N PHE A 114 -17.41 1.97 -24.31
CA PHE A 114 -18.13 0.71 -24.56
C PHE A 114 -18.68 0.65 -25.98
N ASP A 115 -19.24 1.77 -26.44
CA ASP A 115 -19.78 1.92 -27.80
C ASP A 115 -18.76 1.61 -28.89
N ALA A 116 -17.51 2.06 -28.74
CA ALA A 116 -16.45 1.81 -29.74
C ALA A 116 -16.05 0.35 -29.83
N LEU A 117 -16.20 -0.37 -28.73
CA LEU A 117 -15.93 -1.79 -28.72
C LEU A 117 -17.00 -2.56 -29.51
N ALA A 118 -18.23 -2.08 -29.47
CA ALA A 118 -19.30 -2.66 -30.30
C ALA A 118 -19.01 -2.48 -31.77
N LEU A 119 -18.61 -1.26 -32.12
CA LEU A 119 -18.29 -0.94 -33.51
C LEU A 119 -17.10 -1.76 -34.01
N ALA A 120 -16.01 -1.80 -33.23
CA ALA A 120 -14.86 -2.57 -33.61
C ALA A 120 -15.19 -4.04 -33.77
N THR A 121 -15.99 -4.56 -32.86
CA THR A 121 -16.33 -5.97 -32.86
C THR A 121 -17.08 -6.33 -34.11
N SER A 122 -18.07 -5.51 -34.42
CA SER A 122 -18.95 -5.80 -35.55
C SER A 122 -18.18 -5.72 -36.85
N ALA A 123 -17.35 -4.69 -37.01
CA ALA A 123 -16.49 -4.57 -38.21
C ALA A 123 -15.50 -5.73 -38.38
N ALA A 124 -14.79 -6.07 -37.30
CA ALA A 124 -13.79 -7.13 -37.32
C ALA A 124 -14.38 -8.47 -37.66
N LEU A 125 -15.51 -8.81 -37.06
CA LEU A 125 -16.14 -10.11 -37.33
C LEU A 125 -16.81 -10.20 -38.69
N ASN A 127 -15.31 -8.81 -41.38
CA ASN A 127 -14.24 -8.51 -42.32
C ASN A 127 -14.26 -7.13 -42.95
N ILE A 128 -14.70 -6.13 -42.19
CA ILE A 128 -14.61 -4.76 -42.61
C ILE A 128 -13.37 -4.18 -41.91
N ARG A 129 -12.52 -3.50 -42.68
CA ARG A 129 -11.33 -2.85 -42.13
C ARG A 129 -11.66 -1.75 -41.14
N ILE A 130 -10.79 -1.55 -40.16
CA ILE A 130 -11.00 -0.63 -39.05
C ILE A 130 -9.79 0.29 -38.92
N LEU A 131 -10.08 1.58 -38.88
CA LEU A 131 -9.10 2.59 -38.51
C LEU A 131 -9.46 3.03 -37.12
N HIS A 132 -8.59 2.71 -36.17
CA HIS A 132 -8.79 3.08 -34.80
C HIS A 132 -8.01 4.33 -34.42
N ILE A 133 -8.73 5.36 -33.98
CA ILE A 133 -8.15 6.65 -33.58
C ILE A 133 -7.95 6.69 -32.08
N GLU A 134 -6.80 7.20 -31.66
CA GLU A 134 -6.46 7.45 -30.25
C GLU A 134 -6.13 6.17 -29.50
N GLY A 135 -5.35 5.33 -30.16
CA GLY A 135 -5.08 3.98 -29.72
C GLY A 135 -4.10 3.75 -28.57
N GLY A 136 -2.97 4.41 -28.53
CA GLY A 136 -1.90 3.92 -27.61
C GLY A 136 -1.80 4.51 -26.21
N GLU A 137 -2.87 5.14 -25.72
CA GLU A 137 -2.80 5.95 -24.54
C GLU A 137 -3.16 5.19 -23.28
N VAL A 138 -2.96 5.84 -22.13
CA VAL A 138 -3.15 5.25 -20.81
C VAL A 138 -3.99 6.18 -19.96
N SER A 139 -5.07 5.68 -19.36
CA SER A 139 -5.92 6.50 -18.49
C SER A 139 -6.27 5.88 -17.13
N GLY A 140 -5.73 4.71 -16.81
CA GLY A 140 -5.93 4.07 -15.51
C GLY A 140 -7.36 3.81 -15.04
N THR A 141 -8.28 3.46 -15.93
CA THR A 141 -9.55 2.87 -15.53
C THR A 141 -9.80 1.63 -16.37
N ILE A 142 -10.98 1.04 -16.22
CA ILE A 142 -11.47 0.03 -17.16
C ILE A 142 -11.26 0.43 -18.64
N ASP A 143 -11.25 1.73 -18.94
CA ASP A 143 -11.06 2.23 -20.31
C ASP A 143 -9.74 1.77 -20.97
N ASP A 144 -8.66 1.64 -20.19
CA ASP A 144 -7.43 1.00 -20.67
C ASP A 144 -7.75 -0.36 -21.30
N SER A 145 -8.47 -1.20 -20.57
CA SER A 145 -8.83 -2.53 -21.06
C SER A 145 -9.56 -2.43 -22.41
N ILE A 146 -10.54 -1.54 -22.49
CA ILE A 146 -11.38 -1.41 -23.65
C ILE A 146 -10.54 -0.90 -24.79
N ARG A 147 -9.76 0.14 -24.52
CA ARG A 147 -8.96 0.75 -25.56
C ARG A 147 -8.05 -0.27 -26.18
N HIS A 148 -7.35 -1.03 -25.36
CA HIS A 148 -6.39 -2.00 -25.86
C HIS A 148 -7.05 -3.22 -26.51
N ALA A 149 -8.30 -3.53 -26.16
CA ALA A 149 -9.01 -4.62 -26.82
C ALA A 149 -9.41 -4.16 -28.23
N ILE A 150 -9.87 -2.92 -28.35
CA ILE A 150 -10.15 -2.34 -29.66
C ILE A 150 -8.91 -2.32 -30.57
N THR A 151 -7.76 -1.96 -30.01
CA THR A 151 -6.48 -1.98 -30.73
C THR A 151 -6.27 -3.36 -31.39
N LYS A 152 -6.57 -4.42 -30.63
CA LYS A 152 -6.31 -5.78 -31.12
C LYS A 152 -7.22 -6.19 -32.24
N LEU A 153 -8.42 -5.64 -32.26
CA LEU A 153 -9.39 -5.91 -33.32
C LEU A 153 -9.04 -5.13 -34.56
N ALA A 154 -8.56 -3.91 -34.34
CA ALA A 154 -8.36 -2.95 -35.41
C ALA A 154 -7.15 -3.24 -36.29
N HIS A 155 -7.35 -2.99 -37.57
CA HIS A 155 -6.39 -3.33 -38.60
C HIS A 155 -5.41 -2.18 -38.83
N TYR A 156 -5.87 -0.94 -38.64
CA TYR A 156 -5.08 0.25 -38.84
C TYR A 156 -5.25 1.17 -37.64
N HIS A 157 -4.16 1.83 -37.28
CA HIS A 157 -4.07 2.57 -36.04
C HIS A 157 -3.58 3.97 -36.30
N VAL A 158 -4.25 4.95 -35.71
CA VAL A 158 -3.84 6.32 -35.77
C VAL A 158 -3.63 6.82 -34.32
N CYS A 159 -2.37 7.03 -33.92
CA CYS A 159 -2.09 7.52 -32.57
C CYS A 159 -1.63 9.01 -32.58
N CYS A 160 -1.69 9.61 -31.39
CA CYS A 160 -1.57 11.05 -31.22
C CYS A 160 -0.24 11.51 -30.65
N THR A 161 0.58 10.58 -30.13
CA THR A 161 1.87 10.90 -29.51
C THR A 161 2.90 9.80 -29.84
N ARG A 162 4.17 10.09 -29.60
CA ARG A 162 5.22 9.11 -29.83
C ARG A 162 5.14 7.98 -28.80
N SER A 163 4.79 8.32 -27.57
CA SER A 163 4.66 7.33 -26.51
C SER A 163 3.47 6.36 -26.74
N ALA A 164 2.36 6.89 -27.26
CA ALA A 164 1.26 6.05 -27.73
C ALA A 164 1.68 5.09 -28.87
N GLU A 165 2.50 5.59 -29.80
CA GLU A 165 3.01 4.77 -30.88
C GLU A 165 3.85 3.62 -30.32
N GLN A 166 4.70 3.92 -29.36
CA GLN A 166 5.56 2.89 -28.77
C GLN A 166 4.73 1.86 -28.00
N HIS A 167 3.69 2.33 -27.32
CA HIS A 167 2.81 1.39 -26.61
C HIS A 167 2.15 0.41 -27.55
N LEU A 168 1.64 0.88 -28.70
CA LEU A 168 1.08 0.00 -29.71
C LEU A 168 2.12 -1.01 -30.22
N ILE A 169 3.35 -0.54 -30.47
CA ILE A 169 4.40 -1.45 -30.92
C ILE A 169 4.76 -2.43 -29.82
N SER A 170 4.83 -1.98 -28.56
CA SER A 170 5.07 -2.89 -27.42
C SER A 170 3.95 -3.91 -27.26
N CYS A 172 2.65 -5.43 -29.49
CA CYS A 172 2.81 -6.31 -30.66
C CYS A 172 1.99 -5.95 -31.90
N GLU A 173 1.71 -4.67 -32.10
CA GLU A 173 1.08 -4.24 -33.36
C GLU A 173 2.12 -4.00 -34.44
N ASP A 174 1.70 -4.18 -35.68
CA ASP A 174 2.54 -4.04 -36.86
C ASP A 174 2.80 -2.57 -37.08
N HIS A 175 4.07 -2.17 -37.03
CA HIS A 175 4.42 -0.77 -37.18
C HIS A 175 4.01 -0.17 -38.54
N ASP A 176 4.01 -1.01 -39.59
CA ASP A 176 3.48 -0.63 -40.92
C ASP A 176 2.02 -0.15 -40.92
N ARG A 177 1.23 -0.59 -39.95
CA ARG A 177 -0.17 -0.22 -39.87
C ARG A 177 -0.45 0.83 -38.79
N ILE A 178 0.59 1.52 -38.34
CA ILE A 178 0.47 2.61 -37.38
C ILE A 178 0.85 3.92 -38.09
N LEU A 179 0.03 4.95 -37.89
CA LEU A 179 0.31 6.31 -38.33
C LEU A 179 0.34 7.22 -37.11
N LEU A 180 1.42 7.96 -36.92
CA LEU A 180 1.51 8.95 -35.84
C LEU A 180 1.09 10.29 -36.44
N ALA A 181 -0.14 10.69 -36.19
CA ALA A 181 -0.74 11.87 -36.85
C ALA A 181 -0.91 13.09 -35.93
N GLY A 182 -1.02 12.84 -34.64
CA GLY A 182 -1.60 13.82 -33.72
C GLY A 182 -3.10 13.58 -33.57
N CYS A 183 -3.65 14.13 -32.49
CA CYS A 183 -5.09 14.14 -32.25
C CYS A 183 -5.73 15.12 -33.23
N PRO A 184 -6.84 14.72 -33.88
CA PRO A 184 -7.54 15.67 -34.73
C PRO A 184 -8.12 16.90 -34.02
N SER A 185 -8.42 16.80 -32.73
CA SER A 185 -8.90 17.96 -31.95
C SER A 185 -7.96 19.17 -32.06
N TYR A 186 -6.66 18.88 -32.19
CA TYR A 186 -5.63 19.90 -32.33
C TYR A 186 -5.72 20.65 -33.64
N ASP A 187 -6.23 20.00 -34.68
CA ASP A 187 -6.56 20.71 -35.93
C ASP A 187 -7.47 21.92 -35.65
N LYS A 188 -8.42 21.74 -34.76
CA LYS A 188 -9.32 22.82 -34.36
C LYS A 188 -8.76 23.74 -33.29
N LEU A 189 -8.04 23.19 -32.31
CA LEU A 189 -7.43 23.98 -31.22
C LEU A 189 -6.39 24.97 -31.74
N LEU A 190 -5.47 24.48 -32.57
CA LEU A 190 -4.37 25.32 -33.10
C LEU A 190 -4.78 26.19 -34.30
N SER A 191 -6.00 25.97 -34.81
CA SER A 191 -6.64 26.87 -35.80
C SER A 191 -7.76 27.71 -35.18
N ALA A 192 -7.78 27.85 -33.85
CA ALA A 192 -8.94 28.43 -33.16
C ALA A 192 -8.88 29.95 -33.25
N LYS A 193 -9.38 30.50 -34.35
CA LYS A 193 -9.54 31.97 -34.46
C LYS A 193 -10.48 32.64 -33.43
N ASN A 194 -9.92 32.93 -32.26
CA ASN A 194 -10.64 33.54 -31.10
C ASN A 194 -11.46 34.74 -31.58
N LYS A 195 -12.75 34.46 -31.76
CA LYS A 195 -13.70 35.50 -32.14
C LYS A 195 -13.93 36.38 -30.94
N ASP A 196 -15.08 37.05 -30.87
CA ASP A 196 -15.59 37.55 -29.61
C ASP A 196 -15.72 36.40 -28.60
N TYR A 197 -14.61 36.08 -27.94
CA TYR A 197 -14.57 35.07 -26.89
C TYR A 197 -15.28 35.56 -25.62
N SER A 199 -18.10 37.33 -25.56
CA SER A 199 -19.53 37.13 -25.69
C SER A 199 -19.92 35.65 -25.61
N ILE A 200 -18.94 34.75 -25.81
CA ILE A 200 -19.10 33.33 -25.50
C ILE A 200 -18.98 33.08 -24.00
N ILE A 201 -18.05 33.75 -23.32
CA ILE A 201 -18.00 33.69 -21.86
C ILE A 201 -19.32 34.20 -21.25
N ARG A 202 -19.85 35.29 -21.78
CA ARG A 202 -21.10 35.85 -21.28
C ARG A 202 -22.35 34.99 -21.50
N TRP A 204 -22.43 31.66 -21.68
CA TRP A 204 -22.39 30.42 -20.90
C TRP A 204 -22.16 30.58 -19.41
N LEU A 205 -21.56 31.70 -18.98
CA LEU A 205 -21.27 31.91 -17.53
C LEU A 205 -22.00 33.05 -16.87
N GLY A 206 -22.40 34.05 -17.65
CA GLY A 206 -23.19 35.18 -17.13
C GLY A 206 -22.58 36.49 -17.55
N ASP A 207 -23.36 37.55 -17.44
CA ASP A 207 -23.00 38.84 -18.03
C ASP A 207 -21.78 39.55 -17.44
N ASP A 208 -21.53 39.28 -16.16
CA ASP A 208 -20.56 40.05 -15.38
C ASP A 208 -19.24 39.31 -15.15
N VAL A 209 -18.98 38.26 -15.95
CA VAL A 209 -17.83 37.39 -15.80
C VAL A 209 -16.67 37.89 -16.67
N LYS A 210 -15.47 37.90 -16.11
CA LYS A 210 -14.27 38.34 -16.80
C LYS A 210 -13.38 37.19 -17.16
N SER A 211 -12.67 37.31 -18.28
CA SER A 211 -11.67 36.33 -18.69
C SER A 211 -10.79 35.92 -17.52
N LYS A 212 -10.46 34.63 -17.47
CA LYS A 212 -9.59 34.06 -16.43
C LYS A 212 -10.13 34.16 -15.01
N ASP A 213 -11.40 34.51 -14.84
CA ASP A 213 -12.02 34.62 -13.52
C ASP A 213 -13.17 33.60 -13.28
N TYR A 214 -13.17 32.49 -14.04
CA TYR A 214 -14.19 31.47 -13.91
C TYR A 214 -13.61 30.05 -13.94
N ILE A 215 -14.42 29.09 -13.52
CA ILE A 215 -14.00 27.70 -13.48
C ILE A 215 -14.90 26.86 -14.38
N VAL A 216 -14.30 25.90 -15.08
CA VAL A 216 -15.02 24.90 -15.85
C VAL A 216 -14.87 23.60 -15.08
N ALA A 217 -15.98 23.04 -14.58
CA ALA A 217 -15.96 21.80 -13.79
C ALA A 217 -16.59 20.66 -14.56
N LEU A 218 -15.81 19.62 -14.82
CA LEU A 218 -16.26 18.48 -15.60
C LEU A 218 -15.69 17.22 -14.99
N GLN A 219 -16.54 16.50 -14.26
CA GLN A 219 -16.14 15.31 -13.53
C GLN A 219 -17.06 14.14 -13.90
N HIS A 220 -16.45 13.00 -14.22
CA HIS A 220 -17.15 11.83 -14.62
C HIS A 220 -17.02 10.76 -13.57
N PRO A 221 -18.05 9.90 -13.46
CA PRO A 221 -17.95 8.79 -12.53
C PRO A 221 -16.97 7.77 -13.08
N VAL A 222 -16.32 7.05 -12.17
CA VAL A 222 -15.49 5.89 -12.50
C VAL A 222 -16.35 4.68 -12.16
N THR A 223 -16.54 3.79 -13.13
CA THR A 223 -17.59 2.75 -13.07
C THR A 223 -17.23 1.67 -12.04
N THR A 224 -15.92 1.50 -11.83
CA THR A 224 -15.35 0.52 -10.91
C THR A 224 -15.68 0.85 -9.46
N ASP A 225 -15.81 2.14 -9.13
CA ASP A 225 -16.06 2.59 -7.74
C ASP A 225 -17.03 3.78 -7.72
N ILE A 226 -18.30 3.51 -7.95
CA ILE A 226 -19.33 4.55 -7.94
C ILE A 226 -19.47 5.22 -6.59
N LYS A 227 -19.50 4.47 -5.48
CA LYS A 227 -19.69 5.17 -4.17
C LYS A 227 -18.56 6.17 -3.87
N HIS A 228 -17.35 5.89 -4.35
CA HIS A 228 -16.22 6.83 -4.19
C HIS A 228 -16.36 8.02 -5.17
N SER A 229 -16.78 7.75 -6.39
CA SER A 229 -17.09 8.82 -7.33
C SER A 229 -18.10 9.82 -6.77
N ILE A 230 -19.12 9.31 -6.07
CA ILE A 230 -20.16 10.14 -5.43
C ILE A 230 -19.54 11.03 -4.38
N LYS A 231 -18.75 10.42 -3.50
CA LYS A 231 -18.18 11.12 -2.35
C LYS A 231 -17.24 12.21 -2.82
N PHE A 233 -17.22 13.77 -5.68
CA PHE A 233 -17.97 14.82 -6.36
C PHE A 233 -18.66 15.75 -5.35
N GLU A 234 -19.23 15.19 -4.28
CA GLU A 234 -19.78 15.99 -3.17
C GLU A 234 -18.73 16.96 -2.63
N LEU A 235 -17.54 16.45 -2.34
CA LEU A 235 -16.49 17.27 -1.77
C LEU A 235 -16.02 18.31 -2.79
N THR A 236 -15.93 17.90 -4.04
CA THR A 236 -15.57 18.84 -5.10
C THR A 236 -16.54 20.00 -5.19
N LEU A 237 -17.84 19.72 -5.12
CA LEU A 237 -18.82 20.79 -5.18
C LEU A 237 -18.74 21.67 -3.94
N ASP A 238 -18.65 21.05 -2.76
CA ASP A 238 -18.45 21.82 -1.53
C ASP A 238 -17.28 22.81 -1.63
N ALA A 239 -16.16 22.36 -2.18
CA ALA A 239 -14.99 23.23 -2.43
C ALA A 239 -15.34 24.38 -3.38
N LEU A 240 -16.01 24.04 -4.48
CA LEU A 240 -16.39 25.05 -5.46
C LEU A 240 -17.36 26.07 -4.86
N ILE A 241 -18.26 25.63 -3.97
CA ILE A 241 -19.17 26.52 -3.29
C ILE A 241 -18.39 27.46 -2.36
N SER A 242 -17.45 26.92 -1.60
CA SER A 242 -16.62 27.75 -0.71
C SER A 242 -15.71 28.71 -1.48
N PHE A 243 -15.06 28.20 -2.53
CA PHE A 243 -14.14 29.02 -3.32
C PHE A 243 -14.89 30.17 -4.01
N ASN A 244 -16.15 29.90 -4.34
CA ASN A 244 -17.15 30.91 -4.72
C ASN A 244 -16.75 31.85 -5.85
N LYS A 245 -16.28 31.25 -6.93
CA LYS A 245 -16.06 31.95 -8.19
C LYS A 245 -16.87 31.26 -9.26
N ARG A 246 -17.34 32.02 -10.26
CA ARG A 246 -18.32 31.53 -11.22
C ARG A 246 -17.89 30.24 -11.89
N THR A 247 -18.76 29.23 -11.86
CA THR A 247 -18.40 27.87 -12.23
C THR A 247 -19.41 27.23 -13.20
N LEU A 248 -18.93 26.87 -14.39
CA LEU A 248 -19.70 26.08 -15.34
C LEU A 248 -19.53 24.64 -14.95
N VAL A 249 -20.63 24.01 -14.52
CA VAL A 249 -20.64 22.58 -14.20
C VAL A 249 -21.30 21.80 -15.34
N LEU A 250 -20.49 21.01 -16.06
CA LEU A 250 -20.98 20.11 -17.09
C LEU A 250 -21.51 18.85 -16.41
N PHE A 251 -22.67 18.35 -16.84
CA PHE A 251 -23.19 17.10 -16.30
C PHE A 251 -22.22 15.96 -16.62
N PRO A 252 -22.21 14.89 -15.82
CA PRO A 252 -21.38 13.78 -16.18
C PRO A 252 -21.72 13.11 -17.51
N ASN A 253 -20.72 12.53 -18.13
CA ASN A 253 -20.75 11.94 -19.44
C ASN A 253 -20.04 10.57 -19.48
N ILE A 254 -20.14 9.83 -18.37
CA ILE A 254 -19.99 8.38 -18.39
C ILE A 254 -21.30 7.89 -17.84
N ASP A 255 -21.90 6.92 -18.51
CA ASP A 255 -23.28 6.52 -18.22
C ASP A 255 -23.47 5.86 -16.84
N ALA A 256 -22.61 4.90 -16.50
CA ALA A 256 -22.78 4.13 -15.28
C ALA A 256 -22.46 4.99 -14.09
N GLY A 257 -23.44 5.19 -13.21
CA GLY A 257 -23.33 6.08 -12.08
C GLY A 257 -23.83 7.49 -12.36
N SER A 258 -24.23 7.80 -13.61
CA SER A 258 -24.51 9.19 -13.99
C SER A 258 -25.63 9.85 -13.24
N LYS A 259 -26.71 9.12 -12.99
CA LYS A 259 -27.88 9.69 -12.31
C LYS A 259 -27.61 9.96 -10.86
N GLU A 260 -26.75 9.16 -10.24
CA GLU A 260 -26.33 9.39 -8.84
C GLU A 260 -25.44 10.61 -8.69
N VAL A 262 -25.68 13.23 -10.95
CA VAL A 262 -26.67 14.29 -11.16
C VAL A 262 -27.46 14.57 -9.88
N ARG A 263 -27.79 13.54 -9.12
CA ARG A 263 -28.49 13.72 -7.86
C ARG A 263 -27.66 14.52 -6.85
N VAL A 264 -26.36 14.26 -6.81
CA VAL A 264 -25.44 15.04 -5.97
C VAL A 264 -25.60 16.54 -6.26
N ARG A 266 -28.11 18.08 -7.77
CA ARG A 266 -29.46 18.48 -7.41
C ARG A 266 -29.57 18.79 -5.92
N LYS A 267 -29.10 17.88 -5.06
CA LYS A 267 -29.22 18.06 -3.60
C LYS A 267 -28.31 19.14 -3.01
N LYS A 268 -27.26 19.54 -3.73
CA LYS A 268 -26.42 20.68 -3.32
C LYS A 268 -26.99 22.03 -3.81
N GLY A 269 -28.08 22.01 -4.57
CA GLY A 269 -28.66 23.23 -5.09
C GLY A 269 -27.86 23.90 -6.20
N ILE A 270 -26.92 23.18 -6.80
CA ILE A 270 -26.06 23.67 -7.88
C ILE A 270 -26.90 24.14 -9.08
N GLU A 271 -28.01 23.48 -9.35
CA GLU A 271 -28.84 23.84 -10.50
C GLU A 271 -29.51 25.21 -10.34
N HIS A 272 -29.70 25.66 -9.10
CA HIS A 272 -30.34 26.95 -8.84
C HIS A 272 -29.49 27.83 -7.90
N HIS A 273 -28.26 28.10 -8.32
CA HIS A 273 -27.27 28.85 -7.53
C HIS A 273 -26.68 29.96 -8.41
N PRO A 274 -26.57 31.19 -7.88
CA PRO A 274 -26.01 32.33 -8.66
C PRO A 274 -24.60 32.11 -9.24
N ASN A 275 -23.80 31.38 -8.48
CA ASN A 275 -22.41 31.07 -8.79
C ASN A 275 -22.20 29.92 -9.79
N PHE A 276 -23.25 29.14 -10.08
CA PHE A 276 -23.10 27.97 -10.93
C PHE A 276 -23.98 28.02 -12.16
N ARG A 277 -23.51 27.40 -13.24
CA ARG A 277 -24.34 27.16 -14.45
C ARG A 277 -24.21 25.70 -14.80
N ALA A 278 -25.31 24.97 -14.71
CA ALA A 278 -25.36 23.52 -15.02
C ALA A 278 -25.77 23.30 -16.48
N VAL A 279 -24.92 22.64 -17.25
CA VAL A 279 -25.16 22.45 -18.68
C VAL A 279 -24.81 21.03 -19.10
N LYS A 280 -25.43 20.55 -20.17
CA LYS A 280 -25.16 19.21 -20.69
C LYS A 280 -24.04 19.26 -21.71
N HIS A 281 -24.16 20.15 -22.67
CA HIS A 281 -23.16 20.24 -23.72
C HIS A 281 -23.01 21.64 -24.25
N VAL A 282 -21.77 22.09 -24.32
CA VAL A 282 -21.36 23.33 -25.00
C VAL A 282 -20.78 22.94 -26.34
N PRO A 283 -21.27 23.55 -27.42
CA PRO A 283 -20.68 23.28 -28.73
C PRO A 283 -19.14 23.43 -28.76
N PHE A 284 -18.49 22.45 -29.37
CA PHE A 284 -17.05 22.27 -29.29
C PHE A 284 -16.26 23.56 -29.56
N ASP A 285 -16.62 24.26 -30.64
CA ASP A 285 -15.95 25.53 -30.97
C ASP A 285 -16.11 26.56 -29.87
N GLN A 286 -17.27 26.61 -29.23
CA GLN A 286 -17.51 27.53 -28.12
C GLN A 286 -16.82 27.04 -26.87
N PHE A 287 -16.76 25.73 -26.70
CA PHE A 287 -16.14 25.13 -25.54
C PHE A 287 -14.63 25.39 -25.50
N ILE A 288 -14.00 25.36 -26.65
CA ILE A 288 -12.57 25.63 -26.76
C ILE A 288 -12.27 27.03 -26.23
N GLN A 289 -13.07 28.01 -26.65
CA GLN A 289 -12.94 29.37 -26.14
C GLN A 289 -13.16 29.45 -24.64
N LEU A 290 -14.12 28.72 -24.11
CA LEU A 290 -14.34 28.70 -22.66
C LEU A 290 -13.11 28.19 -21.88
N VAL A 291 -12.62 27.02 -22.24
CA VAL A 291 -11.49 26.42 -21.53
C VAL A 291 -10.20 27.18 -21.77
N ALA A 292 -10.05 27.78 -22.95
CA ALA A 292 -8.84 28.56 -23.27
C ALA A 292 -8.66 29.81 -22.38
N HIS A 293 -9.77 30.35 -21.87
CA HIS A 293 -9.78 31.57 -21.07
C HIS A 293 -10.22 31.34 -19.63
N ALA A 294 -10.31 30.07 -19.22
CA ALA A 294 -10.75 29.73 -17.89
C ALA A 294 -9.67 30.05 -16.85
N GLY A 295 -10.12 30.33 -15.64
CA GLY A 295 -9.24 30.56 -14.50
C GLY A 295 -8.56 29.26 -14.12
N CYS A 296 -9.37 28.23 -14.02
CA CYS A 296 -8.85 26.88 -14.11
C CYS A 296 -9.97 25.93 -14.49
N ILE A 298 -11.36 21.95 -13.58
CA ILE A 298 -11.30 20.93 -12.51
C ILE A 298 -12.14 19.69 -12.84
N GLY A 299 -11.61 18.51 -12.51
CA GLY A 299 -12.38 17.28 -12.59
C GLY A 299 -11.52 16.16 -13.12
N ASN A 300 -12.01 15.42 -14.10
CA ASN A 300 -11.22 14.33 -14.67
C ASN A 300 -11.42 14.10 -16.17
N SER A 301 -11.80 15.16 -16.88
CA SER A 301 -11.95 15.08 -18.31
C SER A 301 -10.62 14.77 -18.96
N SER A 302 -10.68 14.14 -20.12
CA SER A 302 -9.49 14.00 -20.97
C SER A 302 -9.03 15.36 -21.54
N CYS A 303 -9.98 16.29 -21.70
CA CYS A 303 -9.69 17.63 -22.14
C CYS A 303 -8.66 18.28 -21.23
N GLY A 304 -8.84 18.10 -19.92
CA GLY A 304 -7.92 18.68 -18.93
C GLY A 304 -6.49 18.23 -19.11
N VAL A 305 -6.30 16.95 -19.36
CA VAL A 305 -4.96 16.41 -19.50
C VAL A 305 -4.43 16.37 -20.93
N ARG A 306 -5.28 16.48 -21.95
CA ARG A 306 -4.84 16.39 -23.35
C ARG A 306 -4.94 17.67 -24.17
N GLU A 307 -6.01 18.46 -23.95
CA GLU A 307 -6.33 19.56 -24.85
C GLU A 307 -5.91 20.91 -24.29
N VAL A 308 -6.42 21.29 -23.12
CA VAL A 308 -6.20 22.64 -22.58
C VAL A 308 -4.76 23.12 -22.37
N GLY A 309 -3.82 22.18 -22.29
CA GLY A 309 -2.40 22.53 -22.26
C GLY A 309 -2.02 23.51 -23.37
N ALA A 310 -2.66 23.35 -24.54
CA ALA A 310 -2.49 24.25 -25.70
C ALA A 310 -2.69 25.72 -25.39
N PHE A 311 -3.52 26.04 -24.39
CA PHE A 311 -3.72 27.42 -23.95
C PHE A 311 -3.06 27.77 -22.62
N GLY A 312 -2.42 26.80 -21.98
CA GLY A 312 -1.78 27.01 -20.67
C GLY A 312 -2.76 27.23 -19.53
N THR A 313 -3.95 26.69 -19.68
CA THR A 313 -5.00 26.85 -18.70
C THR A 313 -4.65 25.96 -17.52
N PRO A 314 -4.69 26.48 -16.29
CA PRO A 314 -4.46 25.62 -15.13
C PRO A 314 -5.49 24.49 -15.03
N VAL A 315 -5.07 23.31 -14.58
CA VAL A 315 -5.95 22.16 -14.47
C VAL A 315 -5.79 21.48 -13.10
N ILE A 316 -6.92 21.10 -12.51
CA ILE A 316 -6.91 20.19 -11.36
C ILE A 316 -7.51 18.88 -11.82
N ASN A 317 -6.69 17.83 -11.85
CA ASN A 317 -7.18 16.49 -12.18
C ASN A 317 -7.40 15.67 -10.91
N LEU A 318 -8.66 15.32 -10.66
CA LEU A 318 -9.06 14.60 -9.44
C LEU A 318 -9.24 13.12 -9.67
N GLY A 319 -8.76 12.32 -8.71
CA GLY A 319 -9.06 10.90 -8.68
C GLY A 319 -8.16 10.04 -9.55
N THR A 320 -8.68 8.85 -9.88
CA THR A 320 -7.90 7.81 -10.55
C THR A 320 -8.00 7.84 -12.05
N ARG A 321 -9.04 8.47 -12.57
CA ARG A 321 -9.21 8.59 -14.01
C ARG A 321 -8.17 9.59 -14.51
N GLN A 322 -7.44 9.17 -15.53
CA GLN A 322 -6.30 9.88 -16.14
C GLN A 322 -4.96 9.62 -15.51
N ILE A 323 -4.87 8.72 -14.53
CA ILE A 323 -3.57 8.36 -13.96
C ILE A 323 -2.81 7.58 -15.03
N GLY A 324 -1.64 8.11 -15.38
CA GLY A 324 -0.82 7.53 -16.40
C GLY A 324 -0.84 8.28 -17.70
N ARG A 325 -1.69 9.30 -17.84
CA ARG A 325 -1.69 10.12 -19.05
C ARG A 325 -0.54 11.11 -19.03
N GLU A 326 -0.10 11.49 -20.22
CA GLU A 326 1.03 12.39 -20.35
C GLU A 326 0.48 13.81 -20.20
N THR A 327 1.07 14.60 -19.29
CA THR A 327 0.58 15.96 -19.01
C THR A 327 1.71 16.93 -18.79
N GLY A 328 1.52 18.15 -19.26
CA GLY A 328 2.44 19.23 -19.03
C GLY A 328 2.36 19.79 -17.63
N GLU A 329 3.14 20.86 -17.42
CA GLU A 329 3.30 21.50 -16.12
C GLU A 329 1.99 22.13 -15.61
N ASN A 330 1.03 22.32 -16.51
CA ASN A 330 -0.26 22.92 -16.15
C ASN A 330 -1.19 22.04 -15.28
N VAL A 331 -0.94 20.73 -15.21
CA VAL A 331 -1.83 19.81 -14.49
C VAL A 331 -1.36 19.44 -13.08
N LEU A 332 -2.21 19.73 -12.10
CA LEU A 332 -2.02 19.32 -10.70
C LEU A 332 -2.92 18.14 -10.39
N HIS A 333 -2.31 17.00 -10.12
CA HIS A 333 -3.02 15.79 -9.74
C HIS A 333 -3.33 15.78 -8.23
N VAL A 334 -4.55 15.45 -7.87
CA VAL A 334 -4.93 15.17 -6.48
C VAL A 334 -5.69 13.84 -6.51
N ARG A 335 -4.95 12.77 -6.32
CA ARG A 335 -5.49 11.42 -6.47
C ARG A 335 -6.41 11.07 -5.29
N ASP A 336 -5.94 11.32 -4.07
CA ASP A 336 -6.75 11.05 -2.90
C ASP A 336 -7.45 12.35 -2.50
N ALA A 337 -8.42 12.74 -3.31
CA ALA A 337 -9.26 13.90 -3.02
C ALA A 337 -10.35 13.44 -2.06
N ASP A 338 -9.95 13.30 -0.80
CA ASP A 338 -10.75 12.66 0.20
C ASP A 338 -11.31 13.62 1.27
N THR A 339 -10.98 14.91 1.15
CA THR A 339 -11.50 15.98 2.03
C THR A 339 -11.78 17.23 1.20
N GLN A 340 -12.63 18.11 1.70
CA GLN A 340 -12.89 19.39 0.99
C GLN A 340 -11.62 20.26 0.96
N ASP A 341 -10.85 20.23 2.05
CA ASP A 341 -9.67 21.10 2.22
C ASP A 341 -8.62 20.90 1.12
N LYS A 342 -8.31 19.65 0.84
CA LYS A 342 -7.39 19.30 -0.25
C LYS A 342 -7.83 19.89 -1.59
N ILE A 343 -9.12 19.81 -1.90
CA ILE A 343 -9.60 20.31 -3.17
C ILE A 343 -9.64 21.84 -3.17
N LEU A 344 -10.07 22.42 -2.05
CA LEU A 344 -10.11 23.87 -1.91
C LEU A 344 -8.73 24.48 -2.03
N GLN A 345 -7.74 23.77 -1.51
CA GLN A 345 -6.33 24.18 -1.61
C GLN A 345 -5.89 24.16 -3.07
N ALA A 346 -6.11 23.05 -3.75
CA ALA A 346 -5.77 22.94 -5.17
C ALA A 346 -6.38 24.09 -6.01
N LEU A 347 -7.60 24.51 -5.67
CA LEU A 347 -8.23 25.65 -6.31
C LEU A 347 -7.49 26.95 -6.05
N HIS A 348 -7.14 27.22 -4.79
CA HIS A 348 -6.33 28.43 -4.49
C HIS A 348 -5.01 28.44 -5.24
N LEU A 349 -4.33 27.29 -5.26
CA LEU A 349 -3.04 27.17 -5.93
C LEU A 349 -3.12 27.49 -7.42
N GLN A 350 -4.16 27.00 -8.08
CA GLN A 350 -4.20 26.96 -9.53
C GLN A 350 -5.03 28.05 -10.17
N PHE A 351 -6.09 28.47 -9.49
CA PHE A 351 -7.00 29.44 -10.08
C PHE A 351 -6.27 30.72 -10.45
N GLY A 352 -6.36 31.05 -11.73
CA GLY A 352 -5.87 32.31 -12.27
C GLY A 352 -4.43 32.30 -12.71
N LYS A 353 -3.78 31.14 -12.70
CA LYS A 353 -2.38 31.06 -13.14
C LYS A 353 -2.32 30.96 -14.65
N GLN A 354 -1.13 31.14 -15.21
CA GLN A 354 -0.90 31.00 -16.63
C GLN A 354 0.36 30.19 -16.91
N TYR A 355 0.21 29.05 -17.56
CA TYR A 355 1.34 28.21 -17.92
C TYR A 355 1.71 28.42 -19.37
N PRO A 356 2.89 27.95 -19.79
CA PRO A 356 3.27 27.95 -21.22
C PRO A 356 2.38 27.05 -22.09
N CYS A 357 2.29 27.35 -23.38
CA CYS A 357 1.45 26.59 -24.32
C CYS A 357 2.15 25.33 -24.84
N SER A 358 1.65 24.15 -24.44
CA SER A 358 2.19 22.85 -24.87
C SER A 358 1.50 22.26 -26.11
N LYS A 359 2.20 21.35 -26.80
CA LYS A 359 1.68 20.69 -28.03
C LYS A 359 1.94 19.20 -28.04
N ILE A 360 1.67 18.54 -26.92
CA ILE A 360 2.05 17.13 -26.73
C ILE A 360 1.21 16.22 -27.62
N TYR A 361 -0.10 16.47 -27.64
CA TYR A 361 -1.06 15.61 -28.36
C TYR A 361 -1.32 16.02 -29.82
N GLY A 362 -0.60 17.01 -30.33
CA GLY A 362 -0.79 17.40 -31.74
C GLY A 362 -0.01 18.59 -32.26
N ASP A 363 0.17 18.58 -33.58
CA ASP A 363 0.85 19.63 -34.35
C ASP A 363 -0.15 20.44 -35.23
N GLY A 364 -1.42 20.03 -35.28
CA GLY A 364 -2.46 20.72 -36.05
C GLY A 364 -2.67 20.25 -37.49
N ASN A 365 -1.92 19.22 -37.92
CA ASN A 365 -2.08 18.63 -39.26
C ASN A 365 -2.37 17.12 -39.26
N ALA A 366 -3.23 16.70 -38.33
CA ALA A 366 -3.58 15.32 -38.21
C ALA A 366 -4.42 14.84 -39.41
N VAL A 367 -5.40 15.65 -39.80
CA VAL A 367 -6.37 15.23 -40.82
C VAL A 367 -5.72 14.95 -42.18
N PRO A 368 -4.93 15.89 -42.70
CA PRO A 368 -4.28 15.59 -43.98
C PRO A 368 -3.40 14.34 -43.98
N ARG A 369 -2.69 14.08 -42.87
CA ARG A 369 -1.88 12.86 -42.73
C ARG A 369 -2.79 11.62 -42.75
N ILE A 370 -3.94 11.73 -42.10
CA ILE A 370 -4.93 10.65 -42.08
C ILE A 370 -5.52 10.38 -43.46
N LEU A 371 -5.85 11.44 -44.19
CA LEU A 371 -6.39 11.27 -45.55
C LEU A 371 -5.41 10.54 -46.48
N LYS A 372 -4.14 10.90 -46.41
CA LYS A 372 -3.11 10.18 -47.15
C LYS A 372 -3.04 8.70 -46.75
N PHE A 373 -3.09 8.44 -45.45
CA PHE A 373 -2.99 7.07 -44.94
C PHE A 373 -4.15 6.22 -45.46
N LEU A 374 -5.35 6.81 -45.50
CA LEU A 374 -6.50 6.16 -46.10
C LEU A 374 -6.33 5.84 -47.57
N LYS A 375 -5.79 6.78 -48.34
CA LYS A 375 -5.57 6.54 -49.77
C LYS A 375 -4.49 5.48 -50.04
N SER A 376 -3.54 5.35 -49.11
CA SER A 376 -2.43 4.39 -49.24
C SER A 376 -2.90 2.96 -49.12
N ILE A 377 -4.01 2.76 -48.40
CA ILE A 377 -4.53 1.42 -48.17
C ILE A 377 -4.88 0.79 -49.51
N ASP A 378 -4.16 -0.28 -49.85
CA ASP A 378 -4.51 -1.11 -51.01
C ASP A 378 -5.45 -2.20 -50.51
N LEU A 379 -6.47 -2.51 -51.31
CA LEU A 379 -7.56 -3.39 -50.92
C LEU A 379 -7.34 -4.86 -51.31
N GLN A 380 -6.27 -5.47 -50.78
CA GLN A 380 -5.94 -6.88 -51.02
C GLN A 380 -5.38 -7.61 -49.79
N GLU A 381 -6.25 -7.93 -48.83
CA GLU A 381 -6.01 -9.05 -47.89
C GLU A 381 -7.36 -9.45 -47.23
N PRO A 382 -7.84 -8.95 -46.06
CA PRO A 382 -7.11 -8.39 -44.91
C PRO A 382 -6.91 -9.48 -43.87
N LEU A 383 -5.88 -9.33 -43.06
CA LEU A 383 -5.71 -10.16 -41.87
C LEU A 383 -4.66 -9.46 -41.06
N GLN A 384 -4.91 -9.33 -39.78
CA GLN A 384 -4.02 -8.62 -38.89
C GLN A 384 -2.76 -9.49 -38.68
N LYS A 385 -1.61 -8.83 -38.56
CA LYS A 385 -0.34 -9.48 -38.26
C LYS A 385 0.07 -9.06 -36.85
N LYS A 386 0.52 -10.04 -36.07
CA LYS A 386 0.85 -9.83 -34.66
C LYS A 386 2.34 -10.15 -34.47
N PHE A 387 3.13 -9.10 -34.28
CA PHE A 387 4.58 -9.21 -34.16
C PHE A 387 5.02 -9.68 -32.77
N CYS A 388 5.04 -11.00 -32.59
CA CYS A 388 5.44 -11.62 -31.33
C CYS A 388 6.94 -11.94 -31.31
N PHE A 389 7.75 -10.94 -30.96
CA PHE A 389 9.15 -11.14 -30.60
C PHE A 389 9.24 -11.87 -29.26
N PRO A 390 9.87 -13.07 -29.23
CA PRO A 390 10.31 -13.67 -27.96
C PRO A 390 11.74 -13.21 -27.59
N ARG B 8 -15.02 -17.69 3.74
CA ARG B 8 -15.97 -17.31 2.65
C ARG B 8 -15.61 -17.96 1.29
N LYS B 9 -16.57 -18.70 0.72
CA LYS B 9 -16.30 -19.51 -0.49
C LYS B 9 -16.23 -18.61 -1.71
N LEU B 10 -15.40 -19.00 -2.67
CA LEU B 10 -15.27 -18.25 -3.92
C LEU B 10 -16.42 -18.64 -4.87
N ARG B 11 -17.23 -17.66 -5.26
CA ARG B 11 -18.36 -17.91 -6.13
C ARG B 11 -17.84 -17.89 -7.58
N VAL B 12 -17.87 -19.05 -8.24
CA VAL B 12 -17.35 -19.18 -9.61
C VAL B 12 -18.48 -19.48 -10.58
N CYS B 13 -18.57 -18.67 -11.63
CA CYS B 13 -19.48 -18.90 -12.70
C CYS B 13 -18.68 -19.39 -13.90
N VAL B 14 -19.09 -20.50 -14.49
CA VAL B 14 -18.50 -20.97 -15.73
C VAL B 14 -19.60 -20.97 -16.79
N ALA B 15 -19.36 -20.23 -17.87
CA ALA B 15 -20.28 -20.23 -19.00
C ALA B 15 -19.64 -21.04 -20.10
N THR B 16 -20.46 -21.91 -20.70
CA THR B 16 -20.05 -22.81 -21.77
C THR B 16 -21.03 -22.57 -22.92
N CYS B 17 -20.50 -22.47 -24.13
CA CYS B 17 -21.29 -22.13 -25.31
C CYS B 17 -21.23 -23.16 -26.43
N ASN B 18 -20.23 -24.03 -26.39
CA ASN B 18 -19.97 -24.93 -27.50
C ASN B 18 -19.12 -26.06 -26.96
N ARG B 19 -19.25 -27.22 -27.57
CA ARG B 19 -18.41 -28.36 -27.21
C ARG B 19 -16.91 -27.99 -27.25
N ALA B 20 -16.57 -27.01 -28.09
CA ALA B 20 -15.18 -26.60 -28.26
C ALA B 20 -14.58 -25.98 -27.01
N ASP B 21 -15.41 -25.36 -26.19
CA ASP B 21 -14.94 -24.96 -24.87
C ASP B 21 -15.23 -25.98 -23.80
N TYR B 22 -16.31 -26.76 -23.97
CA TYR B 22 -16.74 -27.68 -22.93
C TYR B 22 -15.72 -28.80 -22.73
N SER B 23 -14.99 -29.18 -23.77
CA SER B 23 -13.94 -30.19 -23.61
C SER B 23 -12.78 -29.73 -22.70
N LYS B 24 -12.54 -28.43 -22.65
CA LYS B 24 -11.49 -27.85 -21.85
C LYS B 24 -11.98 -27.20 -20.57
N LEU B 25 -13.27 -26.96 -20.44
CA LEU B 25 -13.82 -26.43 -19.19
C LEU B 25 -14.37 -27.51 -18.27
N ALA B 26 -14.90 -28.60 -18.82
CA ALA B 26 -15.51 -29.63 -17.98
C ALA B 26 -14.55 -30.14 -16.90
N PRO B 27 -13.27 -30.40 -17.25
CA PRO B 27 -12.30 -30.80 -16.21
C PRO B 27 -12.21 -29.82 -15.04
N ILE B 28 -12.26 -28.53 -15.34
CA ILE B 28 -12.17 -27.50 -14.30
C ILE B 28 -13.43 -27.50 -13.47
N PHE B 30 -15.36 -30.02 -12.96
CA PHE B 30 -15.26 -31.21 -12.09
C PHE B 30 -14.36 -30.96 -10.89
N GLY B 31 -13.24 -30.29 -11.12
CA GLY B 31 -12.32 -29.94 -10.04
C GLY B 31 -12.97 -29.05 -9.00
N ILE B 32 -13.63 -28.00 -9.47
CA ILE B 32 -14.28 -27.05 -8.59
C ILE B 32 -15.40 -27.70 -7.76
N LYS B 33 -16.20 -28.51 -8.43
CA LYS B 33 -17.28 -29.23 -7.78
C LYS B 33 -16.78 -30.22 -6.73
N THR B 34 -15.60 -30.82 -6.94
CA THR B 34 -15.02 -31.75 -5.95
C THR B 34 -14.49 -31.08 -4.68
N GLU B 35 -14.41 -29.75 -4.65
CA GLU B 35 -14.00 -29.01 -3.47
C GLU B 35 -15.06 -28.01 -3.05
N PRO B 36 -16.21 -28.50 -2.53
CA PRO B 36 -17.26 -27.61 -2.03
C PRO B 36 -16.84 -26.68 -0.89
N GLU B 37 -15.73 -26.96 -0.20
CA GLU B 37 -15.33 -26.20 0.98
C GLU B 37 -14.74 -24.87 0.58
N PHE B 38 -14.11 -24.81 -0.60
CA PHE B 38 -13.45 -23.59 -1.10
C PHE B 38 -14.21 -22.87 -2.23
N PHE B 39 -15.15 -23.55 -2.90
CA PHE B 39 -15.77 -23.00 -4.11
C PHE B 39 -17.28 -23.24 -4.16
N GLU B 40 -18.03 -22.20 -4.58
CA GLU B 40 -19.41 -22.39 -5.09
C GLU B 40 -19.39 -22.27 -6.59
N LEU B 41 -20.13 -23.15 -7.25
CA LEU B 41 -20.18 -23.19 -8.73
C LEU B 41 -21.57 -22.93 -9.30
N ASP B 42 -21.68 -21.98 -10.23
CA ASP B 42 -22.88 -21.78 -11.03
C ASP B 42 -22.54 -21.97 -12.49
N VAL B 43 -23.31 -22.80 -13.16
CA VAL B 43 -23.09 -23.09 -14.58
C VAL B 43 -24.12 -22.40 -15.46
N VAL B 44 -23.64 -21.70 -16.49
CA VAL B 44 -24.48 -21.09 -17.47
C VAL B 44 -24.27 -21.73 -18.83
N VAL B 45 -25.37 -22.17 -19.46
CA VAL B 45 -25.32 -22.76 -20.79
C VAL B 45 -25.96 -21.84 -21.80
N LEU B 46 -25.25 -21.58 -22.89
CA LEU B 46 -25.74 -20.71 -23.93
C LEU B 46 -25.17 -21.11 -25.29
N GLY B 47 -25.47 -20.32 -26.32
CA GLY B 47 -24.87 -20.55 -27.63
C GLY B 47 -25.27 -21.86 -28.29
N SER B 48 -24.30 -22.48 -28.94
CA SER B 48 -24.46 -23.68 -29.77
C SER B 48 -25.04 -24.86 -29.03
N HIS B 49 -24.79 -24.94 -27.75
CA HIS B 49 -25.28 -26.03 -26.93
C HIS B 49 -26.78 -26.28 -27.08
N LEU B 50 -27.56 -25.22 -27.30
CA LEU B 50 -29.01 -25.36 -27.39
C LEU B 50 -29.53 -25.57 -28.80
N ILE B 51 -28.70 -25.96 -29.75
CA ILE B 51 -29.09 -25.96 -31.15
C ILE B 51 -28.96 -27.36 -31.71
N ASP B 52 -30.08 -27.87 -32.22
CA ASP B 52 -30.14 -29.19 -32.83
C ASP B 52 -29.06 -29.41 -33.89
N ASP B 53 -28.83 -28.42 -34.75
CA ASP B 53 -27.79 -28.55 -35.81
C ASP B 53 -26.44 -28.87 -35.27
N TYR B 54 -26.13 -28.36 -34.07
CA TYR B 54 -24.87 -28.63 -33.40
C TYR B 54 -24.85 -29.89 -32.48
N GLY B 55 -25.97 -30.61 -32.41
CA GLY B 55 -26.06 -31.94 -31.73
C GLY B 55 -26.68 -31.94 -30.35
N ASN B 56 -27.50 -30.94 -30.07
CA ASN B 56 -27.92 -30.60 -28.71
C ASN B 56 -26.89 -30.90 -27.60
N THR B 57 -25.70 -30.29 -27.68
CA THR B 57 -24.61 -30.64 -26.77
C THR B 57 -24.76 -30.17 -25.33
N TYR B 58 -25.82 -29.43 -25.01
CA TYR B 58 -26.17 -29.23 -23.59
C TYR B 58 -26.37 -30.58 -22.89
N ARG B 59 -26.79 -31.61 -23.63
CA ARG B 59 -26.96 -32.95 -23.08
C ARG B 59 -25.68 -33.51 -22.45
N ILE B 61 -23.54 -31.82 -20.88
CA ILE B 61 -23.43 -31.15 -19.59
C ILE B 61 -24.39 -31.84 -18.61
N GLU B 62 -25.61 -32.13 -19.06
CA GLU B 62 -26.57 -32.86 -18.23
C GLU B 62 -26.04 -34.24 -17.83
N GLN B 63 -25.42 -34.95 -18.78
CA GLN B 63 -24.88 -36.30 -18.52
C GLN B 63 -23.64 -36.36 -17.64
N ASP B 64 -22.95 -35.23 -17.49
CA ASP B 64 -21.87 -35.08 -16.52
C ASP B 64 -22.39 -34.69 -15.10
N ASP B 65 -23.72 -34.58 -14.96
CA ASP B 65 -24.41 -34.30 -13.69
C ASP B 65 -24.19 -32.90 -13.14
N PHE B 66 -23.94 -31.93 -13.99
CA PHE B 66 -23.86 -30.55 -13.50
C PHE B 66 -25.25 -29.93 -13.44
N ASP B 67 -25.56 -29.22 -12.35
CA ASP B 67 -26.80 -28.46 -12.24
C ASP B 67 -26.61 -27.23 -13.10
N ILE B 68 -27.40 -27.13 -14.17
CA ILE B 68 -27.37 -25.94 -14.99
C ILE B 68 -28.28 -24.91 -14.35
N ASN B 69 -27.70 -23.80 -13.88
CA ASN B 69 -28.48 -22.71 -13.28
C ASN B 69 -29.37 -22.03 -14.31
N THR B 70 -28.75 -21.64 -15.43
CA THR B 70 -29.37 -20.79 -16.44
C THR B 70 -29.08 -21.30 -17.86
N ARG B 71 -30.10 -21.24 -18.72
CA ARG B 71 -29.96 -21.52 -20.16
C ARG B 71 -30.34 -20.29 -20.93
N LEU B 72 -29.53 -19.88 -21.89
CA LEU B 72 -29.83 -18.73 -22.71
C LEU B 72 -29.76 -19.07 -24.20
N HIS B 73 -30.85 -18.82 -24.94
CA HIS B 73 -30.80 -18.80 -26.42
C HIS B 73 -30.04 -17.55 -26.87
N THR B 74 -28.82 -17.69 -27.37
CA THR B 74 -28.05 -16.50 -27.75
C THR B 74 -27.60 -16.49 -29.19
N ILE B 75 -28.09 -17.39 -30.00
CA ILE B 75 -27.65 -17.45 -31.35
C ILE B 75 -28.71 -16.97 -32.30
N VAL B 76 -28.31 -16.03 -33.16
CA VAL B 76 -29.16 -15.53 -34.21
C VAL B 76 -28.90 -16.40 -35.40
N ARG B 77 -29.97 -16.72 -36.09
CA ARG B 77 -29.95 -17.68 -37.16
C ARG B 77 -29.63 -16.98 -38.44
N GLY B 78 -29.01 -17.69 -39.36
CA GLY B 78 -28.46 -17.07 -40.56
C GLY B 78 -27.15 -17.69 -41.02
N GLU B 79 -26.39 -18.23 -40.10
CA GLU B 79 -25.17 -18.96 -40.42
C GLU B 79 -24.29 -18.18 -41.39
N ASP B 80 -24.14 -16.90 -41.07
CA ASP B 80 -23.22 -16.02 -41.75
C ASP B 80 -22.57 -15.03 -40.75
N GLU B 81 -21.77 -14.12 -41.27
CA GLU B 81 -21.05 -13.19 -40.47
C GLU B 81 -21.98 -12.23 -39.75
N ALA B 82 -22.99 -11.68 -40.43
CA ALA B 82 -23.95 -10.82 -39.75
C ALA B 82 -24.55 -11.53 -38.54
N ALA B 83 -24.93 -12.80 -38.68
CA ALA B 83 -25.56 -13.55 -37.62
C ALA B 83 -24.61 -13.82 -36.49
N VAL B 85 -22.28 -11.80 -35.52
CA VAL B 85 -22.21 -10.57 -34.75
C VAL B 85 -23.48 -10.35 -33.91
N GLU B 86 -24.64 -10.63 -34.48
CA GLU B 86 -25.91 -10.43 -33.78
C GLU B 86 -25.99 -11.37 -32.57
N SER B 87 -25.42 -12.57 -32.72
CA SER B 87 -25.30 -13.54 -31.65
C SER B 87 -24.48 -13.01 -30.44
N VAL B 88 -23.39 -12.30 -30.72
CA VAL B 88 -22.59 -11.69 -29.67
C VAL B 88 -23.46 -10.65 -28.96
N GLY B 89 -24.18 -9.86 -29.74
CA GLY B 89 -25.05 -8.85 -29.20
C GLY B 89 -26.19 -9.41 -28.38
N LEU B 90 -26.69 -10.56 -28.79
CA LEU B 90 -27.81 -11.20 -28.07
C LEU B 90 -27.37 -11.67 -26.69
N ALA B 91 -26.15 -12.21 -26.62
CA ALA B 91 -25.60 -12.64 -25.32
C ALA B 91 -25.40 -11.42 -24.44
N LEU B 92 -24.95 -10.33 -25.05
CA LEU B 92 -24.70 -9.11 -24.27
C LEU B 92 -25.95 -8.46 -23.72
N VAL B 93 -27.10 -8.58 -24.39
CA VAL B 93 -28.33 -8.03 -23.79
C VAL B 93 -28.88 -8.96 -22.71
N LYS B 94 -28.66 -10.26 -22.85
CA LYS B 94 -29.22 -11.26 -21.95
C LYS B 94 -28.36 -11.50 -20.73
N LEU B 95 -27.04 -11.42 -20.83
CA LEU B 95 -26.14 -11.81 -19.69
C LEU B 95 -26.14 -10.92 -18.46
N PRO B 96 -26.09 -9.59 -18.61
CA PRO B 96 -25.96 -8.75 -17.42
C PRO B 96 -26.95 -8.99 -16.30
N ASP B 97 -28.22 -9.20 -16.61
CA ASP B 97 -29.19 -9.49 -15.55
C ASP B 97 -28.92 -10.86 -14.90
N VAL B 98 -28.43 -11.84 -15.68
CA VAL B 98 -28.08 -13.14 -15.11
C VAL B 98 -26.88 -12.99 -14.15
N LEU B 99 -25.90 -12.20 -14.56
CA LEU B 99 -24.72 -11.96 -13.74
C LEU B 99 -24.99 -11.14 -12.48
N ASN B 100 -25.90 -10.17 -12.54
CA ASN B 100 -26.35 -9.50 -11.31
C ASN B 100 -27.05 -10.46 -10.32
N ARG B 101 -27.80 -11.42 -10.85
CA ARG B 101 -28.47 -12.43 -10.04
C ARG B 101 -27.45 -13.40 -9.42
N LEU B 102 -26.59 -13.97 -10.25
CA LEU B 102 -25.64 -14.97 -9.77
C LEU B 102 -24.52 -14.42 -8.86
N LYS B 103 -24.21 -13.13 -8.98
CA LYS B 103 -23.19 -12.44 -8.19
C LYS B 103 -21.87 -13.19 -8.04
N PRO B 104 -21.23 -13.55 -9.18
CA PRO B 104 -19.99 -14.30 -9.16
C PRO B 104 -18.79 -13.45 -8.75
N ASP B 105 -17.82 -14.08 -8.08
CA ASP B 105 -16.56 -13.42 -7.79
C ASP B 105 -15.63 -13.47 -8.97
N ILE B 106 -15.72 -14.56 -9.75
CA ILE B 106 -14.90 -14.70 -10.92
C ILE B 106 -15.65 -15.51 -11.96
N ILE B 108 -15.04 -17.85 -15.53
CA ILE B 108 -14.09 -18.57 -16.36
C ILE B 108 -14.55 -18.51 -17.81
N VAL B 109 -13.66 -18.04 -18.66
CA VAL B 109 -13.91 -17.89 -20.08
C VAL B 109 -12.81 -18.63 -20.82
N HIS B 110 -13.21 -19.40 -21.82
CA HIS B 110 -12.27 -20.16 -22.61
C HIS B 110 -12.23 -19.69 -24.05
N GLY B 111 -11.01 -19.60 -24.57
CA GLY B 111 -10.77 -19.66 -26.00
C GLY B 111 -10.86 -18.37 -26.79
N ASP B 112 -11.33 -18.53 -28.03
CA ASP B 112 -11.16 -17.55 -29.11
C ASP B 112 -12.43 -17.31 -29.97
N ARG B 113 -13.56 -17.88 -29.59
CA ARG B 113 -14.78 -17.75 -30.36
C ARG B 113 -15.58 -16.49 -30.01
N PHE B 114 -16.43 -16.06 -30.97
CA PHE B 114 -17.21 -14.84 -30.81
C PHE B 114 -17.93 -14.81 -29.47
N ASP B 115 -18.46 -15.97 -29.06
CA ASP B 115 -19.18 -16.16 -27.82
C ASP B 115 -18.34 -15.78 -26.60
N ALA B 116 -17.05 -16.14 -26.59
CA ALA B 116 -16.16 -15.83 -25.47
C ALA B 116 -15.88 -14.34 -25.33
N LEU B 117 -15.91 -13.62 -26.45
CA LEU B 117 -15.74 -12.18 -26.43
C LEU B 117 -16.94 -11.50 -25.77
N ALA B 118 -18.13 -12.06 -25.97
CA ALA B 118 -19.32 -11.55 -25.30
C ALA B 118 -19.22 -11.70 -23.80
N LEU B 119 -18.80 -12.90 -23.39
CA LEU B 119 -18.64 -13.19 -21.97
C LEU B 119 -17.59 -12.30 -21.32
N ALA B 120 -16.43 -12.19 -21.94
CA ALA B 120 -15.35 -11.34 -21.43
C ALA B 120 -15.79 -9.90 -21.34
N THR B 121 -16.47 -9.43 -22.38
CA THR B 121 -16.92 -8.04 -22.42
C THR B 121 -17.88 -7.73 -21.27
N SER B 122 -18.85 -8.60 -21.08
CA SER B 122 -19.87 -8.39 -20.09
C SER B 122 -19.28 -8.43 -18.68
N ALA B 123 -18.42 -9.41 -18.40
CA ALA B 123 -17.71 -9.47 -17.11
C ALA B 123 -16.85 -8.25 -16.82
N ALA B 124 -16.03 -7.86 -17.79
CA ALA B 124 -15.09 -6.75 -17.63
C ALA B 124 -15.83 -5.46 -17.35
N LEU B 125 -16.87 -5.18 -18.13
CA LEU B 125 -17.58 -3.92 -17.96
C LEU B 125 -18.43 -3.87 -16.67
N ASN B 127 -17.24 -5.17 -13.81
CA ASN B 127 -16.28 -5.39 -12.72
C ASN B 127 -16.28 -6.78 -12.11
N ILE B 128 -16.53 -7.79 -12.93
CA ILE B 128 -16.42 -9.17 -12.49
C ILE B 128 -15.09 -9.67 -13.01
N ARG B 129 -14.31 -10.30 -12.14
CA ARG B 129 -13.03 -10.86 -12.52
C ARG B 129 -13.18 -11.97 -13.55
N ILE B 130 -12.16 -12.10 -14.40
CA ILE B 130 -12.14 -13.05 -15.51
C ILE B 130 -10.87 -13.90 -15.46
N LEU B 131 -11.06 -15.20 -15.53
CA LEU B 131 -9.97 -16.14 -15.75
C LEU B 131 -10.11 -16.62 -17.17
N HIS B 132 -9.15 -16.25 -18.01
CA HIS B 132 -9.17 -16.60 -19.41
C HIS B 132 -8.26 -17.79 -19.67
N ILE B 133 -8.86 -18.88 -20.17
CA ILE B 133 -8.15 -20.13 -20.48
C ILE B 133 -7.73 -20.15 -21.95
N GLU B 134 -6.50 -20.59 -22.21
CA GLU B 134 -5.96 -20.82 -23.57
C GLU B 134 -5.62 -19.50 -24.28
N GLY B 135 -4.97 -18.62 -23.54
CA GLY B 135 -4.75 -17.25 -23.95
C GLY B 135 -3.65 -16.94 -24.97
N GLY B 136 -2.48 -17.53 -24.85
CA GLY B 136 -1.36 -16.96 -25.63
C GLY B 136 -1.04 -17.51 -27.01
N GLU B 137 -1.98 -18.21 -27.63
CA GLU B 137 -1.70 -19.06 -28.78
C GLU B 137 -1.92 -18.32 -30.07
N VAL B 138 -1.55 -18.97 -31.17
CA VAL B 138 -1.60 -18.39 -32.52
C VAL B 138 -2.27 -19.37 -33.47
N SER B 139 -3.28 -18.93 -34.22
CA SER B 139 -3.97 -19.82 -35.18
C SER B 139 -4.21 -19.22 -36.57
N GLY B 140 -3.70 -18.02 -36.83
CA GLY B 140 -3.77 -17.41 -38.15
C GLY B 140 -5.13 -17.25 -38.83
N THR B 141 -6.16 -16.94 -38.06
CA THR B 141 -7.42 -16.45 -38.62
C THR B 141 -7.86 -15.23 -37.84
N ILE B 142 -9.05 -14.73 -38.12
CA ILE B 142 -9.70 -13.74 -37.27
C ILE B 142 -9.65 -14.12 -35.76
N ASP B 143 -9.57 -15.42 -35.46
CA ASP B 143 -9.55 -15.89 -34.07
C ASP B 143 -8.36 -15.35 -33.25
N ASP B 144 -7.22 -15.16 -33.88
CA ASP B 144 -6.11 -14.44 -33.25
C ASP B 144 -6.59 -13.11 -32.67
N SER B 145 -7.26 -12.31 -33.50
CA SER B 145 -7.74 -11.01 -33.07
C SER B 145 -8.62 -11.14 -31.83
N ILE B 146 -9.55 -12.08 -31.87
CA ILE B 146 -10.54 -12.26 -30.82
C ILE B 146 -9.82 -12.74 -29.58
N ARG B 147 -8.93 -13.70 -29.75
CA ARG B 147 -8.24 -14.28 -28.60
C ARG B 147 -7.50 -13.20 -27.88
N HIS B 148 -6.76 -12.38 -28.61
CA HIS B 148 -5.95 -11.36 -27.99
C HIS B 148 -6.75 -10.17 -27.45
N ALA B 149 -7.96 -9.95 -27.96
CA ALA B 149 -8.82 -8.91 -27.40
C ALA B 149 -9.40 -9.38 -26.08
N ILE B 150 -9.78 -10.65 -26.01
CA ILE B 150 -10.18 -11.25 -24.74
C ILE B 150 -9.06 -11.16 -23.67
N THR B 151 -7.82 -11.46 -24.06
CA THR B 151 -6.65 -11.36 -23.17
C THR B 151 -6.61 -10.00 -22.50
N LYS B 152 -6.85 -8.95 -23.30
CA LYS B 152 -6.77 -7.58 -22.80
C LYS B 152 -7.88 -7.22 -21.81
N LEU B 153 -9.03 -7.85 -21.96
CA LEU B 153 -10.14 -7.65 -21.02
C LEU B 153 -9.93 -8.42 -19.73
N ALA B 154 -9.32 -9.60 -19.87
CA ALA B 154 -9.20 -10.56 -18.78
C ALA B 154 -8.13 -10.20 -17.74
N HIS B 155 -8.47 -10.46 -16.50
CA HIS B 155 -7.71 -10.05 -15.34
C HIS B 155 -6.71 -11.13 -14.97
N TYR B 156 -7.06 -12.39 -15.23
CA TYR B 156 -6.20 -13.53 -14.92
C TYR B 156 -6.15 -14.45 -16.13
N HIS B 157 -4.98 -15.04 -16.34
CA HIS B 157 -4.69 -15.78 -17.55
C HIS B 157 -4.13 -17.16 -17.22
N VAL B 158 -4.65 -18.17 -17.90
CA VAL B 158 -4.16 -19.53 -17.77
C VAL B 158 -3.74 -20.03 -19.15
N CYS B 159 -2.44 -20.14 -19.38
CA CYS B 159 -1.96 -20.60 -20.68
C CYS B 159 -1.44 -22.05 -20.63
N CYS B 160 -1.32 -22.65 -21.80
CA CYS B 160 -1.06 -24.08 -21.96
C CYS B 160 0.37 -24.45 -22.35
N THR B 161 1.19 -23.47 -22.75
CA THR B 161 2.58 -23.71 -23.18
C THR B 161 3.46 -22.56 -22.73
N ARG B 162 4.76 -22.76 -22.81
CA ARG B 162 5.71 -21.71 -22.47
C ARG B 162 5.70 -20.58 -23.49
N SER B 163 5.56 -20.94 -24.75
CA SER B 163 5.49 -19.96 -25.84
C SER B 163 4.23 -19.06 -25.75
N ALA B 164 3.10 -19.67 -25.36
CA ALA B 164 1.89 -18.90 -25.05
C ALA B 164 2.07 -17.93 -23.87
N GLU B 165 2.79 -18.37 -22.84
CA GLU B 165 3.11 -17.51 -21.70
C GLU B 165 3.94 -16.31 -22.16
N GLN B 166 4.95 -16.55 -23.00
CA GLN B 166 5.83 -15.46 -23.47
C GLN B 166 5.06 -14.50 -24.36
N HIS B 167 4.13 -15.01 -25.17
CA HIS B 167 3.30 -14.14 -25.97
C HIS B 167 2.46 -13.18 -25.12
N LEU B 168 1.82 -13.70 -24.08
CA LEU B 168 1.06 -12.86 -23.14
C LEU B 168 1.95 -11.79 -22.51
N ILE B 169 3.17 -12.17 -22.09
CA ILE B 169 4.10 -11.21 -21.50
C ILE B 169 4.54 -10.20 -22.55
N SER B 170 4.82 -10.64 -23.78
CA SER B 170 5.15 -9.72 -24.89
C SER B 170 4.00 -8.77 -25.20
N CYS B 172 2.30 -7.33 -23.18
CA CYS B 172 2.25 -6.44 -22.00
C CYS B 172 1.27 -6.86 -20.90
N GLU B 173 1.03 -8.16 -20.72
CA GLU B 173 0.28 -8.64 -19.55
C GLU B 173 1.22 -8.80 -18.34
N ASP B 174 0.63 -8.63 -17.15
CA ASP B 174 1.32 -8.75 -15.88
C ASP B 174 1.63 -10.22 -15.63
N HIS B 175 2.92 -10.54 -15.48
CA HIS B 175 3.33 -11.92 -15.30
C HIS B 175 2.76 -12.55 -14.00
N ASP B 176 2.57 -11.73 -12.96
CA ASP B 176 1.89 -12.13 -11.71
C ASP B 176 0.50 -12.69 -11.90
N ARG B 177 -0.18 -12.30 -12.97
CA ARG B 177 -1.53 -12.77 -13.25
C ARG B 177 -1.59 -13.82 -14.35
N ILE B 178 -0.45 -14.43 -14.67
CA ILE B 178 -0.38 -15.54 -15.63
C ILE B 178 -0.01 -16.82 -14.89
N LEU B 179 -0.72 -17.90 -15.19
CA LEU B 179 -0.40 -19.22 -14.70
C LEU B 179 -0.17 -20.13 -15.91
N LEU B 180 0.97 -20.80 -15.95
CA LEU B 180 1.24 -21.78 -16.98
C LEU B 180 0.83 -23.14 -16.42
N ALA B 181 -0.33 -23.63 -16.84
CA ALA B 181 -0.93 -24.86 -16.27
C ALA B 181 -0.90 -26.07 -17.18
N GLY B 182 -0.86 -25.83 -18.49
CA GLY B 182 -1.24 -26.85 -19.46
C GLY B 182 -2.71 -26.72 -19.80
N CYS B 183 -3.10 -27.30 -20.93
CA CYS B 183 -4.49 -27.37 -21.36
C CYS B 183 -5.18 -28.40 -20.46
N PRO B 184 -6.36 -28.07 -19.95
CA PRO B 184 -7.12 -29.07 -19.20
C PRO B 184 -7.53 -30.33 -19.98
N SER B 185 -7.64 -30.24 -21.33
CA SER B 185 -7.98 -31.43 -22.16
C SER B 185 -6.99 -32.58 -21.94
N TYR B 186 -5.75 -32.21 -21.64
CA TYR B 186 -4.69 -33.17 -21.31
C TYR B 186 -4.90 -33.92 -20.01
N ASP B 187 -5.58 -33.30 -19.04
CA ASP B 187 -6.04 -34.03 -17.85
C ASP B 187 -6.86 -35.28 -18.22
N LYS B 188 -7.70 -35.16 -19.25
CA LYS B 188 -8.46 -36.29 -19.76
C LYS B 188 -7.71 -37.18 -20.76
N LEU B 189 -6.91 -36.59 -21.64
CA LEU B 189 -6.10 -37.36 -22.61
C LEU B 189 -5.09 -38.27 -21.96
N LEU B 190 -4.30 -37.74 -21.02
CA LEU B 190 -3.25 -38.51 -20.33
C LEU B 190 -3.78 -39.39 -19.17
N SER B 191 -5.07 -39.23 -18.83
CA SER B 191 -5.82 -40.14 -17.94
C SER B 191 -6.83 -41.02 -18.70
N ALA B 192 -6.64 -41.19 -20.01
CA ALA B 192 -7.65 -41.85 -20.85
C ALA B 192 -7.62 -43.37 -20.76
N LYS B 193 -8.42 -43.86 -19.80
CA LYS B 193 -9.20 -45.11 -19.92
C LYS B 193 -9.31 -45.48 -21.41
N ASN B 194 -8.37 -46.27 -21.96
CA ASN B 194 -8.78 -47.11 -23.07
C ASN B 194 -9.62 -48.34 -22.66
N LYS B 195 -10.95 -48.16 -22.65
CA LYS B 195 -11.89 -49.24 -22.38
C LYS B 195 -11.87 -50.13 -23.63
N ASP B 196 -12.94 -50.89 -23.86
CA ASP B 196 -13.22 -51.44 -25.18
C ASP B 196 -13.29 -50.28 -26.23
N TYR B 197 -12.10 -49.90 -26.72
CA TYR B 197 -11.98 -48.90 -27.78
C TYR B 197 -12.46 -49.42 -29.12
N SER B 199 -15.15 -51.37 -29.56
CA SER B 199 -16.60 -51.24 -29.60
C SER B 199 -17.04 -49.78 -29.75
N ILE B 200 -16.16 -48.84 -29.42
CA ILE B 200 -16.35 -47.43 -29.77
C ILE B 200 -16.04 -47.20 -31.27
N ILE B 201 -14.99 -47.81 -31.79
CA ILE B 201 -14.73 -47.76 -33.23
C ILE B 201 -15.93 -48.33 -34.00
N ARG B 202 -16.48 -49.46 -33.53
CA ARG B 202 -17.62 -50.16 -34.21
C ARG B 202 -18.91 -49.32 -34.16
N TRP B 204 -19.19 -45.95 -34.02
CA TRP B 204 -19.10 -44.71 -34.80
C TRP B 204 -18.65 -44.87 -36.25
N LEU B 205 -17.94 -45.94 -36.59
CA LEU B 205 -17.45 -46.13 -37.97
C LEU B 205 -18.04 -47.32 -38.72
N GLY B 206 -18.49 -48.35 -37.99
CA GLY B 206 -19.10 -49.53 -38.59
C GLY B 206 -18.47 -50.82 -38.08
N ASP B 207 -19.18 -51.92 -38.28
CA ASP B 207 -18.83 -53.19 -37.64
C ASP B 207 -17.49 -53.81 -38.05
N ASP B 208 -17.06 -53.53 -39.28
CA ASP B 208 -15.95 -54.25 -39.92
C ASP B 208 -14.65 -53.42 -39.97
N VAL B 209 -14.57 -52.38 -39.16
CA VAL B 209 -13.44 -51.44 -39.18
C VAL B 209 -12.40 -51.88 -38.15
N LYS B 210 -11.13 -51.86 -38.55
CA LYS B 210 -9.99 -52.29 -37.68
C LYS B 210 -9.18 -51.04 -37.24
N SER B 211 -8.66 -51.08 -36.02
CA SER B 211 -7.82 -50.01 -35.45
C SER B 211 -6.78 -49.53 -36.45
N LYS B 212 -6.53 -48.23 -36.48
CA LYS B 212 -5.59 -47.60 -37.41
C LYS B 212 -5.94 -47.73 -38.91
N ASP B 213 -7.16 -48.14 -39.24
CA ASP B 213 -7.56 -48.30 -40.64
C ASP B 213 -8.72 -47.38 -41.03
N TYR B 214 -8.90 -46.27 -40.31
CA TYR B 214 -9.97 -45.30 -40.59
C TYR B 214 -9.47 -43.86 -40.48
N ILE B 215 -10.27 -42.94 -41.01
CA ILE B 215 -9.95 -41.52 -41.01
C ILE B 215 -11.00 -40.76 -40.22
N VAL B 216 -10.56 -39.78 -39.45
CA VAL B 216 -11.45 -38.81 -38.82
C VAL B 216 -11.29 -37.47 -39.57
N ALA B 217 -12.35 -36.99 -40.22
CA ALA B 217 -12.28 -35.76 -41.02
C ALA B 217 -13.08 -34.66 -40.36
N LEU B 218 -12.40 -33.57 -40.02
CA LEU B 218 -13.03 -32.45 -39.32
C LEU B 218 -12.47 -31.16 -39.87
N GLN B 219 -13.26 -30.49 -40.71
CA GLN B 219 -12.86 -29.28 -41.38
C GLN B 219 -13.88 -28.19 -41.17
N HIS B 220 -13.40 -27.01 -40.78
CA HIS B 220 -14.26 -25.86 -40.46
C HIS B 220 -14.07 -24.79 -41.48
N PRO B 221 -15.14 -24.03 -41.76
CA PRO B 221 -14.99 -22.89 -42.68
C PRO B 221 -14.18 -21.78 -42.03
N VAL B 222 -13.42 -21.05 -42.84
CA VAL B 222 -12.71 -19.85 -42.39
C VAL B 222 -13.61 -18.72 -42.86
N THR B 223 -13.97 -17.84 -41.92
CA THR B 223 -15.05 -16.86 -42.12
C THR B 223 -14.63 -15.76 -43.11
N THR B 224 -13.32 -15.51 -43.15
CA THR B 224 -12.72 -14.49 -43.99
C THR B 224 -12.82 -14.84 -45.48
N ASP B 225 -12.81 -16.13 -45.82
CA ASP B 225 -12.82 -16.59 -47.22
C ASP B 225 -13.72 -17.85 -47.37
N ILE B 226 -15.02 -17.65 -47.32
CA ILE B 226 -15.97 -18.76 -47.44
C ILE B 226 -15.88 -19.46 -48.80
N LYS B 227 -15.76 -18.71 -49.89
CA LYS B 227 -15.71 -19.35 -51.20
C LYS B 227 -14.53 -20.31 -51.37
N HIS B 228 -13.40 -19.96 -50.74
CA HIS B 228 -12.23 -20.83 -50.72
C HIS B 228 -12.43 -22.03 -49.77
N SER B 229 -13.04 -21.78 -48.61
CA SER B 229 -13.40 -22.87 -47.70
C SER B 229 -14.27 -23.94 -48.37
N ILE B 230 -15.21 -23.50 -49.23
CA ILE B 230 -16.10 -24.38 -50.01
C ILE B 230 -15.28 -25.23 -50.93
N LYS B 231 -14.42 -24.57 -51.72
CA LYS B 231 -13.66 -25.25 -52.77
C LYS B 231 -12.69 -26.26 -52.17
N PHE B 233 -12.97 -27.84 -49.31
CA PHE B 233 -13.74 -28.92 -48.73
C PHE B 233 -14.23 -29.90 -49.80
N GLU B 234 -14.70 -29.38 -50.93
CA GLU B 234 -15.02 -30.22 -52.10
C GLU B 234 -13.85 -31.13 -52.49
N LEU B 235 -12.67 -30.53 -52.63
CA LEU B 235 -11.48 -31.29 -53.04
C LEU B 235 -11.08 -32.29 -51.97
N THR B 236 -11.19 -31.89 -50.71
CA THR B 236 -10.92 -32.79 -49.61
C THR B 236 -11.83 -34.01 -49.64
N LEU B 237 -13.12 -33.81 -49.88
CA LEU B 237 -14.03 -34.95 -49.95
C LEU B 237 -13.72 -35.83 -51.15
N ASP B 238 -13.51 -35.21 -52.31
CA ASP B 238 -13.11 -35.96 -53.50
C ASP B 238 -11.91 -36.88 -53.22
N ALA B 239 -10.90 -36.36 -52.53
CA ALA B 239 -9.73 -37.15 -52.14
C ALA B 239 -10.13 -38.31 -51.24
N LEU B 240 -10.95 -38.02 -50.24
CA LEU B 240 -11.37 -39.05 -49.32
C LEU B 240 -12.17 -40.13 -50.03
N ILE B 241 -12.98 -39.75 -51.01
CA ILE B 241 -13.74 -40.73 -51.79
C ILE B 241 -12.78 -41.62 -52.57
N SER B 242 -11.78 -41.02 -53.22
CA SER B 242 -10.81 -41.79 -54.00
C SER B 242 -9.95 -42.68 -53.12
N PHE B 243 -9.49 -42.14 -52.00
CA PHE B 243 -8.64 -42.88 -51.07
C PHE B 243 -9.40 -44.06 -50.48
N ASN B 244 -10.71 -43.87 -50.32
CA ASN B 244 -11.68 -44.93 -50.06
C ASN B 244 -11.37 -45.85 -48.88
N LYS B 245 -11.08 -45.22 -47.75
CA LYS B 245 -10.99 -45.90 -46.47
C LYS B 245 -11.98 -45.26 -45.53
N ARG B 246 -12.52 -46.04 -44.60
CA ARG B 246 -13.67 -45.61 -43.80
C ARG B 246 -13.42 -44.30 -43.08
N THR B 247 -14.34 -43.34 -43.25
CA THR B 247 -14.13 -41.96 -42.83
C THR B 247 -15.30 -41.41 -42.01
N LEU B 248 -15.00 -41.01 -40.77
CA LEU B 248 -15.94 -40.26 -39.95
C LEU B 248 -15.83 -38.79 -40.30
N VAL B 249 -16.89 -38.24 -40.87
CA VAL B 249 -16.94 -36.82 -41.22
C VAL B 249 -17.78 -36.06 -40.22
N LEU B 250 -17.13 -35.23 -39.43
CA LEU B 250 -17.82 -34.36 -38.48
C LEU B 250 -18.33 -33.14 -39.23
N PHE B 251 -19.57 -32.72 -38.97
CA PHE B 251 -20.10 -31.50 -39.58
C PHE B 251 -19.31 -30.28 -39.09
N PRO B 252 -19.30 -29.21 -39.87
CA PRO B 252 -18.54 -28.06 -39.45
C PRO B 252 -19.08 -27.43 -38.20
N ASN B 253 -18.18 -26.80 -37.46
CA ASN B 253 -18.42 -26.21 -36.15
C ASN B 253 -17.78 -24.81 -36.05
N ILE B 254 -17.77 -24.07 -37.16
CA ILE B 254 -17.74 -22.62 -37.12
C ILE B 254 -19.02 -22.21 -37.85
N ASP B 255 -19.77 -21.28 -37.27
CA ASP B 255 -21.12 -20.97 -37.75
C ASP B 255 -21.17 -20.33 -39.15
N ALA B 256 -20.33 -19.31 -39.38
CA ALA B 256 -20.41 -18.55 -40.62
C ALA B 256 -19.88 -19.40 -41.75
N GLY B 257 -20.74 -19.66 -42.73
CA GLY B 257 -20.42 -20.53 -43.84
C GLY B 257 -20.86 -21.97 -43.64
N SER B 258 -21.39 -22.29 -42.46
CA SER B 258 -21.59 -23.71 -42.10
C SER B 258 -22.56 -24.45 -43.00
N LYS B 259 -23.66 -23.79 -43.38
CA LYS B 259 -24.69 -24.45 -44.20
C LYS B 259 -24.20 -24.71 -45.60
N GLU B 260 -23.31 -23.84 -46.11
CA GLU B 260 -22.71 -24.04 -47.43
C GLU B 260 -21.72 -25.21 -47.44
N VAL B 262 -22.07 -27.85 -45.22
CA VAL B 262 -23.02 -28.96 -45.14
C VAL B 262 -23.61 -29.29 -46.52
N ARG B 263 -23.93 -28.27 -47.32
CA ARG B 263 -24.44 -28.51 -48.67
C ARG B 263 -23.42 -29.25 -49.56
N VAL B 264 -22.14 -28.91 -49.42
CA VAL B 264 -21.06 -29.62 -50.11
C VAL B 264 -21.16 -31.12 -49.83
N ARG B 266 -23.74 -32.84 -48.65
CA ARG B 266 -24.99 -33.34 -49.21
C ARG B 266 -24.91 -33.65 -50.70
N LYS B 267 -24.41 -32.72 -51.50
CA LYS B 267 -24.30 -32.90 -52.96
C LYS B 267 -23.24 -33.92 -53.41
N LYS B 268 -22.26 -34.24 -52.55
CA LYS B 268 -21.31 -35.33 -52.82
C LYS B 268 -21.85 -36.71 -52.40
N GLY B 269 -23.04 -36.76 -51.79
CA GLY B 269 -23.62 -38.01 -51.34
C GLY B 269 -22.94 -38.62 -50.14
N ILE B 270 -22.14 -37.82 -49.41
CA ILE B 270 -21.40 -38.27 -48.22
C ILE B 270 -22.33 -38.80 -47.14
N GLU B 271 -23.52 -38.22 -47.02
CA GLU B 271 -24.46 -38.65 -45.99
C GLU B 271 -25.00 -40.06 -46.23
N HIS B 272 -25.02 -40.52 -47.49
CA HIS B 272 -25.54 -41.84 -47.87
C HIS B 272 -24.50 -42.68 -48.63
N HIS B 273 -23.33 -42.86 -48.03
CA HIS B 273 -22.20 -43.52 -48.67
C HIS B 273 -21.65 -44.60 -47.72
N PRO B 274 -21.38 -45.82 -48.21
CA PRO B 274 -20.87 -46.93 -47.35
C PRO B 274 -19.57 -46.63 -46.61
N ASN B 275 -18.70 -45.87 -47.27
CA ASN B 275 -17.41 -45.44 -46.75
C ASN B 275 -17.43 -44.28 -45.72
N PHE B 276 -18.54 -43.57 -45.58
CA PHE B 276 -18.59 -42.37 -44.74
C PHE B 276 -19.64 -42.45 -43.65
N ARG B 277 -19.36 -41.79 -42.53
CA ARG B 277 -20.34 -41.60 -41.46
C ARG B 277 -20.35 -40.13 -41.08
N ALA B 278 -21.49 -39.48 -41.31
CA ALA B 278 -21.66 -38.05 -41.03
C ALA B 278 -22.28 -37.85 -39.66
N VAL B 279 -21.58 -37.14 -38.78
CA VAL B 279 -22.04 -36.96 -37.39
C VAL B 279 -21.83 -35.51 -36.94
N LYS B 280 -22.62 -35.06 -35.97
CA LYS B 280 -22.51 -33.70 -35.45
C LYS B 280 -21.52 -33.67 -34.28
N HIS B 281 -21.71 -34.57 -33.33
CA HIS B 281 -20.83 -34.60 -32.15
C HIS B 281 -20.67 -35.99 -31.58
N VAL B 282 -19.43 -36.36 -31.35
CA VAL B 282 -19.05 -37.59 -30.63
C VAL B 282 -18.66 -37.18 -29.22
N PRO B 283 -19.26 -37.81 -28.22
CA PRO B 283 -18.89 -37.51 -26.84
C PRO B 283 -17.38 -37.56 -26.61
N PHE B 284 -16.87 -36.54 -25.93
CA PHE B 284 -15.44 -36.28 -25.82
C PHE B 284 -14.64 -37.51 -25.44
N ASP B 285 -15.10 -38.23 -24.42
CA ASP B 285 -14.41 -39.45 -23.98
C ASP B 285 -14.36 -40.52 -25.06
N GLN B 286 -15.42 -40.63 -25.86
CA GLN B 286 -15.44 -41.55 -27.00
C GLN B 286 -14.62 -41.02 -28.16
N PHE B 287 -14.62 -39.71 -28.32
CA PHE B 287 -13.87 -39.06 -29.40
C PHE B 287 -12.36 -39.21 -29.25
N ILE B 288 -11.88 -39.15 -28.01
CA ILE B 288 -10.47 -39.34 -27.71
C ILE B 288 -10.03 -40.72 -28.18
N GLN B 289 -10.82 -41.74 -27.87
CA GLN B 289 -10.53 -43.10 -28.33
C GLN B 289 -10.53 -43.20 -29.85
N LEU B 290 -11.46 -42.50 -30.52
CA LEU B 290 -11.48 -42.52 -31.96
C LEU B 290 -10.20 -41.94 -32.57
N VAL B 291 -9.83 -40.73 -32.15
CA VAL B 291 -8.64 -40.08 -32.71
C VAL B 291 -7.34 -40.76 -32.31
N ALA B 292 -7.32 -41.35 -31.12
CA ALA B 292 -6.13 -42.05 -30.62
C ALA B 292 -5.77 -43.29 -31.45
N HIS B 293 -6.77 -43.89 -32.09
CA HIS B 293 -6.61 -45.12 -32.85
C HIS B 293 -6.83 -44.92 -34.36
N ALA B 294 -6.91 -43.67 -34.79
CA ALA B 294 -7.20 -43.34 -36.20
C ALA B 294 -5.98 -43.60 -37.07
N GLY B 295 -6.24 -43.91 -38.35
CA GLY B 295 -5.20 -44.09 -39.34
C GLY B 295 -4.56 -42.76 -39.65
N CYS B 296 -5.41 -41.77 -39.86
CA CYS B 296 -4.99 -40.39 -39.71
C CYS B 296 -6.19 -39.50 -39.51
N ILE B 298 -7.72 -35.61 -40.63
CA ILE B 298 -7.56 -34.60 -41.68
C ILE B 298 -8.51 -33.41 -41.48
N GLY B 299 -8.01 -32.21 -41.76
CA GLY B 299 -8.86 -31.03 -41.80
C GLY B 299 -8.15 -29.86 -41.16
N ASN B 300 -8.83 -29.13 -40.27
CA ASN B 300 -8.21 -28.01 -39.59
C ASN B 300 -8.65 -27.79 -38.15
N SER B 301 -9.06 -28.86 -37.48
CA SER B 301 -9.39 -28.82 -36.07
C SER B 301 -8.16 -28.44 -35.23
N SER B 302 -8.40 -27.80 -34.10
CA SER B 302 -7.35 -27.57 -33.11
C SER B 302 -6.92 -28.87 -32.46
N CYS B 303 -7.81 -29.85 -32.42
CA CYS B 303 -7.49 -31.19 -31.94
C CYS B 303 -6.30 -31.80 -32.72
N GLY B 304 -6.33 -31.66 -34.04
CA GLY B 304 -5.24 -32.14 -34.89
C GLY B 304 -3.87 -31.61 -34.51
N VAL B 305 -3.80 -30.31 -34.27
CA VAL B 305 -2.52 -29.67 -33.95
C VAL B 305 -2.19 -29.61 -32.46
N ARG B 306 -3.17 -29.76 -31.57
CA ARG B 306 -2.93 -29.63 -30.12
C ARG B 306 -3.06 -30.92 -29.31
N GLU B 307 -4.03 -31.76 -29.65
CA GLU B 307 -4.40 -32.89 -28.80
C GLU B 307 -3.81 -34.23 -29.28
N VAL B 308 -4.13 -34.63 -30.50
CA VAL B 308 -3.77 -35.98 -31.00
C VAL B 308 -2.29 -36.36 -31.01
N GLY B 309 -1.40 -35.37 -30.96
CA GLY B 309 0.04 -35.63 -30.80
C GLY B 309 0.32 -36.58 -29.64
N ALA B 310 -0.47 -36.45 -28.58
CA ALA B 310 -0.41 -37.35 -27.41
C ALA B 310 -0.47 -38.83 -27.73
N PHE B 311 -1.14 -39.20 -28.82
CA PHE B 311 -1.21 -40.59 -29.29
C PHE B 311 -0.36 -40.92 -30.51
N GLY B 312 0.31 -39.91 -31.06
CA GLY B 312 1.12 -40.07 -32.27
C GLY B 312 0.32 -40.36 -33.53
N THR B 313 -0.94 -39.91 -33.53
CA THR B 313 -1.82 -40.13 -34.66
C THR B 313 -1.38 -39.21 -35.79
N PRO B 314 -1.19 -39.75 -37.01
CA PRO B 314 -0.85 -38.87 -38.13
C PRO B 314 -1.92 -37.79 -38.38
N VAL B 315 -1.52 -36.58 -38.76
CA VAL B 315 -2.46 -35.47 -39.01
C VAL B 315 -2.16 -34.76 -40.32
N ILE B 316 -3.23 -34.45 -41.08
CA ILE B 316 -3.12 -33.58 -42.26
C ILE B 316 -3.86 -32.30 -41.90
N ASN B 317 -3.12 -31.20 -41.78
CA ASN B 317 -3.72 -29.90 -41.52
C ASN B 317 -3.83 -29.10 -42.82
N LEU B 318 -5.06 -28.81 -43.23
CA LEU B 318 -5.34 -28.14 -44.48
C LEU B 318 -5.66 -26.67 -44.30
N GLY B 319 -5.12 -25.84 -45.18
CA GLY B 319 -5.51 -24.44 -45.25
C GLY B 319 -4.78 -23.52 -44.30
N THR B 320 -5.40 -22.37 -44.05
CA THR B 320 -4.79 -21.27 -43.30
C THR B 320 -5.09 -21.30 -41.82
N ARG B 321 -6.17 -21.99 -41.45
CA ARG B 321 -6.51 -22.16 -40.04
C ARG B 321 -5.49 -23.09 -39.39
N GLN B 322 -4.93 -22.62 -38.27
CA GLN B 322 -3.84 -23.25 -37.51
C GLN B 322 -2.43 -22.92 -38.00
N ILE B 323 -2.28 -22.02 -38.97
CA ILE B 323 -0.94 -21.55 -39.33
C ILE B 323 -0.38 -20.71 -38.20
N GLY B 324 0.75 -21.16 -37.68
CA GLY B 324 1.40 -20.51 -36.54
C GLY B 324 1.22 -21.25 -35.23
N ARG B 325 0.44 -22.33 -35.21
CA ARG B 325 0.36 -23.18 -34.02
C ARG B 325 1.58 -24.09 -33.90
N GLU B 326 1.89 -24.44 -32.66
CA GLU B 326 3.04 -25.27 -32.34
C GLU B 326 2.61 -26.72 -32.57
N THR B 327 3.35 -27.47 -33.39
CA THR B 327 3.00 -28.87 -33.71
C THR B 327 4.20 -29.78 -33.77
N GLY B 328 4.02 -31.01 -33.30
CA GLY B 328 5.04 -32.01 -33.40
C GLY B 328 5.20 -32.58 -34.79
N GLU B 329 6.04 -33.60 -34.85
CA GLU B 329 6.39 -34.26 -36.10
C GLU B 329 5.21 -34.94 -36.81
N ASN B 330 4.16 -35.23 -36.06
CA ASN B 330 2.98 -35.91 -36.59
C ASN B 330 2.14 -35.10 -37.59
N VAL B 331 2.31 -33.76 -37.62
CA VAL B 331 1.47 -32.89 -38.45
C VAL B 331 2.12 -32.51 -39.79
N LEU B 332 1.42 -32.86 -40.87
CA LEU B 332 1.76 -32.43 -42.23
C LEU B 332 0.83 -31.28 -42.66
N HIS B 333 1.41 -30.12 -42.88
CA HIS B 333 0.67 -28.96 -43.37
C HIS B 333 0.57 -28.96 -44.90
N VAL B 334 -0.63 -28.69 -45.42
CA VAL B 334 -0.85 -28.44 -46.84
C VAL B 334 -1.69 -27.16 -46.92
N ARG B 335 -0.99 -26.02 -47.03
CA ARG B 335 -1.62 -24.70 -47.03
C ARG B 335 -2.43 -24.49 -48.29
N ASP B 336 -1.77 -24.68 -49.43
CA ASP B 336 -2.41 -24.47 -50.70
C ASP B 336 -2.96 -25.81 -51.17
N ALA B 337 -4.00 -26.25 -50.49
CA ALA B 337 -4.72 -27.45 -50.88
C ALA B 337 -5.69 -27.04 -51.99
N ASP B 338 -5.12 -26.87 -53.18
CA ASP B 338 -5.82 -26.27 -54.32
C ASP B 338 -6.15 -27.30 -55.43
N THR B 339 -5.76 -28.58 -55.25
CA THR B 339 -6.12 -29.69 -56.16
C THR B 339 -6.45 -30.93 -55.35
N GLN B 340 -7.18 -31.88 -55.95
CA GLN B 340 -7.42 -33.18 -55.29
C GLN B 340 -6.12 -33.97 -55.08
N ASP B 341 -5.21 -33.89 -56.06
CA ASP B 341 -3.97 -34.68 -56.06
C ASP B 341 -3.08 -34.42 -54.84
N LYS B 342 -2.90 -33.14 -54.53
CA LYS B 342 -2.17 -32.75 -53.33
C LYS B 342 -2.74 -33.37 -52.06
N ILE B 343 -4.05 -33.38 -51.93
CA ILE B 343 -4.67 -33.90 -50.72
C ILE B 343 -4.59 -35.42 -50.71
N LEU B 344 -4.85 -36.03 -51.85
CA LEU B 344 -4.79 -37.49 -51.99
C LEU B 344 -3.38 -38.01 -51.71
N GLN B 345 -2.37 -37.25 -52.12
CA GLN B 345 -0.98 -37.54 -51.80
C GLN B 345 -0.71 -37.50 -50.31
N ALA B 346 -1.10 -36.39 -49.66
CA ALA B 346 -0.96 -36.26 -48.20
C ALA B 346 -1.60 -37.45 -47.45
N LEU B 347 -2.75 -37.93 -47.95
CA LEU B 347 -3.39 -39.13 -47.39
C LEU B 347 -2.53 -40.39 -47.52
N HIS B 348 -2.00 -40.65 -48.72
CA HIS B 348 -1.08 -41.79 -48.91
C HIS B 348 0.14 -41.72 -47.99
N LEU B 349 0.74 -40.54 -47.90
CA LEU B 349 1.91 -40.32 -47.04
C LEU B 349 1.65 -40.64 -45.57
N GLN B 350 0.51 -40.20 -45.07
CA GLN B 350 0.26 -40.18 -43.64
C GLN B 350 -0.59 -41.31 -43.10
N PHE B 351 -1.53 -41.79 -43.91
CA PHE B 351 -2.45 -42.82 -43.43
C PHE B 351 -1.70 -44.06 -42.95
N GLY B 352 -1.95 -44.41 -41.69
CA GLY B 352 -1.44 -45.63 -41.10
C GLY B 352 -0.04 -45.54 -40.51
N LYS B 353 0.52 -44.35 -40.43
CA LYS B 353 1.82 -44.16 -39.79
C LYS B 353 1.64 -44.06 -38.29
N GLN B 354 2.76 -44.16 -37.57
CA GLN B 354 2.78 -44.00 -36.12
C GLN B 354 3.94 -43.13 -35.67
N TYR B 355 3.63 -41.98 -35.07
CA TYR B 355 4.66 -41.08 -34.56
C TYR B 355 4.84 -41.26 -33.05
N PRO B 356 5.93 -40.71 -32.48
CA PRO B 356 6.09 -40.69 -31.03
C PRO B 356 5.05 -39.84 -30.29
N CYS B 357 4.81 -40.14 -29.02
CA CYS B 357 3.79 -39.44 -28.22
C CYS B 357 4.32 -38.13 -27.61
N SER B 358 3.82 -37.00 -28.09
CA SER B 358 4.22 -35.66 -27.62
C SER B 358 3.34 -35.12 -26.48
N LYS B 359 3.88 -34.17 -25.71
CA LYS B 359 3.17 -33.55 -24.58
C LYS B 359 3.32 -32.03 -24.54
N ILE B 360 3.18 -31.39 -25.70
CA ILE B 360 3.49 -29.96 -25.83
C ILE B 360 2.48 -29.09 -25.07
N TYR B 361 1.21 -29.41 -25.23
CA TYR B 361 0.11 -28.61 -24.67
C TYR B 361 -0.34 -29.05 -23.26
N GLY B 362 0.35 -30.01 -22.63
CA GLY B 362 0.01 -30.39 -21.27
C GLY B 362 0.77 -31.54 -20.64
N ASP B 363 0.78 -31.53 -19.33
CA ASP B 363 1.42 -32.53 -18.47
C ASP B 363 0.37 -33.41 -17.71
N GLY B 364 -0.92 -33.08 -17.86
CA GLY B 364 -2.00 -33.82 -17.20
C GLY B 364 -2.42 -33.34 -15.80
N ASN B 365 -1.79 -32.29 -15.28
CA ASN B 365 -2.14 -31.69 -13.98
C ASN B 365 -2.51 -30.21 -14.04
N ALA B 366 -3.26 -29.85 -15.06
CA ALA B 366 -3.70 -28.47 -15.24
C ALA B 366 -4.70 -28.07 -14.16
N VAL B 367 -5.67 -28.93 -13.87
CA VAL B 367 -6.78 -28.56 -13.00
C VAL B 367 -6.32 -28.24 -11.58
N PRO B 368 -5.54 -29.13 -10.93
CA PRO B 368 -5.09 -28.81 -9.57
C PRO B 368 -4.28 -27.51 -9.46
N ARG B 369 -3.47 -27.20 -10.48
CA ARG B 369 -2.75 -25.93 -10.54
C ARG B 369 -3.72 -24.75 -10.65
N ILE B 370 -4.77 -24.93 -11.45
CA ILE B 370 -5.79 -23.91 -11.62
C ILE B 370 -6.55 -23.68 -10.33
N LEU B 371 -6.93 -24.76 -9.64
CA LEU B 371 -7.65 -24.63 -8.37
C LEU B 371 -6.85 -23.83 -7.33
N LYS B 372 -5.56 -24.11 -7.24
CA LYS B 372 -4.70 -23.33 -6.37
C LYS B 372 -4.67 -21.85 -6.76
N PHE B 373 -4.57 -21.57 -8.05
CA PHE B 373 -4.50 -20.20 -8.57
C PHE B 373 -5.77 -19.44 -8.24
N LEU B 374 -6.92 -20.10 -8.34
CA LEU B 374 -8.19 -19.53 -7.89
C LEU B 374 -8.24 -19.21 -6.38
N LYS B 375 -7.73 -20.11 -5.54
CA LYS B 375 -7.71 -19.86 -4.09
C LYS B 375 -6.73 -18.74 -3.69
N SER B 376 -5.69 -18.54 -4.50
CA SER B 376 -4.68 -17.50 -4.25
C SER B 376 -5.23 -16.09 -4.44
N ILE B 377 -6.23 -15.96 -5.29
CA ILE B 377 -6.82 -14.67 -5.59
C ILE B 377 -7.39 -14.08 -4.32
N ASP B 378 -6.82 -12.97 -3.89
CA ASP B 378 -7.32 -12.18 -2.76
C ASP B 378 -8.25 -11.12 -3.37
N LEU B 379 -9.40 -10.91 -2.72
CA LEU B 379 -10.49 -10.11 -3.29
C LEU B 379 -10.43 -8.63 -2.87
N GLN B 380 -9.35 -7.94 -3.27
CA GLN B 380 -9.15 -6.51 -2.99
C GLN B 380 -8.49 -5.75 -4.15
N GLU B 381 -9.24 -5.48 -5.22
CA GLU B 381 -8.95 -4.36 -6.12
C GLU B 381 -10.22 -4.05 -6.94
N PRO B 382 -10.50 -4.59 -8.16
CA PRO B 382 -9.59 -5.07 -9.20
C PRO B 382 -9.34 -3.96 -10.22
N LEU B 383 -8.21 -4.04 -10.90
CA LEU B 383 -7.95 -3.20 -12.06
C LEU B 383 -6.73 -3.82 -12.72
N GLN B 384 -6.82 -3.97 -14.04
CA GLN B 384 -5.75 -4.61 -14.78
C GLN B 384 -4.54 -3.65 -14.82
N LYS B 385 -3.34 -4.21 -14.77
CA LYS B 385 -2.12 -3.42 -14.92
C LYS B 385 -1.47 -3.87 -16.26
N LYS B 386 -0.99 -2.88 -17.00
CA LYS B 386 -0.46 -3.07 -18.34
C LYS B 386 0.99 -2.67 -18.31
N PHE B 387 1.89 -3.65 -18.37
CA PHE B 387 3.32 -3.45 -18.27
C PHE B 387 3.94 -2.95 -19.58
N CYS B 388 3.87 -1.63 -19.77
CA CYS B 388 4.39 -0.96 -20.97
C CYS B 388 5.70 -0.43 -20.42
N PHE B 389 6.81 -0.47 -21.13
CA PHE B 389 8.07 0.12 -20.62
C PHE B 389 8.96 0.58 -21.76
N ASN C 6 12.28 32.75 55.20
CA ASN C 6 11.94 33.70 54.08
C ASN C 6 11.91 32.99 52.68
N ASN C 7 11.31 33.66 51.70
CA ASN C 7 10.83 33.04 50.43
C ASN C 7 11.90 32.34 49.58
N ARG C 8 11.84 31.00 49.51
CA ARG C 8 12.90 30.23 48.87
C ARG C 8 12.71 30.22 47.35
N LYS C 9 13.75 30.62 46.62
CA LYS C 9 13.69 30.73 45.15
C LYS C 9 13.72 29.36 44.53
N LEU C 10 13.04 29.23 43.39
CA LEU C 10 13.02 27.98 42.64
C LEU C 10 14.29 27.88 41.78
N ARG C 11 15.09 26.83 42.00
CA ARG C 11 16.34 26.63 41.25
C ARG C 11 16.00 25.92 39.95
N VAL C 12 16.17 26.62 38.83
CA VAL C 12 15.83 26.08 37.51
C VAL C 12 17.07 25.90 36.66
N CYS C 13 17.23 24.70 36.15
CA CYS C 13 18.30 24.39 35.23
C CYS C 13 17.69 24.24 33.85
N VAL C 14 18.21 24.96 32.86
CA VAL C 14 17.77 24.79 31.48
C VAL C 14 18.97 24.29 30.70
N ALA C 15 18.83 23.13 30.09
CA ALA C 15 19.86 22.60 29.23
C ALA C 15 19.40 22.82 27.80
N THR C 16 20.32 23.31 26.97
CA THR C 16 20.09 23.58 25.57
C THR C 16 21.17 22.82 24.81
N CYS C 17 20.78 22.13 23.72
CA CYS C 17 21.70 21.29 22.95
C CYS C 17 21.83 21.68 21.49
N ASN C 18 20.87 22.43 20.97
CA ASN C 18 20.78 22.70 19.56
C ASN C 18 19.94 23.95 19.40
N ARG C 19 20.19 24.69 18.32
CA ARG C 19 19.35 25.85 17.98
C ARG C 19 17.85 25.49 17.91
N ALA C 20 17.55 24.23 17.61
CA ALA C 20 16.19 23.77 17.49
C ALA C 20 15.43 23.83 18.79
N ASP C 21 16.12 23.67 19.90
CA ASP C 21 15.48 23.92 21.19
C ASP C 21 15.67 25.35 21.66
N TYR C 22 16.81 25.96 21.29
CA TYR C 22 17.17 27.26 21.81
C TYR C 22 16.21 28.33 21.34
N SER C 23 15.61 28.17 20.17
CA SER C 23 14.61 29.12 19.69
C SER C 23 13.36 29.14 20.58
N LYS C 24 13.06 28.02 21.21
CA LYS C 24 11.86 27.87 22.04
C LYS C 24 12.16 27.90 23.51
N LEU C 25 13.42 27.76 23.90
CA LEU C 25 13.79 27.89 25.30
C LEU C 25 14.29 29.27 25.65
N ALA C 26 14.94 29.97 24.73
CA ALA C 26 15.47 31.29 25.04
C ALA C 26 14.41 32.22 25.64
N PRO C 27 13.19 32.27 25.06
CA PRO C 27 12.15 33.13 25.63
C PRO C 27 11.86 32.82 27.09
N ILE C 28 11.88 31.53 27.45
CA ILE C 28 11.62 31.13 28.83
C ILE C 28 12.79 31.54 29.73
N PHE C 30 14.80 34.03 29.20
CA PHE C 30 14.64 35.48 29.39
C PHE C 30 13.58 35.82 30.44
N GLY C 31 12.47 35.09 30.43
CA GLY C 31 11.42 35.28 31.41
C GLY C 31 11.89 35.01 32.82
N ILE C 32 12.56 33.88 33.00
CA ILE C 32 13.05 33.46 34.31
C ILE C 32 14.08 34.45 34.85
N LYS C 33 15.00 34.86 33.99
CA LYS C 33 16.02 35.82 34.35
C LYS C 33 15.46 37.20 34.71
N THR C 34 14.34 37.61 34.09
CA THR C 34 13.70 38.89 34.46
C THR C 34 12.99 38.88 35.82
N GLU C 35 12.84 37.72 36.45
CA GLU C 35 12.26 37.63 37.80
C GLU C 35 13.22 36.95 38.77
N PRO C 36 14.32 37.64 39.14
CA PRO C 36 15.24 37.12 40.13
C PRO C 36 14.64 36.85 41.51
N GLU C 37 13.48 37.42 41.83
CA GLU C 37 12.93 37.32 43.18
C GLU C 37 12.28 35.95 43.38
N PHE C 38 11.81 35.32 42.30
CA PHE C 38 11.16 34.00 42.34
C PHE C 38 11.99 32.83 41.76
N PHE C 39 13.02 33.12 40.98
CA PHE C 39 13.79 32.07 40.29
C PHE C 39 15.31 32.26 40.34
N GLU C 40 16.05 31.16 40.56
CA GLU C 40 17.49 31.09 40.25
C GLU C 40 17.63 30.27 38.96
N LEU C 41 18.48 30.75 38.04
CA LEU C 41 18.69 30.09 36.73
C LEU C 41 20.14 29.62 36.51
N ASP C 42 20.30 28.33 36.16
CA ASP C 42 21.60 27.76 35.73
C ASP C 42 21.45 27.22 34.35
N VAL C 43 22.33 27.66 33.46
CA VAL C 43 22.28 27.26 32.07
C VAL C 43 23.36 26.23 31.78
N VAL C 44 22.96 25.12 31.17
CA VAL C 44 23.90 24.08 30.69
C VAL C 44 23.88 23.98 29.16
N VAL C 45 25.07 24.08 28.55
CA VAL C 45 25.20 24.00 27.10
C VAL C 45 25.92 22.72 26.73
N LEU C 46 25.34 21.97 25.81
CA LEU C 46 25.91 20.72 25.37
C LEU C 46 25.51 20.42 23.93
N GLY C 47 25.85 19.24 23.45
CA GLY C 47 25.41 18.82 22.13
C GLY C 47 25.96 19.66 20.98
N SER C 48 25.09 19.89 19.98
CA SER C 48 25.41 20.56 18.73
C SER C 48 25.96 21.96 18.89
N HIS C 49 25.55 22.64 19.94
CA HIS C 49 26.01 24.00 20.20
C HIS C 49 27.54 24.15 20.14
N LEU C 50 28.28 23.12 20.55
CA LEU C 50 29.74 23.21 20.60
C LEU C 50 30.43 22.71 19.33
N ILE C 51 29.72 22.61 18.20
CA ILE C 51 30.27 21.95 17.03
C ILE C 51 30.30 22.91 15.88
N ASP C 52 31.48 23.16 15.34
CA ASP C 52 31.68 24.02 14.20
C ASP C 52 30.73 23.70 13.03
N ASP C 53 30.56 22.41 12.69
CA ASP C 53 29.65 22.04 11.59
C ASP C 53 28.25 22.57 11.75
N TYR C 54 27.79 22.68 12.98
CA TYR C 54 26.48 23.23 13.28
C TYR C 54 26.42 24.77 13.48
N GLY C 55 27.57 25.45 13.36
CA GLY C 55 27.65 26.91 13.35
C GLY C 55 28.13 27.58 14.63
N ASN C 56 28.87 26.84 15.43
CA ASN C 56 29.11 27.20 16.86
C ASN C 56 27.97 27.99 17.55
N THR C 57 26.77 27.39 17.61
CA THR C 57 25.60 28.12 18.09
C THR C 57 25.55 28.38 19.58
N TYR C 58 26.53 27.90 20.34
CA TYR C 58 26.73 28.40 21.73
C TYR C 58 26.92 29.92 21.74
N ARG C 59 27.46 30.47 20.66
CA ARG C 59 27.64 31.92 20.52
C ARG C 59 26.32 32.69 20.62
N ILE C 61 23.91 31.92 22.51
CA ILE C 61 23.61 31.95 23.93
C ILE C 61 24.48 33.04 24.57
N GLU C 62 25.76 33.08 24.22
CA GLU C 62 26.66 34.14 24.71
C GLU C 62 26.17 35.54 24.32
N GLN C 63 25.72 35.70 23.08
CA GLN C 63 25.20 36.99 22.60
C GLN C 63 23.86 37.46 23.19
N ASP C 64 23.11 36.53 23.78
CA ASP C 64 21.89 36.86 24.54
C ASP C 64 22.21 37.19 25.99
N ASP C 65 23.50 37.18 26.34
CA ASP C 65 24.01 37.55 27.68
C ASP C 65 23.65 36.60 28.80
N PHE C 66 23.48 35.31 28.50
CA PHE C 66 23.28 34.33 29.56
C PHE C 66 24.63 33.84 30.09
N ASP C 67 24.77 33.74 31.41
CA ASP C 67 25.95 33.14 32.02
C ASP C 67 25.81 31.65 31.86
N ILE C 68 26.71 31.06 31.09
CA ILE C 68 26.73 29.62 30.91
C ILE C 68 27.51 29.00 32.08
N ASN C 69 26.82 28.25 32.93
CA ASN C 69 27.47 27.57 34.06
C ASN C 69 28.43 26.48 33.59
N THR C 70 27.92 25.60 32.74
CA THR C 70 28.61 24.38 32.34
C THR C 70 28.49 24.13 30.83
N ARG C 71 29.58 23.66 30.22
CA ARG C 71 29.65 23.25 28.82
C ARG C 71 30.07 21.80 28.77
N LEU C 72 29.36 20.98 28.01
CA LEU C 72 29.69 19.57 27.87
C LEU C 72 29.80 19.14 26.42
N HIS C 73 30.95 18.60 26.01
CA HIS C 73 31.07 17.91 24.73
C HIS C 73 30.28 16.58 24.86
N THR C 74 29.12 16.45 24.22
CA THR C 74 28.34 15.22 24.32
C THR C 74 28.04 14.53 23.01
N ILE C 75 28.69 14.92 21.93
CA ILE C 75 28.43 14.32 20.65
C ILE C 75 29.57 13.46 20.18
N VAL C 76 29.22 12.22 19.85
CA VAL C 76 30.15 11.27 19.28
C VAL C 76 30.07 11.43 17.79
N ARG C 77 31.23 11.38 17.16
CA ARG C 77 31.40 11.76 15.79
C ARG C 77 31.18 10.55 14.99
N GLY C 78 30.68 10.74 13.78
CA GLY C 78 30.22 9.63 12.95
C GLY C 78 29.00 9.93 12.11
N GLU C 79 28.19 10.87 12.55
CA GLU C 79 27.04 11.36 11.81
C GLU C 79 26.19 10.22 11.24
N ASP C 80 25.93 9.23 12.09
CA ASP C 80 25.11 8.08 11.78
C ASP C 80 24.35 7.65 13.02
N GLU C 81 23.58 6.60 12.89
CA GLU C 81 22.68 6.16 13.94
C GLU C 81 23.45 5.66 15.15
N ALA C 82 24.50 4.88 14.94
CA ALA C 82 25.34 4.46 16.04
C ALA C 82 25.85 5.64 16.84
N ALA C 83 26.33 6.68 16.16
CA ALA C 83 26.87 7.87 16.82
C ALA C 83 25.80 8.62 17.57
N VAL C 85 23.33 7.30 19.10
CA VAL C 85 23.09 6.59 20.32
C VAL C 85 24.23 6.79 21.30
N GLU C 86 25.45 6.75 20.82
CA GLU C 86 26.63 6.95 21.67
C GLU C 86 26.65 8.37 22.28
N SER C 87 26.15 9.33 21.52
CA SER C 87 25.95 10.69 22.00
C SER C 87 24.99 10.76 23.20
N VAL C 88 23.90 10.01 23.16
CA VAL C 88 22.97 9.98 24.26
C VAL C 88 23.67 9.42 25.48
N GLY C 89 24.42 8.34 25.26
CA GLY C 89 25.20 7.75 26.33
C GLY C 89 26.26 8.64 26.91
N LEU C 90 26.88 9.46 26.06
CA LEU C 90 27.93 10.37 26.51
C LEU C 90 27.35 11.45 27.44
N ALA C 91 26.17 11.95 27.10
CA ALA C 91 25.48 12.93 27.96
C ALA C 91 25.14 12.28 29.29
N LEU C 92 24.72 11.03 29.25
CA LEU C 92 24.33 10.34 30.46
C LEU C 92 25.47 10.03 31.37
N VAL C 93 26.68 9.80 30.87
CA VAL C 93 27.84 9.65 31.79
C VAL C 93 28.34 10.98 32.36
N LYS C 94 28.18 12.05 31.59
CA LYS C 94 28.65 13.38 31.98
C LYS C 94 27.67 14.16 32.84
N LEU C 95 26.37 14.03 32.62
CA LEU C 95 25.38 14.89 33.32
C LEU C 95 25.22 14.68 34.82
N PRO C 96 25.15 13.44 35.31
CA PRO C 96 24.80 13.28 36.73
C PRO C 96 25.65 14.02 37.73
N ASP C 97 26.96 14.09 37.51
CA ASP C 97 27.81 14.87 38.41
C ASP C 97 27.54 16.38 38.30
N VAL C 98 27.20 16.86 37.11
CA VAL C 98 26.82 18.29 36.95
C VAL C 98 25.51 18.59 37.69
N LEU C 99 24.54 17.69 37.57
CA LEU C 99 23.28 17.84 38.26
C LEU C 99 23.37 17.74 39.78
N ASN C 100 24.23 16.87 40.31
CA ASN C 100 24.49 16.86 41.75
C ASN C 100 25.09 18.18 42.23
N ARG C 101 25.95 18.78 41.42
CA ARG C 101 26.57 20.06 41.75
C ARG C 101 25.53 21.19 41.70
N LEU C 102 24.80 21.30 40.59
CA LEU C 102 23.84 22.39 40.42
C LEU C 102 22.58 22.33 41.29
N LYS C 103 22.23 21.13 41.74
CA LYS C 103 21.10 20.90 42.67
C LYS C 103 19.81 21.62 42.28
N PRO C 104 19.34 21.38 41.05
CA PRO C 104 18.13 22.04 40.55
C PRO C 104 16.85 21.48 41.16
N ASP C 105 15.84 22.33 41.32
CA ASP C 105 14.52 21.89 41.73
C ASP C 105 13.73 21.36 40.55
N ILE C 106 13.98 21.93 39.39
CA ILE C 106 13.32 21.49 38.19
C ILE C 106 14.22 21.72 36.99
N ILE C 108 14.14 22.08 32.72
CA ILE C 108 13.33 22.31 31.52
C ILE C 108 13.96 21.57 30.35
N VAL C 109 13.15 20.73 29.72
CA VAL C 109 13.57 19.94 28.57
C VAL C 109 12.62 20.23 27.43
N HIS C 110 13.16 20.45 26.24
CA HIS C 110 12.34 20.72 25.09
C HIS C 110 12.45 19.61 24.04
N GLY C 111 11.29 19.26 23.49
CA GLY C 111 11.22 18.65 22.19
C GLY C 111 11.35 17.15 22.11
N ASP C 112 11.97 16.71 21.01
CA ASP C 112 11.88 15.33 20.51
C ASP C 112 13.20 14.73 20.03
N ARG C 113 14.31 15.41 20.26
CA ARG C 113 15.62 14.95 19.80
C ARG C 113 16.30 14.02 20.82
N PHE C 114 17.22 13.21 20.30
CA PHE C 114 17.91 12.21 21.11
C PHE C 114 18.48 12.82 22.39
N ASP C 115 19.02 14.02 22.26
CA ASP C 115 19.60 14.79 23.34
C ASP C 115 18.62 15.04 24.46
N ALA C 116 17.37 15.34 24.14
CA ALA C 116 16.35 15.59 25.17
C ALA C 116 16.02 14.33 25.97
N LEU C 117 16.14 13.17 25.34
CA LEU C 117 15.85 11.92 25.99
C LEU C 117 16.92 11.62 27.02
N ALA C 118 18.16 12.02 26.74
CA ALA C 118 19.24 11.92 27.72
C ALA C 118 18.99 12.78 28.93
N LEU C 119 18.57 14.01 28.68
CA LEU C 119 18.26 14.94 29.74
C LEU C 119 17.10 14.44 30.59
N ALA C 120 16.02 14.03 29.93
CA ALA C 120 14.84 13.53 30.67
C ALA C 120 15.20 12.30 31.51
N THR C 121 15.98 11.41 30.93
CA THR C 121 16.35 10.17 31.59
C THR C 121 17.14 10.46 32.85
N SER C 122 18.14 11.33 32.71
CA SER C 122 19.03 11.64 33.82
C SER C 122 18.27 12.33 34.94
N ALA C 123 17.43 13.30 34.61
CA ALA C 123 16.61 13.98 35.62
C ALA C 123 15.66 13.02 36.34
N ALA C 124 14.97 12.20 35.57
CA ALA C 124 13.96 11.28 36.12
C ALA C 124 14.58 10.28 37.07
N LEU C 125 15.70 9.71 36.67
CA LEU C 125 16.34 8.70 37.50
C LEU C 125 17.03 9.28 38.72
N ASN C 127 15.53 11.77 40.44
CA ASN C 127 14.47 12.45 41.15
C ASN C 127 14.47 13.96 41.04
N ILE C 128 14.88 14.47 39.89
CA ILE C 128 14.77 15.88 39.62
C ILE C 128 13.52 16.05 38.76
N ARG C 129 12.66 17.00 39.14
CA ARG C 129 11.47 17.32 38.37
C ARG C 129 11.78 17.82 36.96
N ILE C 130 10.87 17.53 36.02
CA ILE C 130 11.04 17.82 34.61
C ILE C 130 9.82 18.57 34.09
N LEU C 131 10.08 19.70 33.45
CA LEU C 131 9.09 20.41 32.69
C LEU C 131 9.42 20.13 31.24
N HIS C 132 8.54 19.38 30.58
CA HIS C 132 8.72 19.05 29.16
C HIS C 132 7.92 19.96 28.25
N ILE C 133 8.63 20.70 27.39
CA ILE C 133 8.01 21.64 26.44
C ILE C 133 7.77 20.96 25.09
N GLU C 134 6.60 21.22 24.48
CA GLU C 134 6.23 20.78 23.13
C GLU C 134 5.90 19.29 23.08
N GLY C 135 5.14 18.85 24.07
CA GLY C 135 4.91 17.45 24.34
C GLY C 135 3.92 16.68 23.46
N GLY C 136 2.77 17.23 23.15
CA GLY C 136 1.72 16.37 22.58
C GLY C 136 1.58 16.22 21.06
N GLU C 137 2.63 16.55 20.31
CA GLU C 137 2.53 16.73 18.88
C GLU C 137 2.88 15.45 18.14
N VAL C 138 2.65 15.47 16.83
CA VAL C 138 2.81 14.34 15.93
C VAL C 138 3.61 14.77 14.72
N SER C 139 4.70 14.06 14.41
CA SER C 139 5.54 14.41 13.25
C SER C 139 5.90 13.22 12.34
N GLY C 140 5.38 12.03 12.62
CA GLY C 140 5.56 10.88 11.75
C GLY C 140 6.97 10.43 11.41
N THR C 141 7.91 10.53 12.36
CA THR C 141 9.19 9.83 12.26
C THR C 141 9.47 9.15 13.60
N ILE C 142 10.65 8.56 13.72
CA ILE C 142 11.15 8.09 15.02
C ILE C 142 10.96 9.13 16.14
N ASP C 143 10.92 10.41 15.78
CA ASP C 143 10.78 11.49 16.77
C ASP C 143 9.49 11.38 17.60
N ASP C 144 8.42 10.90 16.99
CA ASP C 144 7.18 10.57 17.75
C ASP C 144 7.53 9.67 18.93
N SER C 145 8.24 8.57 18.66
CA SER C 145 8.64 7.65 19.71
C SER C 145 9.38 8.34 20.85
N ILE C 146 10.36 9.16 20.48
CA ILE C 146 11.21 9.84 21.44
C ILE C 146 10.37 10.85 22.21
N ARG C 147 9.57 11.62 21.49
CA ARG C 147 8.78 12.65 22.14
C ARG C 147 7.91 12.03 23.19
N HIS C 148 7.22 10.96 22.83
CA HIS C 148 6.27 10.34 23.75
C HIS C 148 6.95 9.56 24.90
N ALA C 149 8.19 9.13 24.71
CA ALA C 149 8.92 8.50 25.79
C ALA C 149 9.35 9.56 26.80
N ILE C 150 9.78 10.72 26.31
CA ILE C 150 10.08 11.86 27.19
C ILE C 150 8.85 12.28 28.01
N THR C 151 7.69 12.34 27.37
CA THR C 151 6.41 12.66 28.05
C THR C 151 6.22 11.76 29.28
N LYS C 152 6.51 10.47 29.11
CA LYS C 152 6.30 9.52 30.18
C LYS C 152 7.26 9.69 31.36
N LEU C 153 8.45 10.16 31.08
CA LEU C 153 9.42 10.42 32.13
C LEU C 153 9.08 11.69 32.86
N ALA C 154 8.59 12.67 32.10
CA ALA C 154 8.39 14.03 32.58
C ALA C 154 7.21 14.18 33.52
N HIS C 155 7.42 15.01 34.53
CA HIS C 155 6.49 15.20 35.59
C HIS C 155 5.51 16.32 35.29
N TYR C 156 5.95 17.32 34.53
CA TYR C 156 5.13 18.46 34.14
C TYR C 156 5.25 18.68 32.65
N HIS C 157 4.13 19.08 32.04
CA HIS C 157 4.00 19.16 30.60
C HIS C 157 3.47 20.52 30.15
N VAL C 158 4.13 21.10 29.16
CA VAL C 158 3.71 22.36 28.56
C VAL C 158 3.47 22.15 27.08
N CYS C 159 2.22 22.13 26.65
CA CYS C 159 1.92 21.92 25.24
C CYS C 159 1.47 23.20 24.54
N CYS C 160 1.52 23.18 23.21
CA CYS C 160 1.33 24.36 22.38
C CYS C 160 -0.01 24.49 21.66
N THR C 161 -0.81 23.42 21.66
CA THR C 161 -2.13 23.40 21.01
C THR C 161 -3.13 22.58 21.83
N ARG C 162 -4.40 22.71 21.52
CA ARG C 162 -5.44 21.95 22.21
C ARG C 162 -5.37 20.47 21.85
N SER C 163 -5.06 20.19 20.58
CA SER C 163 -4.92 18.82 20.10
C SER C 163 -3.71 18.08 20.75
N ALA C 164 -2.60 18.80 20.95
CA ALA C 164 -1.47 18.28 21.75
C ALA C 164 -1.85 17.99 23.21
N GLU C 165 -2.66 18.86 23.82
CA GLU C 165 -3.16 18.63 25.17
C GLU C 165 -4.00 17.37 25.23
N GLN C 166 -4.90 17.17 24.26
CA GLN C 166 -5.74 15.97 24.24
C GLN C 166 -4.93 14.70 24.01
N HIS C 167 -3.89 14.78 23.20
CA HIS C 167 -3.00 13.64 23.01
C HIS C 167 -2.32 13.23 24.30
N LEU C 168 -1.80 14.20 25.06
CA LEU C 168 -1.19 13.90 26.36
C LEU C 168 -2.19 13.24 27.31
N ILE C 169 -3.43 13.76 27.34
CA ILE C 169 -4.47 13.17 28.20
C ILE C 169 -4.83 11.77 27.70
N SER C 170 -4.92 11.59 26.38
CA SER C 170 -5.17 10.24 25.81
C SER C 170 -4.05 9.27 26.13
N CYS C 172 -2.68 8.98 28.78
CA CYS C 172 -2.80 8.77 30.23
C CYS C 172 -1.96 9.68 31.14
N GLU C 173 -1.69 10.92 30.72
CA GLU C 173 -1.04 11.89 31.60
C GLU C 173 -2.10 12.62 32.43
N ASP C 174 -1.65 13.04 33.61
CA ASP C 174 -2.48 13.72 34.61
C ASP C 174 -2.75 15.11 34.08
N HIS C 175 -4.03 15.45 33.89
CA HIS C 175 -4.39 16.75 33.36
C HIS C 175 -3.95 17.92 34.28
N ASP C 176 -3.92 17.69 35.60
CA ASP C 176 -3.38 18.64 36.59
C ASP C 176 -1.93 19.06 36.34
N ARG C 177 -1.15 18.22 35.68
CA ARG C 177 0.25 18.51 35.37
C ARG C 177 0.49 18.93 33.90
N ILE C 178 -0.58 19.32 33.19
CA ILE C 178 -0.50 19.83 31.82
C ILE C 178 -0.90 21.31 31.82
N LEU C 179 -0.09 22.13 31.15
CA LEU C 179 -0.39 23.52 30.92
C LEU C 179 -0.43 23.76 29.40
N LEU C 180 -1.53 24.32 28.91
CA LEU C 180 -1.64 24.68 27.51
C LEU C 180 -1.23 26.13 27.41
N ALA C 181 -0.01 26.39 26.96
CA ALA C 181 0.58 27.73 26.95
C ALA C 181 0.73 28.38 25.57
N GLY C 182 0.82 27.56 24.54
CA GLY C 182 1.36 27.99 23.26
C GLY C 182 2.86 27.74 23.22
N CYS C 183 3.39 27.72 22.02
CA CYS C 183 4.82 27.60 21.78
C CYS C 183 5.46 28.93 22.15
N PRO C 184 6.58 28.88 22.90
CA PRO C 184 7.27 30.13 23.19
C PRO C 184 7.82 30.88 21.96
N SER C 185 8.08 30.20 20.84
CA SER C 185 8.58 30.85 19.61
C SER C 185 7.63 31.93 19.12
N TYR C 186 6.35 31.74 19.40
CA TYR C 186 5.31 32.75 19.12
C TYR C 186 5.41 34.02 19.93
N ASP C 187 5.93 33.94 21.14
CA ASP C 187 6.28 35.15 21.91
C ASP C 187 7.19 36.07 21.10
N LYS C 188 8.13 35.50 20.37
CA LYS C 188 9.00 36.26 19.49
C LYS C 188 8.42 36.58 18.12
N LEU C 189 7.69 35.63 17.52
CA LEU C 189 7.05 35.83 16.20
C LEU C 189 6.02 36.95 16.22
N LEU C 190 5.11 36.91 17.19
CA LEU C 190 4.02 37.89 17.28
C LEU C 190 4.46 39.22 17.94
N SER C 191 5.70 39.26 18.49
CA SER C 191 6.37 40.49 18.94
C SER C 191 7.50 40.92 17.99
N ALA C 192 7.47 40.44 16.74
CA ALA C 192 8.59 40.64 15.82
C ALA C 192 8.63 42.02 15.18
N LYS C 193 9.34 42.90 15.88
CA LYS C 193 10.21 43.94 15.28
C LYS C 193 10.50 43.60 13.82
N ASN C 194 9.66 44.03 12.86
CA ASN C 194 10.22 44.25 11.53
C ASN C 194 11.05 45.54 11.41
N LYS C 195 12.34 45.37 11.67
CA LYS C 195 13.34 46.40 11.55
C LYS C 195 13.53 46.64 10.02
N ASP C 196 14.65 47.24 9.61
CA ASP C 196 15.10 47.09 8.23
C ASP C 196 15.23 45.59 7.89
N TYR C 197 14.11 45.00 7.48
CA TYR C 197 14.06 43.62 7.01
C TYR C 197 14.73 43.45 5.64
N SER C 199 17.52 44.96 4.72
CA SER C 199 18.97 44.83 4.91
C SER C 199 19.36 43.51 5.52
N ILE C 200 18.40 42.84 6.14
CA ILE C 200 18.58 41.42 6.54
C ILE C 200 18.42 40.51 5.33
N ILE C 201 17.48 40.80 4.44
CA ILE C 201 17.39 40.07 3.16
C ILE C 201 18.71 40.21 2.37
N ARG C 202 19.25 41.41 2.33
CA ARG C 202 20.52 41.66 1.61
C ARG C 202 21.72 40.95 2.17
N TRP C 204 21.82 38.14 3.93
CA TRP C 204 21.74 36.67 3.81
C TRP C 204 21.44 36.12 2.41
N LEU C 205 20.85 36.89 1.52
CA LEU C 205 20.57 36.41 0.17
C LEU C 205 21.33 37.10 -0.96
N GLY C 206 21.74 38.36 -0.76
CA GLY C 206 22.47 39.12 -1.77
C GLY C 206 21.84 40.47 -2.02
N ASP C 207 22.61 41.34 -2.64
CA ASP C 207 22.26 42.78 -2.74
C ASP C 207 21.01 43.12 -3.54
N ASP C 208 20.71 42.29 -4.53
CA ASP C 208 19.72 42.62 -5.57
C ASP C 208 18.39 41.84 -5.39
N VAL C 209 18.16 41.32 -4.20
CA VAL C 209 17.01 40.46 -3.92
C VAL C 209 15.86 41.31 -3.37
N LYS C 210 14.65 41.06 -3.86
CA LYS C 210 13.44 41.77 -3.44
C LYS C 210 12.55 40.93 -2.57
N SER C 211 11.86 41.57 -1.63
CA SER C 211 10.91 40.90 -0.74
C SER C 211 9.99 39.99 -1.53
N LYS C 212 9.67 38.83 -0.96
CA LYS C 212 8.84 37.80 -1.60
C LYS C 212 9.35 37.24 -2.91
N ASP C 213 10.62 37.46 -3.24
CA ASP C 213 11.19 36.93 -4.47
C ASP C 213 12.34 35.94 -4.22
N TYR C 214 12.37 35.33 -3.04
CA TYR C 214 13.41 34.35 -2.70
C TYR C 214 12.84 33.13 -1.97
N ILE C 215 13.66 32.08 -1.88
CA ILE C 215 13.25 30.83 -1.27
C ILE C 215 14.19 30.51 -0.11
N VAL C 216 13.62 30.00 0.97
CA VAL C 216 14.36 29.47 2.10
C VAL C 216 14.20 27.95 2.04
N ALA C 217 15.30 27.23 1.84
CA ALA C 217 15.28 25.78 1.72
C ALA C 217 15.94 25.10 2.92
N LEU C 218 15.17 24.31 3.65
CA LEU C 218 15.65 23.66 4.87
C LEU C 218 15.08 22.26 4.94
N GLN C 219 15.92 21.28 4.61
CA GLN C 219 15.53 19.89 4.54
C GLN C 219 16.46 19.04 5.38
N HIS C 220 15.87 18.20 6.22
CA HIS C 220 16.60 17.33 7.12
C HIS C 220 16.47 15.89 6.70
N PRO C 221 17.53 15.09 6.93
CA PRO C 221 17.42 13.67 6.66
C PRO C 221 16.46 12.99 7.64
N VAL C 222 15.79 11.94 7.19
CA VAL C 222 14.99 11.07 8.04
C VAL C 222 15.86 9.86 8.28
N THR C 223 16.07 9.54 9.55
CA THR C 223 17.14 8.58 9.97
C THR C 223 16.78 7.14 9.59
N THR C 224 15.47 6.89 9.52
CA THR C 224 14.92 5.60 9.18
C THR C 224 15.19 5.20 7.72
N ASP C 225 15.28 6.18 6.82
CA ASP C 225 15.47 5.91 5.36
C ASP C 225 16.43 6.96 4.74
N ILE C 226 17.71 6.81 5.05
CA ILE C 226 18.69 7.73 4.50
C ILE C 226 18.77 7.72 2.99
N LYS C 227 18.77 6.54 2.36
CA LYS C 227 18.91 6.50 0.92
C LYS C 227 17.83 7.30 0.22
N HIS C 228 16.63 7.27 0.80
CA HIS C 228 15.49 8.02 0.27
C HIS C 228 15.65 9.52 0.55
N SER C 229 16.12 9.86 1.75
CA SER C 229 16.44 11.25 2.07
C SER C 229 17.45 11.88 1.09
N ILE C 230 18.45 11.09 0.69
CA ILE C 230 19.47 11.51 -0.28
C ILE C 230 18.79 11.80 -1.61
N LYS C 231 17.98 10.85 -2.09
CA LYS C 231 17.39 10.94 -3.42
C LYS C 231 16.45 12.13 -3.49
N PHE C 233 16.46 14.86 -1.69
CA PHE C 233 17.23 16.09 -1.61
C PHE C 233 17.90 16.45 -2.95
N GLU C 234 18.46 15.45 -3.65
CA GLU C 234 18.96 15.63 -5.00
C GLU C 234 17.90 16.24 -5.91
N LEU C 235 16.71 15.63 -5.89
CA LEU C 235 15.63 16.11 -6.76
C LEU C 235 15.18 17.50 -6.37
N THR C 236 15.10 17.75 -5.06
CA THR C 236 14.76 19.05 -4.56
C THR C 236 15.75 20.12 -5.05
N LEU C 237 17.04 19.84 -5.02
CA LEU C 237 18.02 20.82 -5.47
C LEU C 237 17.89 21.02 -6.98
N ASP C 238 17.78 19.92 -7.72
CA ASP C 238 17.58 20.02 -9.17
C ASP C 238 16.42 20.96 -9.50
N ALA C 239 15.30 20.82 -8.78
CA ALA C 239 14.12 21.70 -8.96
C ALA C 239 14.47 23.16 -8.66
N LEU C 240 15.16 23.38 -7.55
CA LEU C 240 15.56 24.73 -7.16
C LEU C 240 16.50 25.35 -8.17
N ILE C 241 17.40 24.54 -8.75
CA ILE C 241 18.27 25.02 -9.80
C ILE C 241 17.43 25.43 -11.01
N SER C 242 16.48 24.58 -11.42
CA SER C 242 15.68 24.89 -12.60
C SER C 242 14.78 26.10 -12.37
N PHE C 243 14.16 26.15 -11.18
CA PHE C 243 13.24 27.24 -10.85
C PHE C 243 13.98 28.57 -10.79
N ASN C 244 15.25 28.48 -10.41
CA ASN C 244 16.25 29.55 -10.58
C ASN C 244 15.87 30.92 -10.00
N LYS C 245 15.40 30.91 -8.77
CA LYS C 245 15.19 32.11 -7.99
C LYS C 245 16.05 31.98 -6.74
N ARG C 246 16.51 33.12 -6.22
CA ARG C 246 17.51 33.14 -5.17
C ARG C 246 17.11 32.33 -3.94
N THR C 247 17.99 31.42 -3.51
CA THR C 247 17.65 30.40 -2.54
C THR C 247 18.68 30.32 -1.41
N LEU C 248 18.22 30.56 -0.18
CA LEU C 248 19.01 30.29 0.99
C LEU C 248 18.86 28.81 1.36
N VAL C 249 19.95 28.07 1.24
CA VAL C 249 19.95 26.65 1.63
C VAL C 249 20.64 26.49 2.99
N LEU C 250 19.86 26.12 4.00
CA LEU C 250 20.38 25.79 5.33
C LEU C 250 20.89 24.36 5.34
N PHE C 251 22.07 24.12 5.90
CA PHE C 251 22.62 22.76 5.99
C PHE C 251 21.70 21.91 6.86
N PRO C 252 21.67 20.59 6.63
CA PRO C 252 20.84 19.78 7.48
C PRO C 252 21.21 19.83 8.96
N ASN C 253 20.21 19.60 9.80
CA ASN C 253 20.26 19.69 11.23
C ASN C 253 19.57 18.52 11.90
N ILE C 254 19.66 17.34 11.28
CA ILE C 254 19.53 16.05 11.98
C ILE C 254 20.84 15.36 11.71
N ASP C 255 21.47 14.83 12.75
CA ASP C 255 22.83 14.34 12.66
C ASP C 255 23.02 13.10 11.76
N ALA C 256 22.16 12.10 11.91
CA ALA C 256 22.34 10.85 11.19
C ALA C 256 21.99 11.04 9.74
N GLY C 257 22.96 10.81 8.87
CA GLY C 257 22.83 11.07 7.47
C GLY C 257 23.30 12.45 7.03
N SER C 258 23.70 13.31 7.96
CA SER C 258 23.95 14.73 7.65
C SER C 258 25.06 14.95 6.65
N LYS C 259 26.13 14.19 6.76
CA LYS C 259 27.27 14.37 5.86
C LYS C 259 26.94 13.95 4.45
N GLU C 260 26.07 12.94 4.30
CA GLU C 260 25.65 12.46 2.96
C GLU C 260 24.73 13.45 2.27
N VAL C 262 25.02 16.84 3.01
CA VAL C 262 25.99 17.88 2.67
C VAL C 262 26.74 17.52 1.40
N ARG C 263 27.08 16.24 1.23
CA ARG C 263 27.79 15.81 0.03
C ARG C 263 26.91 16.03 -1.23
N VAL C 264 25.61 15.78 -1.11
CA VAL C 264 24.67 16.10 -2.19
C VAL C 264 24.80 17.55 -2.64
N ARG C 266 27.32 19.61 -2.09
CA ARG C 266 28.68 19.82 -2.62
C ARG C 266 28.76 19.39 -4.09
N LYS C 267 28.32 18.18 -4.41
CA LYS C 267 28.38 17.65 -5.77
C LYS C 267 27.44 18.31 -6.79
N LYS C 268 26.39 19.00 -6.32
CA LYS C 268 25.56 19.85 -7.19
C LYS C 268 26.13 21.28 -7.39
N GLY C 269 27.24 21.60 -6.73
CA GLY C 269 27.83 22.93 -6.85
C GLY C 269 27.05 24.04 -6.18
N ILE C 270 26.13 23.68 -5.28
CA ILE C 270 25.28 24.62 -4.55
C ILE C 270 26.12 25.61 -3.74
N GLU C 271 27.24 25.14 -3.21
CA GLU C 271 28.08 26.02 -2.39
C GLU C 271 28.73 27.14 -3.19
N HIS C 272 28.97 26.95 -4.49
CA HIS C 272 29.59 27.97 -5.37
C HIS C 272 28.68 28.34 -6.56
N HIS C 273 27.45 28.77 -6.28
CA HIS C 273 26.41 29.04 -7.31
C HIS C 273 25.81 30.43 -7.05
N PRO C 274 25.68 31.27 -8.11
CA PRO C 274 25.15 32.65 -7.93
C PRO C 274 23.77 32.72 -7.29
N ASN C 275 22.94 31.72 -7.61
CA ASN C 275 21.56 31.62 -7.15
C ASN C 275 21.39 31.08 -5.73
N PHE C 276 22.44 30.49 -5.14
CA PHE C 276 22.32 29.85 -3.83
C PHE C 276 23.23 30.48 -2.78
N ARG C 277 22.76 30.46 -1.53
CA ARG C 277 23.60 30.80 -0.39
C ARG C 277 23.49 29.68 0.62
N ALA C 278 24.60 28.99 0.85
CA ALA C 278 24.67 27.87 1.81
C ALA C 278 25.10 28.35 3.18
N VAL C 279 24.26 28.14 4.19
CA VAL C 279 24.54 28.63 5.54
C VAL C 279 24.24 27.59 6.58
N LYS C 280 24.89 27.68 7.75
CA LYS C 280 24.64 26.72 8.84
C LYS C 280 23.52 27.25 9.73
N HIS C 281 23.64 28.50 10.16
CA HIS C 281 22.64 29.05 11.05
C HIS C 281 22.50 30.54 10.89
N VAL C 282 21.23 30.97 10.78
CA VAL C 282 20.84 32.38 10.76
C VAL C 282 20.26 32.70 12.11
N PRO C 283 20.74 33.75 12.75
CA PRO C 283 20.22 34.10 14.08
C PRO C 283 18.70 34.25 14.07
N PHE C 284 18.06 33.67 15.08
CA PHE C 284 16.62 33.47 15.11
C PHE C 284 15.83 34.72 14.78
N ASP C 285 16.19 35.84 15.39
CA ASP C 285 15.53 37.12 15.09
C ASP C 285 15.65 37.53 13.64
N GLN C 286 16.81 37.26 13.02
CA GLN C 286 17.02 37.55 11.61
C GLN C 286 16.32 36.54 10.75
N PHE C 287 16.28 35.30 11.22
CA PHE C 287 15.64 34.21 10.49
C PHE C 287 14.12 34.43 10.34
N ILE C 288 13.50 34.95 11.39
CA ILE C 288 12.08 35.24 11.39
C ILE C 288 11.76 36.23 10.28
N GLN C 289 12.55 37.29 10.19
CA GLN C 289 12.39 38.25 9.10
C GLN C 289 12.58 37.60 7.72
N LEU C 290 13.53 36.70 7.57
CA LEU C 290 13.75 36.02 6.31
C LEU C 290 12.53 35.20 5.91
N VAL C 291 12.07 34.33 6.78
CA VAL C 291 10.91 33.49 6.45
C VAL C 291 9.60 34.27 6.31
N ALA C 292 9.48 35.37 7.06
CA ALA C 292 8.26 36.21 7.01
C ALA C 292 8.06 36.89 5.66
N HIS C 293 9.15 37.12 4.95
CA HIS C 293 9.15 37.82 3.66
C HIS C 293 9.59 36.94 2.50
N ALA C 294 9.69 35.64 2.74
CA ALA C 294 10.08 34.68 1.69
C ALA C 294 8.97 34.48 0.65
N GLY C 295 9.39 34.16 -0.57
CA GLY C 295 8.48 33.83 -1.66
C GLY C 295 7.81 32.50 -1.35
N CYS C 296 8.63 31.53 -0.95
CA CYS C 296 8.13 30.38 -0.24
C CYS C 296 9.27 29.72 0.51
N ILE C 298 10.70 25.81 1.53
CA ILE C 298 10.61 24.40 1.08
C ILE C 298 11.45 23.44 1.96
N GLY C 299 10.92 22.25 2.25
CA GLY C 299 11.73 21.20 2.85
C GLY C 299 10.89 20.45 3.86
N ASN C 300 11.42 20.24 5.06
CA ASN C 300 10.64 19.56 6.09
C ASN C 300 10.92 20.04 7.51
N SER C 301 11.32 21.30 7.64
CA SER C 301 11.46 21.94 8.93
C SER C 301 10.12 21.98 9.68
N SER C 302 10.21 21.95 11.00
CA SER C 302 9.03 22.23 11.83
C SER C 302 8.58 23.69 11.69
N CYS C 303 9.52 24.58 11.38
CA CYS C 303 9.22 26.00 11.14
C CYS C 303 8.17 26.15 10.05
N GLY C 304 8.33 25.40 8.96
CA GLY C 304 7.38 25.42 7.86
C GLY C 304 5.96 25.12 8.28
N VAL C 305 5.81 24.08 9.08
CA VAL C 305 4.45 23.64 9.49
C VAL C 305 3.94 24.29 10.79
N ARG C 306 4.81 24.86 11.62
CA ARG C 306 4.40 25.45 12.91
C ARG C 306 4.51 26.95 13.03
N GLU C 307 5.54 27.54 12.45
CA GLU C 307 5.88 28.96 12.70
C GLU C 307 5.42 29.89 11.58
N VAL C 308 5.91 29.67 10.36
CA VAL C 308 5.68 30.62 9.26
C VAL C 308 4.22 30.94 8.88
N GLY C 309 3.27 30.08 9.27
CA GLY C 309 1.86 30.37 9.13
C GLY C 309 1.48 31.75 9.64
N ALA C 310 2.14 32.15 10.72
CA ALA C 310 1.97 33.48 11.32
C ALA C 310 2.14 34.64 10.35
N PHE C 311 2.97 34.46 9.32
CA PHE C 311 3.16 35.47 8.27
C PHE C 311 2.46 35.17 6.94
N GLY C 312 1.81 34.01 6.84
CA GLY C 312 1.17 33.57 5.60
C GLY C 312 2.15 33.22 4.49
N THR C 313 3.35 32.82 4.85
CA THR C 313 4.37 32.49 3.89
C THR C 313 4.04 31.14 3.27
N PRO C 314 4.04 31.05 1.93
CA PRO C 314 3.78 29.75 1.32
C PRO C 314 4.81 28.71 1.75
N VAL C 315 4.39 27.45 1.93
CA VAL C 315 5.30 26.36 2.35
C VAL C 315 5.14 25.14 1.48
N ILE C 316 6.25 24.50 1.11
CA ILE C 316 6.24 23.18 0.51
C ILE C 316 6.85 22.24 1.52
N ASN C 317 6.04 21.34 2.06
CA ASN C 317 6.55 20.31 2.95
C ASN C 317 6.75 19.00 2.22
N LEU C 318 8.00 18.56 2.15
CA LEU C 318 8.39 17.36 1.38
C LEU C 318 8.59 16.14 2.27
N GLY C 319 8.09 15.00 1.84
CA GLY C 319 8.43 13.73 2.46
C GLY C 319 7.57 13.37 3.63
N THR C 320 8.11 12.49 4.47
CA THR C 320 7.33 11.87 5.56
C THR C 320 7.44 12.61 6.87
N ARG C 321 8.50 13.40 7.01
CA ARG C 321 8.70 14.19 8.21
C ARG C 321 7.67 15.31 8.21
N GLN C 322 6.94 15.41 9.34
CA GLN C 322 5.82 16.32 9.57
C GLN C 322 4.47 15.79 9.14
N ILE C 323 4.39 14.52 8.71
CA ILE C 323 3.07 13.93 8.44
C ILE C 323 2.36 13.74 9.75
N GLY C 324 1.20 14.35 9.86
CA GLY C 324 0.40 14.30 11.07
C GLY C 324 0.47 15.57 11.88
N ARG C 325 1.30 16.54 11.49
CA ARG C 325 1.27 17.86 12.14
C ARG C 325 0.09 18.71 11.65
N GLU C 326 -0.35 19.60 12.53
CA GLU C 326 -1.49 20.47 12.26
C GLU C 326 -0.97 21.66 11.45
N THR C 327 -1.58 21.95 10.30
CA THR C 327 -1.11 23.03 9.41
C THR C 327 -2.24 23.78 8.78
N GLY C 328 -2.04 25.08 8.63
CA GLY C 328 -2.99 25.91 7.90
C GLY C 328 -2.95 25.74 6.40
N GLU C 329 -3.73 26.58 5.75
CA GLU C 329 -3.92 26.55 4.30
C GLU C 329 -2.62 26.86 3.53
N ASN C 330 -1.65 27.46 4.21
CA ASN C 330 -0.37 27.82 3.58
C ASN C 330 0.55 26.65 3.20
N VAL C 331 0.32 25.45 3.76
CA VAL C 331 1.21 24.30 3.54
C VAL C 331 0.70 23.32 2.49
N LEU C 332 1.53 23.12 1.46
CA LEU C 332 1.32 22.12 0.42
C LEU C 332 2.22 20.94 0.69
N HIS C 333 1.60 19.80 0.98
CA HIS C 333 2.35 18.56 1.19
C HIS C 333 2.63 17.84 -0.12
N VAL C 334 3.86 17.37 -0.30
CA VAL C 334 4.21 16.48 -1.39
C VAL C 334 4.98 15.31 -0.75
N ARG C 335 4.26 14.26 -0.41
CA ARG C 335 4.81 13.10 0.30
C ARG C 335 5.73 12.33 -0.59
N ASP C 336 5.24 11.95 -1.76
CA ASP C 336 6.00 11.16 -2.71
C ASP C 336 6.68 12.12 -3.68
N ALA C 337 7.65 12.84 -3.16
CA ALA C 337 8.47 13.72 -3.97
C ALA C 337 9.54 12.85 -4.62
N ASP C 338 9.11 12.13 -5.65
CA ASP C 338 9.92 11.06 -6.26
C ASP C 338 10.43 11.43 -7.66
N THR C 339 10.10 12.64 -8.15
CA THR C 339 10.61 13.19 -9.43
C THR C 339 10.90 14.68 -9.28
N GLN C 340 11.75 15.23 -10.16
CA GLN C 340 11.98 16.69 -10.14
C GLN C 340 10.71 17.47 -10.50
N ASP C 341 9.92 16.93 -11.42
CA ASP C 341 8.74 17.62 -11.97
C ASP C 341 7.70 17.96 -10.92
N LYS C 342 7.40 16.99 -10.06
CA LYS C 342 6.52 17.22 -8.92
C LYS C 342 6.98 18.36 -8.02
N ILE C 343 8.27 18.42 -7.73
CA ILE C 343 8.79 19.45 -6.83
C ILE C 343 8.84 20.81 -7.55
N LEU C 344 9.26 20.81 -8.81
CA LEU C 344 9.25 22.02 -9.61
C LEU C 344 7.86 22.61 -9.76
N GLN C 345 6.87 21.73 -9.90
CA GLN C 345 5.50 22.15 -9.95
C GLN C 345 5.07 22.83 -8.68
N ALA C 346 5.30 22.16 -7.55
CA ALA C 346 4.97 22.72 -6.24
C ALA C 346 5.56 24.14 -6.07
N LEU C 347 6.77 24.33 -6.59
CA LEU C 347 7.42 25.65 -6.56
C LEU C 347 6.68 26.70 -7.39
N HIS C 348 6.30 26.35 -8.62
CA HIS C 348 5.46 27.25 -9.43
C HIS C 348 4.18 27.62 -8.73
N LEU C 349 3.51 26.62 -8.15
CA LEU C 349 2.22 26.81 -7.49
C LEU C 349 2.30 27.79 -6.35
N GLN C 350 3.34 27.64 -5.54
CA GLN C 350 3.41 28.29 -4.24
C GLN C 350 4.26 29.54 -4.20
N PHE C 351 5.30 29.60 -5.00
CA PHE C 351 6.19 30.75 -4.97
C PHE C 351 5.44 32.05 -5.22
N GLY C 352 5.54 32.95 -4.26
CA GLY C 352 5.03 34.31 -4.37
C GLY C 352 3.60 34.51 -3.95
N LYS C 353 2.97 33.48 -3.38
CA LYS C 353 1.59 33.59 -2.95
C LYS C 353 1.57 34.19 -1.57
N GLN C 354 0.38 34.60 -1.14
CA GLN C 354 0.19 35.15 0.19
C GLN C 354 -1.05 34.57 0.82
N TYR C 355 -0.89 33.85 1.92
CA TYR C 355 -2.00 33.31 2.67
C TYR C 355 -2.34 34.18 3.88
N PRO C 356 -3.51 33.96 4.49
CA PRO C 356 -3.85 34.64 5.76
C PRO C 356 -2.95 34.27 6.93
N CYS C 357 -2.87 35.14 7.94
CA CYS C 357 -1.99 34.91 9.09
C CYS C 357 -2.65 34.03 10.16
N SER C 358 -2.15 32.81 10.34
CA SER C 358 -2.67 31.85 11.34
C SER C 358 -1.97 31.92 12.70
N LYS C 359 -2.64 31.43 13.74
CA LYS C 359 -2.10 31.43 15.12
C LYS C 359 -2.33 30.10 15.84
N ILE C 360 -2.08 29.00 15.14
CA ILE C 360 -2.45 27.67 15.66
C ILE C 360 -1.58 27.27 16.86
N TYR C 361 -0.28 27.51 16.73
CA TYR C 361 0.71 27.08 17.74
C TYR C 361 1.01 28.14 18.82
N GLY C 362 0.29 29.25 18.83
CA GLY C 362 0.49 30.25 19.88
C GLY C 362 -0.27 31.57 19.78
N ASP C 363 -0.44 32.17 20.94
CA ASP C 363 -1.12 33.46 21.14
C ASP C 363 -0.13 34.59 21.49
N GLY C 364 1.14 34.25 21.70
CA GLY C 364 2.18 35.22 22.07
C GLY C 364 2.40 35.46 23.56
N ASN C 365 1.67 34.76 24.43
CA ASN C 365 1.86 34.85 25.89
C ASN C 365 2.16 33.52 26.57
N ALA C 366 3.01 32.73 25.95
CA ALA C 366 3.40 31.44 26.48
C ALA C 366 4.25 31.58 27.75
N VAL C 367 5.22 32.49 27.70
CA VAL C 367 6.19 32.61 28.78
C VAL C 367 5.55 32.98 30.12
N PRO C 368 4.76 34.07 30.17
CA PRO C 368 4.14 34.41 31.46
C PRO C 368 3.30 33.30 32.05
N ARG C 369 2.59 32.55 31.21
CA ARG C 369 1.80 31.40 31.66
C ARG C 369 2.71 30.33 32.25
N ILE C 370 3.85 30.12 31.60
CA ILE C 370 4.83 29.15 32.07
C ILE C 370 5.43 29.58 33.40
N LEU C 371 5.76 30.86 33.55
CA LEU C 371 6.32 31.34 34.80
C LEU C 371 5.38 31.11 35.97
N LYS C 372 4.09 31.37 35.76
CA LYS C 372 3.07 31.12 36.79
C LYS C 372 3.01 29.64 37.15
N PHE C 373 3.05 28.80 36.13
CA PHE C 373 3.00 27.35 36.32
C PHE C 373 4.18 26.87 37.16
N LEU C 374 5.38 27.40 36.88
CA LEU C 374 6.55 27.12 37.70
C LEU C 374 6.39 27.54 39.16
N LYS C 375 5.84 28.71 39.41
CA LYS C 375 5.65 29.19 40.78
C LYS C 375 4.59 28.37 41.54
N SER C 376 3.63 27.81 40.79
CA SER C 376 2.55 27.00 41.38
C SER C 376 3.04 25.69 41.96
N ILE C 377 4.14 25.17 41.40
CA ILE C 377 4.69 23.89 41.82
C ILE C 377 5.07 23.97 43.28
N ASP C 378 4.39 23.18 44.10
CA ASP C 378 4.76 23.02 45.50
C ASP C 378 5.70 21.82 45.57
N LEU C 379 6.74 21.96 46.40
CA LEU C 379 7.84 21.01 46.43
C LEU C 379 7.65 19.91 47.50
N GLN C 380 6.59 19.10 47.36
CA GLN C 380 6.31 17.96 48.26
C GLN C 380 5.75 16.73 47.55
N GLU C 381 6.60 15.99 46.84
CA GLU C 381 6.37 14.57 46.53
C GLU C 381 7.72 13.92 46.10
N PRO C 382 8.16 13.83 44.82
CA PRO C 382 7.40 13.76 43.56
C PRO C 382 7.20 12.30 43.16
N LEU C 383 6.16 12.02 42.40
CA LEU C 383 5.98 10.72 41.74
C LEU C 383 4.89 10.95 40.73
N GLN C 384 5.11 10.45 39.52
CA GLN C 384 4.19 10.66 38.43
C GLN C 384 2.94 9.79 38.69
N LYS C 385 1.77 10.31 38.31
CA LYS C 385 0.50 9.60 38.36
C LYS C 385 0.06 9.31 36.95
N LYS C 386 -0.39 8.08 36.73
CA LYS C 386 -0.73 7.60 35.40
C LYS C 386 -2.20 7.23 35.44
N PHE C 387 -3.01 8.05 34.78
CA PHE C 387 -4.45 7.88 34.75
C PHE C 387 -4.86 6.79 33.76
N CYS C 388 -4.80 5.54 34.21
CA CYS C 388 -5.00 4.38 33.34
C CYS C 388 -6.46 3.92 33.34
N ARG D 8 15.66 -17.85 5.38
CA ARG D 8 15.73 -16.48 5.97
C ARG D 8 15.26 -16.59 7.41
N LYS D 9 16.19 -17.02 8.25
CA LYS D 9 15.93 -17.18 9.67
C LYS D 9 15.86 -15.80 10.30
N LEU D 10 15.05 -15.67 11.35
CA LEU D 10 14.93 -14.43 12.09
C LEU D 10 16.11 -14.32 13.08
N ARG D 11 16.91 -13.27 12.94
CA ARG D 11 18.07 -13.04 13.80
C ARG D 11 17.58 -12.32 15.06
N VAL D 12 17.65 -13.02 16.20
CA VAL D 12 17.15 -12.48 17.48
C VAL D 12 18.32 -12.28 18.43
N CYS D 13 18.40 -11.07 18.96
CA CYS D 13 19.35 -10.76 20.00
C CYS D 13 18.59 -10.62 21.31
N VAL D 14 19.03 -11.33 22.35
CA VAL D 14 18.47 -11.15 23.66
C VAL D 14 19.57 -10.62 24.54
N ALA D 15 19.36 -9.47 25.14
CA ALA D 15 20.28 -8.92 26.12
C ALA D 15 19.67 -9.14 27.50
N THR D 16 20.50 -9.63 28.42
CA THR D 16 20.14 -9.90 29.80
C THR D 16 21.13 -9.11 30.66
N CYS D 17 20.62 -8.42 31.69
CA CYS D 17 21.44 -7.57 32.56
C CYS D 17 21.42 -7.95 34.03
N ASN D 18 20.43 -8.72 34.45
CA ASN D 18 20.19 -8.98 35.87
C ASN D 18 19.36 -10.25 35.94
N ARG D 19 19.50 -10.99 37.03
CA ARG D 19 18.66 -12.15 37.29
C ARG D 19 17.16 -11.81 37.19
N ALA D 20 16.82 -10.55 37.49
CA ALA D 20 15.44 -10.12 37.47
C ALA D 20 14.83 -10.19 36.09
N ASP D 21 15.62 -10.05 35.04
CA ASP D 21 15.11 -10.28 33.68
C ASP D 21 15.39 -11.70 33.22
N TYR D 22 16.47 -12.30 33.73
CA TYR D 22 16.89 -13.60 33.26
C TYR D 22 15.89 -14.68 33.63
N SER D 23 15.19 -14.51 34.75
CA SER D 23 14.13 -15.48 35.13
C SER D 23 12.98 -15.53 34.13
N LYS D 24 12.72 -14.41 33.46
CA LYS D 24 11.63 -14.29 32.52
C LYS D 24 12.08 -14.33 31.07
N LEU D 25 13.38 -14.16 30.82
CA LEU D 25 13.89 -14.28 29.46
C LEU D 25 14.45 -15.66 29.16
N ALA D 26 15.00 -16.34 30.14
CA ALA D 26 15.57 -17.68 29.89
C ALA D 26 14.59 -18.63 29.20
N PRO D 27 13.32 -18.69 29.65
CA PRO D 27 12.36 -19.56 28.97
C PRO D 27 12.20 -19.26 27.49
N ILE D 28 12.24 -17.99 27.14
CA ILE D 28 12.13 -17.59 25.73
C ILE D 28 13.39 -17.98 24.95
N PHE D 30 15.42 -20.43 25.69
CA PHE D 30 15.28 -21.87 25.49
C PHE D 30 14.36 -22.21 24.32
N GLY D 31 13.24 -21.51 24.21
CA GLY D 31 12.28 -21.75 23.14
C GLY D 31 12.90 -21.49 21.78
N ILE D 32 13.56 -20.34 21.68
CA ILE D 32 14.17 -19.92 20.43
C ILE D 32 15.27 -20.89 19.99
N LYS D 33 16.10 -21.27 20.94
CA LYS D 33 17.17 -22.21 20.69
C LYS D 33 16.66 -23.59 20.27
N THR D 34 15.50 -24.03 20.78
CA THR D 34 14.92 -25.33 20.36
C THR D 34 14.36 -25.34 18.94
N GLU D 35 14.26 -24.18 18.28
CA GLU D 35 13.80 -24.10 16.89
C GLU D 35 14.85 -23.41 15.99
N PRO D 36 15.98 -24.09 15.73
CA PRO D 36 17.00 -23.54 14.85
C PRO D 36 16.55 -23.28 13.43
N GLU D 37 15.43 -23.86 13.00
CA GLU D 37 15.00 -23.76 11.60
C GLU D 37 14.38 -22.40 11.32
N PHE D 38 13.78 -21.78 12.34
CA PHE D 38 13.12 -20.48 12.23
C PHE D 38 13.89 -19.30 12.85
N PHE D 39 14.85 -19.57 13.75
CA PHE D 39 15.51 -18.51 14.53
C PHE D 39 17.03 -18.69 14.64
N GLU D 40 17.76 -17.59 14.49
CA GLU D 40 19.15 -17.49 14.96
C GLU D 40 19.17 -16.66 16.23
N LEU D 41 19.93 -17.11 17.24
CA LEU D 41 20.00 -16.44 18.56
C LEU D 41 21.40 -15.95 18.90
N ASP D 42 21.52 -14.67 19.25
CA ASP D 42 22.75 -14.09 19.83
C ASP D 42 22.45 -13.53 21.20
N VAL D 43 23.25 -13.94 22.18
CA VAL D 43 23.03 -13.55 23.57
C VAL D 43 24.07 -12.54 24.00
N VAL D 44 23.59 -11.43 24.55
CA VAL D 44 24.45 -10.40 25.10
C VAL D 44 24.29 -10.27 26.61
N VAL D 45 25.40 -10.35 27.33
CA VAL D 45 25.39 -10.28 28.80
C VAL D 45 26.04 -8.99 29.23
N LEU D 46 25.35 -8.25 30.08
CA LEU D 46 25.86 -6.99 30.57
C LEU D 46 25.32 -6.70 31.96
N GLY D 47 25.63 -5.53 32.49
CA GLY D 47 25.05 -5.11 33.75
C GLY D 47 25.47 -5.94 34.95
N SER D 48 24.50 -6.17 35.84
CA SER D 48 24.71 -6.82 37.15
C SER D 48 25.28 -8.22 37.05
N HIS D 49 25.00 -8.91 35.95
CA HIS D 49 25.51 -10.25 35.73
C HIS D 49 27.00 -10.38 35.94
N LEU D 50 27.77 -9.35 35.64
CA LEU D 50 29.23 -9.45 35.76
C LEU D 50 29.80 -8.97 37.09
N ILE D 51 28.98 -8.87 38.13
CA ILE D 51 29.40 -8.20 39.35
C ILE D 51 29.29 -9.16 40.50
N ASP D 52 30.42 -9.37 41.18
CA ASP D 52 30.50 -10.25 42.34
C ASP D 52 29.47 -9.93 43.42
N ASP D 53 29.26 -8.65 43.72
CA ASP D 53 28.24 -8.27 44.71
C ASP D 53 26.88 -8.82 44.40
N TYR D 54 26.55 -8.94 43.12
CA TYR D 54 25.26 -9.49 42.69
C TYR D 54 25.24 -11.01 42.47
N GLY D 55 26.36 -11.69 42.72
CA GLY D 55 26.44 -13.17 42.76
C GLY D 55 27.01 -13.83 41.52
N ASN D 56 27.83 -13.08 40.79
CA ASN D 56 28.24 -13.42 39.41
C ASN D 56 27.18 -14.21 38.61
N THR D 57 26.00 -13.63 38.44
CA THR D 57 24.88 -14.37 37.83
C THR D 57 25.00 -14.65 36.33
N TYR D 58 26.04 -14.15 35.67
CA TYR D 58 26.36 -14.63 34.32
C TYR D 58 26.56 -16.14 34.34
N ARG D 59 26.99 -16.69 35.47
CA ARG D 59 27.17 -18.13 35.62
C ARG D 59 25.89 -18.93 35.38
N ILE D 61 23.67 -18.16 33.25
CA ILE D 61 23.55 -18.21 31.81
C ILE D 61 24.49 -19.29 31.26
N GLU D 62 25.73 -19.31 31.75
CA GLU D 62 26.69 -20.36 31.36
C GLU D 62 26.19 -21.78 31.69
N GLN D 63 25.61 -21.95 32.88
CA GLN D 63 25.07 -23.26 33.31
C GLN D 63 23.82 -23.72 32.59
N ASP D 64 23.12 -22.80 31.93
CA ASP D 64 22.00 -23.14 31.05
C ASP D 64 22.48 -23.47 29.62
N ASP D 65 23.80 -23.44 29.41
CA ASP D 65 24.46 -23.80 28.14
C ASP D 65 24.22 -22.86 26.98
N PHE D 66 23.99 -21.58 27.26
CA PHE D 66 23.87 -20.60 26.17
C PHE D 66 25.27 -20.11 25.79
N ASP D 67 25.54 -20.03 24.49
CA ASP D 67 26.78 -19.39 23.99
C ASP D 67 26.60 -17.89 24.13
N ILE D 68 27.40 -17.30 25.00
CA ILE D 68 27.37 -15.86 25.18
C ILE D 68 28.25 -15.25 24.10
N ASN D 69 27.64 -14.51 23.18
CA ASN D 69 28.39 -13.84 22.11
C ASN D 69 29.30 -12.73 22.67
N THR D 70 28.71 -11.85 23.49
CA THR D 70 29.32 -10.64 23.94
C THR D 70 29.06 -10.38 25.42
N ARG D 71 30.08 -9.90 26.13
CA ARG D 71 30.01 -9.49 27.53
C ARG D 71 30.43 -8.03 27.63
N LEU D 72 29.65 -7.22 28.33
CA LEU D 72 29.92 -5.82 28.47
C LEU D 72 29.84 -5.38 29.90
N HIS D 73 30.94 -4.81 30.41
CA HIS D 73 30.94 -4.13 31.70
C HIS D 73 30.16 -2.82 31.52
N THR D 74 28.95 -2.71 32.04
CA THR D 74 28.17 -1.49 31.86
C THR D 74 27.75 -0.80 33.13
N ILE D 75 28.30 -1.19 34.27
CA ILE D 75 27.88 -0.62 35.52
C ILE D 75 28.97 0.25 36.13
N VAL D 76 28.58 1.47 36.43
CA VAL D 76 29.43 2.43 37.07
C VAL D 76 29.21 2.24 38.54
N ARG D 77 30.30 2.30 39.28
CA ARG D 77 30.36 1.96 40.67
C ARG D 77 30.10 3.19 41.47
N GLY D 78 29.53 3.01 42.65
CA GLY D 78 28.98 4.10 43.43
C GLY D 78 27.70 3.75 44.17
N GLU D 79 26.92 2.83 43.63
CA GLU D 79 25.68 2.36 44.26
C GLU D 79 24.79 3.51 44.73
N ASP D 80 24.61 4.49 43.85
CA ASP D 80 23.73 5.59 44.07
C ASP D 80 23.04 5.99 42.74
N GLU D 81 22.26 7.06 42.79
CA GLU D 81 21.48 7.49 41.65
C GLU D 81 22.36 7.98 40.53
N ALA D 82 23.39 8.76 40.85
CA ALA D 82 24.35 9.20 39.81
C ALA D 82 24.93 8.01 39.08
N ALA D 83 25.34 6.99 39.81
CA ALA D 83 25.92 5.79 39.22
C ALA D 83 24.95 4.99 38.39
N VAL D 85 22.57 6.35 36.62
CA VAL D 85 22.44 7.06 35.36
C VAL D 85 23.67 6.86 34.46
N GLU D 86 24.85 6.89 35.06
CA GLU D 86 26.10 6.73 34.31
C GLU D 86 26.17 5.31 33.72
N SER D 87 25.61 4.34 34.42
CA SER D 87 25.46 2.98 33.93
C SER D 87 24.61 2.87 32.67
N VAL D 88 23.51 3.62 32.62
CA VAL D 88 22.68 3.66 31.41
C VAL D 88 23.53 4.24 30.28
N GLY D 89 24.27 5.30 30.57
CA GLY D 89 25.12 5.91 29.58
C GLY D 89 26.22 5.03 29.08
N LEU D 90 26.77 4.21 29.97
CA LEU D 90 27.87 3.31 29.63
C LEU D 90 27.40 2.24 28.66
N ALA D 91 26.20 1.72 28.88
CA ALA D 91 25.62 0.74 27.95
C ALA D 91 25.39 1.39 26.60
N LEU D 92 24.93 2.65 26.61
CA LEU D 92 24.63 3.32 25.36
C LEU D 92 25.88 3.61 24.54
N VAL D 93 27.05 3.87 25.16
CA VAL D 93 28.27 4.07 24.34
C VAL D 93 28.83 2.76 23.82
N LYS D 94 28.63 1.68 24.59
CA LYS D 94 29.15 0.35 24.26
C LYS D 94 28.26 -0.48 23.34
N LEU D 95 26.94 -0.36 23.42
CA LEU D 95 26.05 -1.20 22.61
C LEU D 95 26.02 -0.99 21.09
N PRO D 96 25.96 0.25 20.62
CA PRO D 96 25.78 0.40 19.18
C PRO D 96 26.76 -0.36 18.27
N ASP D 97 28.05 -0.39 18.61
CA ASP D 97 29.00 -1.14 17.79
C ASP D 97 28.73 -2.65 17.86
N VAL D 98 28.26 -3.15 19.02
CA VAL D 98 27.91 -4.56 19.13
C VAL D 98 26.69 -4.88 18.25
N LEU D 99 25.71 -4.00 18.27
CA LEU D 99 24.52 -4.17 17.46
C LEU D 99 24.75 -4.08 15.97
N ASN D 100 25.66 -3.19 15.53
CA ASN D 100 26.06 -3.15 14.12
C ASN D 100 26.76 -4.45 13.69
N ARG D 101 27.54 -5.05 14.59
CA ARG D 101 28.19 -6.33 14.34
C ARG D 101 27.18 -7.48 14.29
N LEU D 102 26.33 -7.60 15.32
CA LEU D 102 25.38 -8.70 15.38
C LEU D 102 24.22 -8.65 14.38
N LYS D 103 23.89 -7.45 13.88
CA LYS D 103 22.84 -7.23 12.86
C LYS D 103 21.51 -7.94 13.11
N PRO D 104 20.91 -7.72 14.29
CA PRO D 104 19.67 -8.41 14.69
C PRO D 104 18.44 -7.86 13.97
N ASP D 105 17.49 -8.74 13.70
CA ASP D 105 16.20 -8.33 13.15
C ASP D 105 15.28 -7.82 14.23
N ILE D 106 15.41 -8.39 15.42
CA ILE D 106 14.62 -7.95 16.55
C ILE D 106 15.40 -8.16 17.83
N ILE D 108 14.92 -8.50 22.10
CA ILE D 108 13.99 -8.74 23.19
C ILE D 108 14.49 -8.01 24.43
N VAL D 109 13.61 -7.18 24.97
CA VAL D 109 13.90 -6.36 26.15
C VAL D 109 12.84 -6.68 27.18
N HIS D 110 13.26 -6.86 28.42
CA HIS D 110 12.33 -7.15 29.49
C HIS D 110 12.30 -6.04 30.53
N GLY D 111 11.09 -5.70 30.97
CA GLY D 111 10.88 -5.09 32.27
C GLY D 111 10.98 -3.59 32.36
N ASP D 112 11.49 -3.13 33.51
CA ASP D 112 11.35 -1.76 33.99
C ASP D 112 12.62 -1.14 34.58
N ARG D 113 13.73 -1.82 34.49
CA ARG D 113 14.97 -1.32 35.09
C ARG D 113 15.73 -0.37 34.15
N PHE D 114 16.59 0.47 34.76
CA PHE D 114 17.39 1.45 34.04
C PHE D 114 18.10 0.84 32.82
N ASP D 115 18.63 -0.37 33.00
CA ASP D 115 19.32 -1.14 31.96
C ASP D 115 18.44 -1.40 30.74
N ALA D 116 17.16 -1.71 30.93
CA ALA D 116 16.24 -1.99 29.82
C ALA D 116 15.97 -0.75 29.00
N LEU D 117 16.01 0.41 29.65
CA LEU D 117 15.79 1.67 28.96
C LEU D 117 16.97 1.96 28.02
N ALA D 118 18.17 1.57 28.43
CA ALA D 118 19.35 1.69 27.56
C ALA D 118 19.20 0.85 26.32
N LEU D 119 18.78 -0.39 26.53
CA LEU D 119 18.60 -1.33 25.43
C LEU D 119 17.52 -0.87 24.47
N ALA D 120 16.37 -0.48 25.01
CA ALA D 120 15.27 0.01 24.17
C ALA D 120 15.70 1.24 23.38
N THR D 121 16.43 2.15 24.03
CA THR D 121 16.84 3.40 23.40
C THR D 121 17.73 3.10 22.22
N SER D 122 18.71 2.23 22.45
CA SER D 122 19.73 1.98 21.44
C SER D 122 19.09 1.28 20.25
N ALA D 123 18.23 0.30 20.50
CA ALA D 123 17.51 -0.38 19.42
C ALA D 123 16.63 0.54 18.61
N ALA D 124 15.83 1.34 19.31
CA ALA D 124 14.88 2.24 18.66
C ALA D 124 15.58 3.26 17.78
N LEU D 125 16.66 3.85 18.28
CA LEU D 125 17.34 4.89 17.51
C LEU D 125 18.13 4.32 16.35
N ASN D 127 16.87 1.84 14.46
CA ASN D 127 15.88 1.14 13.62
C ASN D 127 15.90 -0.39 13.79
N ILE D 128 16.21 -0.89 14.99
CA ILE D 128 16.11 -2.31 15.25
C ILE D 128 14.79 -2.50 15.98
N ARG D 129 14.01 -3.48 15.52
CA ARG D 129 12.74 -3.83 16.16
C ARG D 129 12.90 -4.33 17.58
N ILE D 130 11.91 -4.04 18.41
CA ILE D 130 11.94 -4.31 19.86
C ILE D 130 10.69 -5.08 20.25
N LEU D 131 10.90 -6.21 20.93
CA LEU D 131 9.84 -6.94 21.60
C LEU D 131 10.00 -6.67 23.09
N HIS D 132 9.05 -5.94 23.66
CA HIS D 132 9.11 -5.58 25.07
C HIS D 132 8.25 -6.50 25.90
N ILE D 133 8.87 -7.20 26.84
CA ILE D 133 8.18 -8.16 27.73
C ILE D 133 7.80 -7.49 29.05
N GLU D 134 6.58 -7.75 29.52
CA GLU D 134 6.07 -7.29 30.83
C GLU D 134 5.73 -5.79 30.82
N GLY D 135 5.06 -5.37 29.75
CA GLY D 135 4.81 -3.98 29.49
C GLY D 135 3.74 -3.21 30.27
N GLY D 136 2.57 -3.78 30.47
CA GLY D 136 1.44 -2.93 30.90
C GLY D 136 1.15 -2.78 32.40
N GLU D 137 2.13 -3.09 33.24
CA GLU D 137 1.90 -3.25 34.67
C GLU D 137 2.18 -1.96 35.45
N VAL D 138 1.85 -1.99 36.74
CA VAL D 138 1.91 -0.83 37.65
C VAL D 138 2.61 -1.24 38.93
N SER D 139 3.64 -0.51 39.35
CA SER D 139 4.35 -0.81 40.60
C SER D 139 4.61 0.38 41.52
N GLY D 140 4.12 1.56 41.17
CA GLY D 140 4.22 2.74 42.05
C GLY D 140 5.59 3.19 42.54
N THR D 141 6.61 3.08 41.69
CA THR D 141 7.88 3.79 41.92
C THR D 141 8.27 4.48 40.63
N ILE D 142 9.46 5.07 40.61
CA ILE D 142 10.09 5.51 39.37
C ILE D 142 9.99 4.46 38.23
N ASP D 143 9.94 3.18 38.58
CA ASP D 143 9.87 2.08 37.59
C ASP D 143 8.65 2.17 36.65
N ASP D 144 7.52 2.65 37.15
CA ASP D 144 6.38 2.98 36.28
C ASP D 144 6.81 3.88 35.12
N SER D 145 7.49 4.97 35.45
CA SER D 145 7.98 5.90 34.43
C SER D 145 8.82 5.20 33.37
N ILE D 146 9.77 4.38 33.85
CA ILE D 146 10.70 3.72 32.98
C ILE D 146 9.95 2.71 32.14
N ARG D 147 9.08 1.93 32.77
CA ARG D 147 8.38 0.88 32.06
C ARG D 147 7.59 1.47 30.93
N HIS D 148 6.86 2.53 31.20
CA HIS D 148 6.02 3.13 30.18
C HIS D 148 6.78 3.93 29.12
N ALA D 149 7.99 4.39 29.43
CA ALA D 149 8.83 5.00 28.41
C ALA D 149 9.35 3.94 27.46
N ILE D 150 9.76 2.80 27.99
CA ILE D 150 10.17 1.67 27.15
C ILE D 150 9.04 1.23 26.20
N THR D 151 7.82 1.13 26.73
CA THR D 151 6.64 0.79 25.93
C THR D 151 6.58 1.68 24.68
N LYS D 152 6.81 2.98 24.86
CA LYS D 152 6.69 3.94 23.78
C LYS D 152 7.76 3.80 22.72
N LEU D 153 8.94 3.35 23.12
CA LEU D 153 10.01 3.07 22.18
C LEU D 153 9.76 1.78 21.43
N ALA D 154 9.19 0.80 22.13
CA ALA D 154 9.06 -0.56 21.62
C ALA D 154 7.97 -0.73 20.56
N HIS D 155 8.29 -1.56 19.57
CA HIS D 155 7.49 -1.78 18.40
C HIS D 155 6.51 -2.91 18.61
N TYR D 156 6.88 -3.90 19.44
CA TYR D 156 6.03 -5.05 19.74
C TYR D 156 6.01 -5.30 21.25
N HIS D 157 4.85 -5.71 21.75
CA HIS D 157 4.57 -5.77 23.18
C HIS D 157 4.02 -7.12 23.57
N VAL D 158 4.59 -7.68 24.64
CA VAL D 158 4.12 -8.95 25.18
C VAL D 158 3.74 -8.74 26.65
N CYS D 159 2.45 -8.72 26.93
CA CYS D 159 2.01 -8.49 28.30
C CYS D 159 1.50 -9.79 28.95
N CYS D 160 1.42 -9.74 30.28
CA CYS D 160 1.17 -10.92 31.10
C CYS D 160 -0.24 -11.05 31.68
N THR D 161 -1.06 -10.00 31.59
CA THR D 161 -2.44 -10.00 32.11
C THR D 161 -3.35 -9.22 31.17
N ARG D 162 -4.65 -9.36 31.37
CA ARG D 162 -5.61 -8.63 30.58
C ARG D 162 -5.59 -7.13 30.94
N SER D 163 -5.39 -6.85 32.22
CA SER D 163 -5.33 -5.47 32.70
C SER D 163 -4.08 -4.71 32.15
N ALA D 164 -2.97 -5.42 32.07
CA ALA D 164 -1.77 -4.88 31.42
C ALA D 164 -2.01 -4.60 29.92
N GLU D 165 -2.74 -5.48 29.25
CA GLU D 165 -3.11 -5.28 27.85
C GLU D 165 -3.95 -4.02 27.68
N GLN D 166 -4.93 -3.84 28.56
CA GLN D 166 -5.80 -2.66 28.47
C GLN D 166 -5.03 -1.39 28.78
N HIS D 167 -4.09 -1.45 29.70
CA HIS D 167 -3.24 -0.29 29.98
C HIS D 167 -2.45 0.13 28.75
N LEU D 168 -1.82 -0.82 28.05
CA LEU D 168 -1.09 -0.53 26.81
C LEU D 168 -2.01 0.11 25.75
N ILE D 169 -3.21 -0.42 25.59
CA ILE D 169 -4.17 0.13 24.65
C ILE D 169 -4.60 1.52 25.10
N SER D 170 -4.86 1.70 26.40
CA SER D 170 -5.25 3.00 26.97
C SER D 170 -4.06 4.02 26.80
N CYS D 172 -2.42 4.32 24.22
CA CYS D 172 -2.41 4.53 22.77
C CYS D 172 -1.47 3.63 21.96
N GLU D 173 -1.21 2.41 22.43
CA GLU D 173 -0.45 1.44 21.62
C GLU D 173 -1.38 0.70 20.67
N ASP D 174 -0.81 0.28 19.55
CA ASP D 174 -1.54 -0.42 18.49
C ASP D 174 -1.86 -1.82 18.97
N HIS D 175 -3.15 -2.16 19.04
CA HIS D 175 -3.55 -3.48 19.56
C HIS D 175 -2.99 -4.64 18.69
N ASP D 176 -2.84 -4.41 17.39
CA ASP D 176 -2.18 -5.35 16.46
C ASP D 176 -0.76 -5.78 16.86
N ARG D 177 -0.05 -4.92 17.60
CA ARG D 177 1.31 -5.19 18.02
C ARG D 177 1.41 -5.59 19.50
N ILE D 178 0.28 -5.99 20.10
CA ILE D 178 0.23 -6.50 21.47
C ILE D 178 -0.14 -7.97 21.45
N LEU D 179 0.59 -8.77 22.20
CA LEU D 179 0.29 -10.18 22.42
C LEU D 179 0.10 -10.41 23.93
N LEU D 180 -1.04 -10.97 24.31
CA LEU D 180 -1.28 -11.32 25.69
C LEU D 180 -0.86 -12.78 25.83
N ALA D 181 0.32 -13.01 26.40
CA ALA D 181 0.93 -14.35 26.47
C ALA D 181 0.93 -14.98 27.87
N GLY D 182 0.92 -14.15 28.90
CA GLY D 182 1.32 -14.56 30.24
C GLY D 182 2.80 -14.28 30.43
N CYS D 183 3.21 -14.25 31.70
CA CYS D 183 4.60 -14.10 32.07
C CYS D 183 5.29 -15.42 31.76
N PRO D 184 6.46 -15.37 31.10
CA PRO D 184 7.21 -16.62 30.91
C PRO D 184 7.64 -17.35 32.20
N SER D 185 7.80 -16.64 33.32
CA SER D 185 8.14 -17.28 34.62
C SER D 185 7.15 -18.38 35.00
N TYR D 186 5.89 -18.21 34.59
CA TYR D 186 4.84 -19.20 34.80
C TYR D 186 5.02 -20.49 34.02
N ASP D 187 5.67 -20.42 32.86
CA ASP D 187 6.11 -21.63 32.14
C ASP D 187 6.91 -22.54 33.06
N LYS D 188 7.77 -21.93 33.87
CA LYS D 188 8.58 -22.68 34.84
C LYS D 188 7.85 -23.00 36.15
N LEU D 189 7.06 -22.05 36.65
CA LEU D 189 6.30 -22.24 37.91
C LEU D 189 5.27 -23.36 37.80
N LEU D 190 4.46 -23.34 36.75
CA LEU D 190 3.40 -24.34 36.56
C LEU D 190 3.91 -25.68 35.96
N SER D 191 5.18 -25.71 35.53
CA SER D 191 5.89 -26.94 35.17
C SER D 191 6.91 -27.37 36.23
N ALA D 192 6.77 -26.86 37.47
CA ALA D 192 7.80 -27.04 38.49
C ALA D 192 7.66 -28.43 39.12
N LYS D 193 8.24 -29.44 38.48
CA LYS D 193 8.29 -30.78 39.08
C LYS D 193 9.09 -30.92 40.40
N ASN D 194 8.39 -30.60 41.51
CA ASN D 194 8.97 -30.58 42.87
C ASN D 194 9.78 -31.85 43.11
N LYS D 195 11.10 -31.69 42.95
CA LYS D 195 12.06 -32.76 43.17
C LYS D 195 12.11 -32.97 44.70
N ASP D 196 13.21 -33.52 45.20
CA ASP D 196 13.53 -33.37 46.62
C ASP D 196 13.63 -31.87 46.99
N TYR D 197 12.47 -31.28 47.28
CA TYR D 197 12.37 -29.90 47.72
C TYR D 197 12.91 -29.71 49.15
N SER D 199 15.59 -31.24 50.38
CA SER D 199 17.06 -31.12 50.33
C SER D 199 17.50 -29.78 49.75
N ILE D 200 16.61 -29.09 49.04
CA ILE D 200 16.80 -27.69 48.67
C ILE D 200 16.52 -26.74 49.86
N ILE D 201 15.49 -27.03 50.64
CA ILE D 201 15.26 -26.29 51.88
C ILE D 201 16.49 -26.43 52.82
N ARG D 202 17.01 -27.65 52.92
CA ARG D 202 18.16 -27.90 53.79
C ARG D 202 19.46 -27.24 53.34
N TRP D 204 19.73 -24.39 51.61
CA TRP D 204 19.65 -22.92 51.72
C TRP D 204 19.25 -22.37 53.07
N LEU D 205 18.54 -23.14 53.90
CA LEU D 205 18.10 -22.66 55.22
C LEU D 205 18.70 -23.35 56.44
N GLY D 206 19.14 -24.61 56.28
CA GLY D 206 19.81 -25.36 57.34
C GLY D 206 19.18 -26.72 57.50
N ASP D 207 19.91 -27.61 58.18
CA ASP D 207 19.53 -29.03 58.26
C ASP D 207 18.21 -29.35 58.94
N ASP D 208 17.82 -28.52 59.90
CA ASP D 208 16.73 -28.84 60.84
C ASP D 208 15.42 -28.09 60.54
N VAL D 209 15.32 -27.55 59.32
CA VAL D 209 14.19 -26.70 58.93
C VAL D 209 13.13 -27.56 58.26
N LYS D 210 11.87 -27.35 58.63
CA LYS D 210 10.75 -28.09 58.01
C LYS D 210 9.90 -27.20 57.10
N SER D 211 9.32 -27.84 56.09
CA SER D 211 8.45 -27.17 55.13
C SER D 211 7.45 -26.26 55.83
N LYS D 212 7.19 -25.11 55.24
CA LYS D 212 6.26 -24.09 55.78
C LYS D 212 6.65 -23.51 57.15
N ASP D 213 7.89 -23.73 57.60
CA ASP D 213 8.34 -23.20 58.88
C ASP D 213 9.52 -22.21 58.74
N TYR D 214 9.65 -21.58 57.58
CA TYR D 214 10.71 -20.60 57.35
C TYR D 214 10.22 -19.38 56.56
N ILE D 215 11.03 -18.33 56.56
CA ILE D 215 10.68 -17.07 55.91
C ILE D 215 11.72 -16.78 54.85
N VAL D 216 11.24 -16.28 53.70
CA VAL D 216 12.11 -15.74 52.66
C VAL D 216 11.94 -14.21 52.72
N ALA D 217 13.01 -13.48 53.03
CA ALA D 217 12.98 -12.02 53.14
C ALA D 217 13.75 -11.35 52.01
N LEU D 218 13.04 -10.57 51.20
CA LEU D 218 13.63 -9.94 50.01
C LEU D 218 13.08 -8.54 49.89
N GLN D 219 13.90 -7.57 50.29
CA GLN D 219 13.51 -6.17 50.34
C GLN D 219 14.51 -5.30 49.59
N HIS D 220 14.01 -4.47 48.69
CA HIS D 220 14.83 -3.62 47.87
C HIS D 220 14.65 -2.18 48.26
N PRO D 221 15.72 -1.38 48.12
CA PRO D 221 15.59 0.04 48.39
C PRO D 221 14.73 0.72 47.31
N VAL D 222 13.99 1.76 47.69
CA VAL D 222 13.26 2.61 46.76
C VAL D 222 14.17 3.82 46.58
N THR D 223 14.50 4.12 45.33
CA THR D 223 15.59 5.08 45.01
C THR D 223 15.18 6.53 45.36
N THR D 224 13.88 6.79 45.31
CA THR D 224 13.26 8.08 45.58
C THR D 224 13.41 8.49 47.05
N ASP D 225 13.44 7.52 47.97
CA ASP D 225 13.51 7.79 49.44
C ASP D 225 14.42 6.74 50.14
N ILE D 226 15.72 6.87 49.94
CA ILE D 226 16.68 5.94 50.56
C ILE D 226 16.63 5.97 52.09
N LYS D 227 16.54 7.15 52.71
CA LYS D 227 16.54 7.20 54.17
C LYS D 227 15.37 6.45 54.82
N HIS D 228 14.23 6.47 54.13
CA HIS D 228 13.07 5.71 54.54
C HIS D 228 13.26 4.22 54.29
N SER D 229 13.84 3.86 53.14
CA SER D 229 14.18 2.46 52.84
C SER D 229 15.08 1.83 53.92
N ILE D 230 16.04 2.62 54.43
CA ILE D 230 16.97 2.22 55.49
C ILE D 230 16.19 1.93 56.76
N LYS D 231 15.35 2.89 57.15
CA LYS D 231 14.63 2.80 58.40
C LYS D 231 13.66 1.61 58.38
N PHE D 233 13.83 -1.12 56.62
CA PHE D 233 14.60 -2.35 56.61
C PHE D 233 15.12 -2.71 58.01
N GLU D 234 15.62 -1.72 58.75
CA GLU D 234 16.00 -1.90 60.17
C GLU D 234 14.85 -2.51 60.98
N LEU D 235 13.68 -1.91 60.85
CA LEU D 235 12.50 -2.38 61.59
C LEU D 235 12.08 -3.77 61.15
N THR D 236 12.14 -4.00 59.83
CA THR D 236 11.85 -5.31 59.29
C THR D 236 12.77 -6.38 59.89
N LEU D 237 14.07 -6.10 59.96
CA LEU D 237 15.00 -7.07 60.52
C LEU D 237 14.71 -7.27 62.02
N ASP D 238 14.55 -6.18 62.76
CA ASP D 238 14.19 -6.27 64.17
C ASP D 238 13.00 -7.20 64.40
N ALA D 239 11.95 -7.08 63.57
CA ALA D 239 10.76 -7.95 63.62
C ALA D 239 11.13 -9.40 63.36
N LEU D 240 11.92 -9.63 62.33
CA LEU D 240 12.35 -10.96 61.99
C LEU D 240 13.20 -11.59 63.09
N ILE D 241 14.03 -10.79 63.75
CA ILE D 241 14.81 -11.26 64.90
C ILE D 241 13.89 -11.64 66.06
N SER D 242 12.90 -10.81 66.37
CA SER D 242 11.94 -11.12 67.44
C SER D 242 11.08 -12.33 67.11
N PHE D 243 10.58 -12.38 65.88
CA PHE D 243 9.69 -13.47 65.45
C PHE D 243 10.45 -14.80 65.47
N ASN D 244 11.74 -14.72 65.20
CA ASN D 244 12.71 -15.78 65.47
C ASN D 244 12.37 -17.15 64.87
N LYS D 245 12.05 -17.14 63.59
CA LYS D 245 11.93 -18.33 62.79
C LYS D 245 12.90 -18.23 61.63
N ARG D 246 13.40 -19.37 61.17
CA ARG D 246 14.51 -19.38 60.22
C ARG D 246 14.23 -18.55 58.97
N THR D 247 15.15 -17.65 58.64
CA THR D 247 14.92 -16.63 57.62
C THR D 247 16.04 -16.54 56.60
N LEU D 248 15.72 -16.80 55.33
CA LEU D 248 16.63 -16.54 54.21
C LEU D 248 16.52 -15.07 53.82
N VAL D 249 17.59 -14.32 54.04
CA VAL D 249 17.64 -12.91 53.67
C VAL D 249 18.45 -12.76 52.38
N LEU D 250 17.76 -12.39 51.29
CA LEU D 250 18.41 -12.06 50.04
C LEU D 250 18.93 -10.64 50.10
N PHE D 251 20.15 -10.40 49.64
CA PHE D 251 20.70 -9.05 49.59
C PHE D 251 19.88 -8.19 48.62
N PRO D 252 19.88 -6.88 48.79
CA PRO D 252 19.11 -6.04 47.89
C PRO D 252 19.61 -6.07 46.47
N ASN D 253 18.68 -5.88 45.55
CA ASN D 253 18.89 -5.99 44.11
C ASN D 253 18.27 -4.79 43.37
N ILE D 254 18.28 -3.63 44.00
CA ILE D 254 18.22 -2.36 43.28
C ILE D 254 19.49 -1.66 43.71
N ASP D 255 20.21 -1.11 42.74
CA ASP D 255 21.55 -0.64 42.98
C ASP D 255 21.63 0.58 43.91
N ALA D 256 20.80 1.58 43.66
CA ALA D 256 20.92 2.85 44.37
C ALA D 256 20.43 2.65 45.77
N GLY D 257 21.30 2.90 46.73
CA GLY D 257 21.03 2.65 48.14
C GLY D 257 21.47 1.28 48.63
N SER D 258 21.97 0.41 47.73
CA SER D 258 22.19 -1.01 48.07
C SER D 258 23.20 -1.24 49.18
N LYS D 259 24.29 -0.47 49.17
CA LYS D 259 25.35 -0.65 50.18
C LYS D 259 24.90 -0.21 51.55
N GLU D 260 24.03 0.80 51.61
CA GLU D 260 23.48 1.27 52.89
C GLU D 260 22.51 0.25 53.49
N VAL D 262 22.83 -3.10 52.78
CA VAL D 262 23.76 -4.15 53.20
C VAL D 262 24.40 -3.81 54.56
N ARG D 263 24.72 -2.54 54.76
CA ARG D 263 25.30 -2.09 56.03
C ARG D 263 24.32 -2.31 57.19
N VAL D 264 23.04 -2.05 56.95
CA VAL D 264 21.98 -2.36 57.93
C VAL D 264 22.07 -3.82 58.40
N ARG D 266 24.63 -5.92 58.07
CA ARG D 266 25.90 -6.10 58.76
C ARG D 266 25.84 -5.68 60.23
N LYS D 267 25.36 -4.46 60.50
CA LYS D 267 25.32 -3.93 61.87
C LYS D 267 24.29 -4.61 62.79
N LYS D 268 23.29 -5.29 62.22
CA LYS D 268 22.36 -6.12 63.01
C LYS D 268 22.90 -7.53 63.27
N GLY D 269 24.07 -7.86 62.74
CA GLY D 269 24.64 -9.19 62.91
C GLY D 269 23.91 -10.30 62.16
N ILE D 270 23.08 -9.93 61.18
CA ILE D 270 22.32 -10.88 60.37
C ILE D 270 23.23 -11.86 59.64
N GLU D 271 24.40 -11.41 59.21
CA GLU D 271 25.31 -12.28 58.49
C GLU D 271 25.88 -13.40 59.35
N HIS D 272 25.97 -13.21 60.68
CA HIS D 272 26.50 -14.25 61.61
C HIS D 272 25.48 -14.58 62.72
N HIS D 273 24.29 -15.02 62.32
CA HIS D 273 23.16 -15.28 63.25
C HIS D 273 22.60 -16.68 62.93
N PRO D 274 22.34 -17.52 63.96
CA PRO D 274 21.82 -18.89 63.75
C PRO D 274 20.50 -18.98 62.99
N ASN D 275 19.65 -18.00 63.23
CA ASN D 275 18.34 -17.85 62.61
C ASN D 275 18.31 -17.30 61.15
N PHE D 276 19.42 -16.73 60.67
CA PHE D 276 19.43 -16.09 59.36
C PHE D 276 20.44 -16.71 58.40
N ARG D 277 20.12 -16.66 57.11
CA ARG D 277 21.05 -17.02 56.06
C ARG D 277 21.06 -15.90 55.03
N ALA D 278 22.20 -15.22 54.90
CA ALA D 278 22.36 -14.11 53.96
C ALA D 278 22.93 -14.60 52.64
N VAL D 279 22.19 -14.39 51.56
CA VAL D 279 22.60 -14.89 50.23
C VAL D 279 22.37 -13.83 49.16
N LYS D 280 23.13 -13.92 48.06
CA LYS D 280 22.99 -12.97 46.96
C LYS D 280 21.95 -13.51 45.99
N HIS D 281 22.10 -14.76 45.58
CA HIS D 281 21.23 -15.31 44.57
C HIS D 281 21.09 -16.79 44.72
N VAL D 282 19.84 -17.23 44.72
CA VAL D 282 19.46 -18.63 44.69
C VAL D 282 19.04 -18.94 43.25
N PRO D 283 19.63 -19.97 42.62
CA PRO D 283 19.19 -20.37 41.29
C PRO D 283 17.68 -20.52 41.16
N PHE D 284 17.16 -19.94 40.08
CA PHE D 284 15.73 -19.74 39.90
C PHE D 284 14.93 -21.01 40.16
N ASP D 285 15.36 -22.14 39.60
CA ASP D 285 14.67 -23.43 39.82
C ASP D 285 14.65 -23.85 41.30
N GLN D 286 15.74 -23.58 42.02
CA GLN D 286 15.79 -23.84 43.46
C GLN D 286 14.99 -22.80 44.26
N PHE D 287 14.99 -21.56 43.78
CA PHE D 287 14.27 -20.48 44.44
C PHE D 287 12.75 -20.67 44.40
N ILE D 288 12.25 -21.21 43.29
CA ILE D 288 10.83 -21.53 43.17
C ILE D 288 10.40 -22.52 44.26
N GLN D 289 11.17 -23.58 44.45
CA GLN D 289 10.92 -24.54 45.51
C GLN D 289 10.96 -23.88 46.89
N LEU D 290 11.89 -22.96 47.11
CA LEU D 290 11.96 -22.26 48.39
C LEU D 290 10.71 -21.46 48.70
N VAL D 291 10.32 -20.59 47.77
CA VAL D 291 9.13 -19.75 47.99
C VAL D 291 7.81 -20.54 47.98
N ALA D 292 7.77 -21.63 47.22
CA ALA D 292 6.58 -22.48 47.16
C ALA D 292 6.25 -23.16 48.50
N HIS D 293 7.27 -23.38 49.32
CA HIS D 293 7.14 -24.08 50.59
C HIS D 293 7.44 -23.19 51.79
N ALA D 294 7.54 -21.89 51.56
CA ALA D 294 7.84 -20.94 52.63
C ALA D 294 6.63 -20.73 53.56
N GLY D 295 6.91 -20.41 54.81
CA GLY D 295 5.90 -20.08 55.82
C GLY D 295 5.26 -18.76 55.46
N CYS D 296 6.11 -17.80 55.15
CA CYS D 296 5.68 -16.65 54.38
C CYS D 296 6.88 -15.97 53.77
N ILE D 298 8.40 -12.04 52.83
CA ILE D 298 8.29 -10.65 53.28
C ILE D 298 9.21 -9.71 52.54
N GLY D 299 8.71 -8.52 52.21
CA GLY D 299 9.55 -7.47 51.64
C GLY D 299 8.82 -6.74 50.55
N ASN D 300 9.45 -6.54 49.41
CA ASN D 300 8.79 -5.86 48.28
C ASN D 300 9.14 -6.37 46.89
N SER D 301 9.52 -7.64 46.81
CA SER D 301 9.83 -8.27 45.54
C SER D 301 8.59 -8.33 44.65
N SER D 302 8.80 -8.31 43.34
CA SER D 302 7.73 -8.58 42.39
C SER D 302 7.30 -10.03 42.48
N CYS D 303 8.20 -10.93 42.89
CA CYS D 303 7.88 -12.32 43.10
C CYS D 303 6.72 -12.46 44.11
N GLY D 304 6.78 -11.70 45.20
CA GLY D 304 5.73 -11.71 46.22
C GLY D 304 4.36 -11.43 45.66
N VAL D 305 4.26 -10.40 44.84
CA VAL D 305 2.96 -9.99 44.29
C VAL D 305 2.59 -10.67 42.96
N ARG D 306 3.54 -11.25 42.22
CA ARG D 306 3.26 -11.85 40.90
C ARG D 306 3.39 -13.36 40.80
N GLU D 307 4.38 -13.93 41.47
CA GLU D 307 4.75 -15.33 41.26
C GLU D 307 4.18 -16.26 42.32
N VAL D 308 4.53 -16.01 43.59
CA VAL D 308 4.19 -16.96 44.69
C VAL D 308 2.70 -17.27 44.92
N GLY D 309 1.80 -16.42 44.43
CA GLY D 309 0.38 -16.72 44.44
C GLY D 309 0.06 -18.11 43.89
N ALA D 310 0.83 -18.52 42.87
CA ALA D 310 0.75 -19.86 42.28
C ALA D 310 0.81 -21.03 43.28
N PHE D 311 1.53 -20.82 44.40
CA PHE D 311 1.63 -21.81 45.46
C PHE D 311 0.81 -21.49 46.71
N GLY D 312 0.16 -20.33 46.73
CA GLY D 312 -0.63 -19.90 47.89
C GLY D 312 0.21 -19.56 49.11
N THR D 313 1.46 -19.17 48.86
CA THR D 313 2.38 -18.81 49.92
C THR D 313 1.96 -17.46 50.48
N PRO D 314 1.82 -17.34 51.82
CA PRO D 314 1.50 -16.02 52.40
C PRO D 314 2.58 -14.99 52.10
N VAL D 315 2.19 -13.74 51.86
CA VAL D 315 3.11 -12.66 51.52
C VAL D 315 2.83 -11.42 52.35
N ILE D 316 3.91 -10.79 52.84
CA ILE D 316 3.84 -9.47 53.43
C ILE D 316 4.55 -8.51 52.48
N ASN D 317 3.79 -7.61 51.85
CA ASN D 317 4.36 -6.58 51.01
C ASN D 317 4.50 -5.27 51.77
N LEU D 318 5.75 -4.83 51.97
CA LEU D 318 6.08 -3.62 52.74
C LEU D 318 6.37 -2.42 51.88
N GLY D 319 5.85 -1.25 52.26
CA GLY D 319 6.22 0.00 51.66
C GLY D 319 5.43 0.36 50.40
N THR D 320 6.04 1.26 49.61
CA THR D 320 5.41 1.84 48.43
C THR D 320 5.68 1.11 47.12
N ARG D 321 6.75 0.32 47.08
CA ARG D 321 7.05 -0.51 45.92
C ARG D 321 6.02 -1.63 45.82
N GLN D 322 5.43 -1.76 44.62
CA GLN D 322 4.32 -2.68 44.30
C GLN D 322 2.92 -2.14 44.58
N ILE D 323 2.79 -0.88 45.00
CA ILE D 323 1.47 -0.29 45.15
C ILE D 323 0.86 -0.10 43.77
N GLY D 324 -0.29 -0.73 43.56
CA GLY D 324 -0.97 -0.72 42.29
C GLY D 324 -0.82 -2.01 41.51
N ARG D 325 -0.02 -2.96 41.97
CA ARG D 325 0.04 -4.29 41.31
C ARG D 325 -1.17 -5.15 41.69
N GLU D 326 -1.52 -6.06 40.78
CA GLU D 326 -2.68 -6.92 40.96
C GLU D 326 -2.21 -8.08 41.83
N THR D 327 -2.93 -8.33 42.91
CA THR D 327 -2.57 -9.40 43.85
C THR D 327 -3.77 -10.16 44.37
N GLY D 328 -3.60 -11.46 44.53
CA GLY D 328 -4.60 -12.30 45.13
C GLY D 328 -4.72 -12.11 46.63
N GLU D 329 -5.58 -12.94 47.23
CA GLU D 329 -5.89 -12.90 48.66
C GLU D 329 -4.69 -13.24 49.56
N ASN D 330 -3.65 -13.85 48.99
CA ASN D 330 -2.42 -14.16 49.75
C ASN D 330 -1.55 -12.97 50.21
N VAL D 331 -1.73 -11.78 49.60
CA VAL D 331 -0.87 -10.62 49.90
C VAL D 331 -1.48 -9.64 50.91
N LEU D 332 -0.74 -9.42 52.00
CA LEU D 332 -1.04 -8.41 53.01
C LEU D 332 -0.12 -7.21 52.83
N HIS D 333 -0.71 -6.08 52.49
CA HIS D 333 0.06 -4.83 52.34
C HIS D 333 0.21 -4.12 53.68
N VAL D 334 1.42 -3.65 53.98
CA VAL D 334 1.68 -2.74 55.09
C VAL D 334 2.50 -1.58 54.54
N ARG D 335 1.81 -0.53 54.11
CA ARG D 335 2.42 0.62 53.46
C ARG D 335 3.26 1.41 54.43
N ASP D 336 2.65 1.79 55.55
CA ASP D 336 3.33 2.60 56.55
C ASP D 336 3.90 1.64 57.58
N ALA D 337 4.92 0.91 57.15
CA ALA D 337 5.65 0.03 58.05
C ALA D 337 6.66 0.91 58.79
N ASP D 338 6.12 1.63 59.78
CA ASP D 338 6.85 2.70 60.49
C ASP D 338 7.22 2.32 61.95
N THR D 339 6.84 1.12 62.39
CA THR D 339 7.24 0.57 63.71
C THR D 339 7.57 -0.91 63.58
N GLN D 340 8.33 -1.47 64.53
CA GLN D 340 8.54 -2.93 64.57
C GLN D 340 7.22 -3.71 64.82
N ASP D 341 6.34 -3.15 65.66
CA ASP D 341 5.12 -3.85 66.08
C ASP D 341 4.21 -4.19 64.92
N LYS D 342 4.00 -3.22 64.03
CA LYS D 342 3.22 -3.44 62.82
C LYS D 342 3.75 -4.59 61.98
N ILE D 343 5.07 -4.67 61.83
CA ILE D 343 5.65 -5.70 60.99
C ILE D 343 5.59 -7.04 61.71
N LEU D 344 5.89 -7.04 63.01
CA LEU D 344 5.82 -8.25 63.82
C LEU D 344 4.41 -8.84 63.86
N GLN D 345 3.42 -7.96 63.89
CA GLN D 345 2.02 -8.36 63.78
C GLN D 345 1.71 -9.03 62.44
N ALA D 346 2.06 -8.37 61.35
CA ALA D 346 1.88 -8.95 60.01
C ALA D 346 2.51 -10.35 59.89
N LEU D 347 3.67 -10.55 60.52
CA LEU D 347 4.30 -11.87 60.58
C LEU D 347 3.43 -12.90 61.31
N HIS D 348 2.95 -12.55 62.51
CA HIS D 348 2.06 -13.47 63.27
C HIS D 348 0.80 -13.84 62.48
N LEU D 349 0.20 -12.84 61.84
CA LEU D 349 -1.00 -13.03 61.01
C LEU D 349 -0.78 -14.01 59.86
N GLN D 350 0.35 -13.87 59.16
CA GLN D 350 0.55 -14.55 57.90
C GLN D 350 1.39 -15.80 57.94
N PHE D 351 2.35 -15.86 58.86
CA PHE D 351 3.27 -17.00 58.90
C PHE D 351 2.52 -18.32 59.09
N GLY D 352 2.74 -19.23 58.14
CA GLY D 352 2.23 -20.57 58.20
C GLY D 352 0.82 -20.76 57.69
N LYS D 353 0.24 -19.74 57.07
CA LYS D 353 -1.09 -19.87 56.48
C LYS D 353 -0.97 -20.51 55.11
N GLN D 354 -2.10 -20.92 54.56
CA GLN D 354 -2.15 -21.46 53.21
C GLN D 354 -3.34 -20.90 52.43
N TYR D 355 -3.07 -20.20 51.33
CA TYR D 355 -4.12 -19.65 50.49
C TYR D 355 -4.34 -20.53 49.27
N PRO D 356 -5.45 -20.34 48.53
CA PRO D 356 -5.65 -21.03 47.26
C PRO D 356 -4.63 -20.66 46.17
N CYS D 357 -4.42 -21.53 45.19
CA CYS D 357 -3.43 -21.31 44.11
C CYS D 357 -3.98 -20.46 42.96
N SER D 358 -3.47 -19.23 42.82
CA SER D 358 -3.88 -18.29 41.77
C SER D 358 -3.04 -18.36 40.48
N LYS D 359 -3.61 -17.90 39.37
CA LYS D 359 -2.92 -17.91 38.07
C LYS D 359 -3.10 -16.60 37.32
N ILE D 360 -2.93 -15.47 38.02
CA ILE D 360 -3.24 -14.15 37.47
C ILE D 360 -2.26 -13.76 36.36
N TYR D 361 -0.96 -13.98 36.62
CA TYR D 361 0.12 -13.58 35.70
C TYR D 361 0.54 -14.64 34.66
N GLY D 362 -0.18 -15.77 34.59
CA GLY D 362 0.13 -16.77 33.56
C GLY D 362 -0.63 -18.09 33.57
N ASP D 363 -0.67 -18.71 32.40
CA ASP D 363 -1.33 -20.00 32.15
C ASP D 363 -0.29 -21.14 31.92
N GLY D 364 1.00 -20.79 31.83
CA GLY D 364 2.08 -21.75 31.58
C GLY D 364 2.48 -21.99 30.13
N ASN D 365 1.84 -21.31 29.16
CA ASN D 365 2.17 -21.44 27.72
C ASN D 365 2.52 -20.13 27.05
N ALA D 366 3.29 -19.31 27.76
CA ALA D 366 3.71 -18.02 27.26
C ALA D 366 4.67 -18.18 26.08
N VAL D 367 5.65 -19.07 26.22
CA VAL D 367 6.74 -19.17 25.25
C VAL D 367 6.26 -19.57 23.86
N PRO D 368 5.49 -20.66 23.75
CA PRO D 368 5.00 -21.02 22.41
C PRO D 368 4.17 -19.94 21.71
N ARG D 369 3.38 -19.19 22.47
CA ARG D 369 2.64 -18.04 21.93
C ARG D 369 3.60 -16.95 21.43
N ILE D 370 4.67 -16.72 22.19
CA ILE D 370 5.69 -15.75 21.82
C ILE D 370 6.43 -16.16 20.55
N LEU D 371 6.79 -17.44 20.46
CA LEU D 371 7.48 -17.92 19.26
C LEU D 371 6.64 -17.71 17.99
N LYS D 372 5.34 -18.00 18.07
CA LYS D 372 4.42 -17.76 16.93
C LYS D 372 4.36 -16.27 16.58
N PHE D 373 4.32 -15.42 17.59
CA PHE D 373 4.27 -13.98 17.39
C PHE D 373 5.52 -13.48 16.67
N LEU D 374 6.68 -14.01 17.06
CA LEU D 374 7.94 -13.69 16.37
C LEU D 374 7.94 -14.11 14.90
N LYS D 375 7.44 -15.31 14.61
CA LYS D 375 7.39 -15.79 13.22
C LYS D 375 6.39 -15.00 12.37
N SER D 376 5.35 -14.45 13.00
CA SER D 376 4.32 -13.67 12.31
C SER D 376 4.85 -12.34 11.79
N ILE D 377 5.88 -11.81 12.45
CA ILE D 377 6.45 -10.53 12.08
C ILE D 377 6.99 -10.61 10.65
N ASP D 378 6.38 -9.85 9.75
CA ASP D 378 6.86 -9.69 8.38
C ASP D 378 7.79 -8.47 8.38
N LEU D 379 8.92 -8.58 7.68
CA LEU D 379 10.02 -7.60 7.78
C LEU D 379 9.93 -6.50 6.70
N GLN D 380 8.85 -5.71 6.74
CA GLN D 380 8.63 -4.58 5.81
C GLN D 380 7.98 -3.36 6.48
N GLU D 381 8.75 -2.61 7.28
CA GLU D 381 8.47 -1.17 7.55
C GLU D 381 9.74 -0.49 8.10
N PRO D 382 10.04 -0.37 9.42
CA PRO D 382 9.15 -0.34 10.58
C PRO D 382 8.89 1.12 10.96
N LEU D 383 7.77 1.36 11.60
CA LEU D 383 7.52 2.65 12.24
C LEU D 383 6.33 2.41 13.14
N GLN D 384 6.44 2.90 14.36
CA GLN D 384 5.42 2.69 15.35
C GLN D 384 4.20 3.54 14.96
N LYS D 385 3.01 3.01 15.23
CA LYS D 385 1.75 3.71 15.04
C LYS D 385 1.16 4.01 16.42
N LYS D 386 0.68 5.24 16.58
CA LYS D 386 0.20 5.73 17.87
C LYS D 386 -1.26 6.07 17.67
N PHE D 387 -2.13 5.25 18.25
CA PHE D 387 -3.58 5.40 18.12
C PHE D 387 -4.13 6.49 19.05
N CYS D 388 -4.05 7.74 18.58
CA CYS D 388 -4.51 8.92 19.32
C CYS D 388 -5.88 9.33 18.73
N PHE D 389 -6.88 8.49 19.01
CA PHE D 389 -8.20 8.61 18.36
C PHE D 389 -9.00 9.75 19.03
N PRO D 390 -9.16 10.91 18.34
CA PRO D 390 -9.83 12.04 19.04
C PRO D 390 -11.35 11.94 19.08
#